data_7JJ5
# 
_entry.id   7JJ5 
# 
_audit_conform.dict_name       mmcif_pdbx.dic 
_audit_conform.dict_version    5.380 
_audit_conform.dict_location   http://mmcif.pdb.org/dictionaries/ascii/mmcif_pdbx.dic 
# 
loop_
_database_2.database_id 
_database_2.database_code 
_database_2.pdbx_database_accession 
_database_2.pdbx_DOI 
PDB   7JJ5         pdb_00007jj5 10.2210/pdb7jj5/pdb 
WWPDB D_1000250813 ?            ?                   
# 
_pdbx_database_status.status_code                     REL 
_pdbx_database_status.status_code_sf                  REL 
_pdbx_database_status.status_code_mr                  ? 
_pdbx_database_status.entry_id                        7JJ5 
_pdbx_database_status.recvd_initial_deposition_date   2020-07-24 
_pdbx_database_status.SG_entry                        N 
_pdbx_database_status.deposit_site                    RCSB 
_pdbx_database_status.process_site                    RCSB 
_pdbx_database_status.status_code_cs                  ? 
_pdbx_database_status.status_code_nmr_data            ? 
_pdbx_database_status.methods_development_category    ? 
_pdbx_database_status.pdb_format_compatible           Y 
# 
loop_
_audit_author.name 
_audit_author.pdbx_ordinal 
_audit_author.identifier_ORCID 
'Simmons, C.R.'      1 0000-0002-2290-6132 
'MacCulloch, T.'     2 0000-0001-5875-3361 
'Stephanopoulos, N.' 3 0000-0001-7859-410X 
'Yan, H.'            4 0000-0001-7397-9852 
# 
_citation.abstract                  ? 
_citation.abstract_id_CAS           ? 
_citation.book_id_ISBN              ? 
_citation.book_publisher            ? 
_citation.book_publisher_city       ? 
_citation.book_title                ? 
_citation.coordinate_linkage        ? 
_citation.country                   UK 
_citation.database_id_Medline       ? 
_citation.details                   ? 
_citation.id                        primary 
_citation.journal_abbrev            'Nat Commun' 
_citation.journal_id_ASTM           ? 
_citation.journal_id_CSD            ? 
_citation.journal_id_ISSN           2041-1723 
_citation.journal_full              ? 
_citation.journal_issue             ? 
_citation.journal_volume            13 
_citation.language                  ? 
_citation.page_first                3112 
_citation.page_last                 3112 
_citation.title                     'The influence of Holliday junction sequence and dynamics on DNA crystal self-assembly.' 
_citation.year                      2022 
_citation.database_id_CSD           ? 
_citation.pdbx_database_id_DOI      10.1038/s41467-022-30779-6 
_citation.pdbx_database_id_PubMed   35662248 
_citation.unpublished_flag          ? 
# 
loop_
_citation_author.citation_id 
_citation_author.name 
_citation_author.ordinal 
_citation_author.identifier_ORCID 
primary 'Simmons, C.R.'      1  ?                   
primary 'MacCulloch, T.'     2  ?                   
primary 'Krepl, M.'          3  0000-0002-9833-4281 
primary 'Matthies, M.'       4  ?                   
primary 'Buchberger, A.'     5  ?                   
primary 'Crawford, I.'       6  ?                   
primary 'Sponer, J.'         7  0000-0001-6558-6186 
primary 'Sulc, P.'           8  0000-0003-1565-6769 
primary 'Stephanopoulos, N.' 9  0000-0001-7859-410X 
primary 'Yan, H.'            10 0000-0001-7397-9852 
# 
_cell.angle_alpha                  90.000 
_cell.angle_alpha_esd              ? 
_cell.angle_beta                   90.000 
_cell.angle_beta_esd               ? 
_cell.angle_gamma                  120.000 
_cell.angle_gamma_esd              ? 
_cell.entry_id                     7JJ5 
_cell.details                      ? 
_cell.formula_units_Z              ? 
_cell.length_a                     113.078 
_cell.length_a_esd                 ? 
_cell.length_b                     113.078 
_cell.length_b_esd                 ? 
_cell.length_c                     52.131 
_cell.length_c_esd                 ? 
_cell.volume                       ? 
_cell.volume_esd                   ? 
_cell.Z_PDB                        9 
_cell.reciprocal_angle_alpha       ? 
_cell.reciprocal_angle_beta        ? 
_cell.reciprocal_angle_gamma       ? 
_cell.reciprocal_angle_alpha_esd   ? 
_cell.reciprocal_angle_beta_esd    ? 
_cell.reciprocal_angle_gamma_esd   ? 
_cell.reciprocal_length_a          ? 
_cell.reciprocal_length_b          ? 
_cell.reciprocal_length_c          ? 
_cell.reciprocal_length_a_esd      ? 
_cell.reciprocal_length_b_esd      ? 
_cell.reciprocal_length_c_esd      ? 
_cell.pdbx_unique_axis             ? 
# 
_symmetry.entry_id                         7JJ5 
_symmetry.cell_setting                     ? 
_symmetry.Int_Tables_number                146 
_symmetry.space_group_name_Hall            ? 
_symmetry.space_group_name_H-M             'H 3' 
_symmetry.pdbx_full_space_group_name_H-M   ? 
# 
loop_
_entity.id 
_entity.type 
_entity.src_method 
_entity.pdbx_description 
_entity.formula_weight 
_entity.pdbx_number_of_molecules 
_entity.pdbx_ec 
_entity.pdbx_mutation 
_entity.pdbx_fragment 
_entity.details 
1 polymer     syn 
;DNA (5'-D(*GP*AP*AP*CP*GP*AP*CP*AP*CP*TP*GP*A)-3')
;
3680.432 1 ? ? ? ? 
2 polymer     syn 
;DNA (5'-D(P*CP*GP*TP*CP*GP*AP*CP*TP*C)-3')
;
2691.774 1 ? ? ? ? 
3 polymer     syn 
;DNA (5'-D(P*TP*CP*AP*AP*CP*G)-3')
;
1793.218 1 ? ? ? ? 
4 polymer     syn 
;DNA (5'-D(*TP*CP*GP*AP*GP*TP*CP*GP*GP*TP*GP*TP*CP*GP*T)-3')
;
4631.993 1 ? ? ? ? 
5 non-polymer syn 'CACODYLATE ION'                                              136.989  1 ? ? ? ? 
# 
loop_
_entity_poly.entity_id 
_entity_poly.type 
_entity_poly.nstd_linkage 
_entity_poly.nstd_monomer 
_entity_poly.pdbx_seq_one_letter_code 
_entity_poly.pdbx_seq_one_letter_code_can 
_entity_poly.pdbx_strand_id 
_entity_poly.pdbx_target_identifier 
1 polydeoxyribonucleotide no no '(DG)(DA)(DA)(DC)(DG)(DA)(DC)(DA)(DC)(DT)(DG)(DA)'             GAACGACACTGA    A ? 
2 polydeoxyribonucleotide no no '(DC)(DG)(DT)(DC)(DG)(DA)(DC)(DT)(DC)'                         CGTCGACTC       B ? 
3 polydeoxyribonucleotide no no '(DT)(DC)(DA)(DA)(DC)(DG)'                                     TCAACG          C ? 
4 polydeoxyribonucleotide no no '(DT)(DC)(DG)(DA)(DG)(DT)(DC)(DG)(DG)(DT)(DG)(DT)(DC)(DG)(DT)' TCGAGTCGGTGTCGT D ? 
# 
loop_
_entity_poly_seq.entity_id 
_entity_poly_seq.num 
_entity_poly_seq.mon_id 
_entity_poly_seq.hetero 
1 1  DG n 
1 2  DA n 
1 3  DA n 
1 4  DC n 
1 5  DG n 
1 6  DA n 
1 7  DC n 
1 8  DA n 
1 9  DC n 
1 10 DT n 
1 11 DG n 
1 12 DA n 
2 1  DC n 
2 2  DG n 
2 3  DT n 
2 4  DC n 
2 5  DG n 
2 6  DA n 
2 7  DC n 
2 8  DT n 
2 9  DC n 
3 1  DT n 
3 2  DC n 
3 3  DA n 
3 4  DA n 
3 5  DC n 
3 6  DG n 
4 1  DT n 
4 2  DC n 
4 3  DG n 
4 4  DA n 
4 5  DG n 
4 6  DT n 
4 7  DC n 
4 8  DG n 
4 9  DG n 
4 10 DT n 
4 11 DG n 
4 12 DT n 
4 13 DC n 
4 14 DG n 
4 15 DT n 
# 
loop_
_pdbx_entity_src_syn.entity_id 
_pdbx_entity_src_syn.pdbx_src_id 
_pdbx_entity_src_syn.pdbx_alt_source_flag 
_pdbx_entity_src_syn.pdbx_beg_seq_num 
_pdbx_entity_src_syn.pdbx_end_seq_num 
_pdbx_entity_src_syn.organism_scientific 
_pdbx_entity_src_syn.organism_common_name 
_pdbx_entity_src_syn.ncbi_taxonomy_id 
_pdbx_entity_src_syn.details 
1 1 sample 1 12 'synthetic construct' ? 32630 ? 
2 1 sample 1 9  'synthetic construct' ? 32630 ? 
3 1 sample 1 6  'synthetic construct' ? 32630 ? 
4 1 sample 1 15 'synthetic construct' ? 32630 ? 
# 
loop_
_struct_ref.id 
_struct_ref.db_name 
_struct_ref.db_code 
_struct_ref.pdbx_db_accession 
_struct_ref.pdbx_db_isoform 
_struct_ref.entity_id 
_struct_ref.pdbx_seq_one_letter_code 
_struct_ref.pdbx_align_begin 
1 PDB 7JJ5 7JJ5 ? 1 ? 1 
2 PDB 7JJ5 7JJ5 ? 2 ? 1 
3 PDB 7JJ5 7JJ5 ? 3 ? 1 
4 PDB 7JJ5 7JJ5 ? 4 ? 1 
# 
loop_
_struct_ref_seq.align_id 
_struct_ref_seq.ref_id 
_struct_ref_seq.pdbx_PDB_id_code 
_struct_ref_seq.pdbx_strand_id 
_struct_ref_seq.seq_align_beg 
_struct_ref_seq.pdbx_seq_align_beg_ins_code 
_struct_ref_seq.seq_align_end 
_struct_ref_seq.pdbx_seq_align_end_ins_code 
_struct_ref_seq.pdbx_db_accession 
_struct_ref_seq.db_align_beg 
_struct_ref_seq.pdbx_db_align_beg_ins_code 
_struct_ref_seq.db_align_end 
_struct_ref_seq.pdbx_db_align_end_ins_code 
_struct_ref_seq.pdbx_auth_seq_align_beg 
_struct_ref_seq.pdbx_auth_seq_align_end 
1 1 7JJ5 A 1 ? 12 ? 7JJ5 1  ? 12 ? 1  12 
2 2 7JJ5 B 1 ? 9  ? 7JJ5 12 ? 20 ? 12 20 
3 3 7JJ5 C 1 ? 6  ? 7JJ5 0  ? 5  ? 0  5  
4 4 7JJ5 D 1 ? 15 ? 7JJ5 2  ? 16 ? 2  16 
# 
loop_
_chem_comp.id 
_chem_comp.type 
_chem_comp.mon_nstd_flag 
_chem_comp.name 
_chem_comp.pdbx_synonyms 
_chem_comp.formula 
_chem_comp.formula_weight 
CAC non-polymer   . 'CACODYLATE ION'                     dimethylarsinate 'C2 H6 As O2 -1'  136.989 
DA  'DNA linking' y "2'-DEOXYADENOSINE-5'-MONOPHOSPHATE" ?                'C10 H14 N5 O6 P' 331.222 
DC  'DNA linking' y "2'-DEOXYCYTIDINE-5'-MONOPHOSPHATE"  ?                'C9 H14 N3 O7 P'  307.197 
DG  'DNA linking' y "2'-DEOXYGUANOSINE-5'-MONOPHOSPHATE" ?                'C10 H14 N5 O7 P' 347.221 
DT  'DNA linking' y "THYMIDINE-5'-MONOPHOSPHATE"         ?                'C10 H15 N2 O8 P' 322.208 
# 
_exptl.absorpt_coefficient_mu     ? 
_exptl.absorpt_correction_T_max   ? 
_exptl.absorpt_correction_T_min   ? 
_exptl.absorpt_correction_type    ? 
_exptl.absorpt_process_details    ? 
_exptl.entry_id                   7JJ5 
_exptl.crystals_number            1 
_exptl.details                    ? 
_exptl.method                     'X-RAY DIFFRACTION' 
_exptl.method_details             ? 
# 
_exptl_crystal.colour                      ? 
_exptl_crystal.density_diffrn              ? 
_exptl_crystal.density_Matthews            5.01 
_exptl_crystal.density_method              ? 
_exptl_crystal.density_percent_sol         75.46 
_exptl_crystal.description                 ? 
_exptl_crystal.F_000                       ? 
_exptl_crystal.id                          1 
_exptl_crystal.preparation                 ? 
_exptl_crystal.size_max                    ? 
_exptl_crystal.size_mid                    ? 
_exptl_crystal.size_min                    ? 
_exptl_crystal.size_rad                    ? 
_exptl_crystal.colour_lustre               ? 
_exptl_crystal.colour_modifier             ? 
_exptl_crystal.colour_primary              ? 
_exptl_crystal.density_meas                ? 
_exptl_crystal.density_meas_esd            ? 
_exptl_crystal.density_meas_gt             ? 
_exptl_crystal.density_meas_lt             ? 
_exptl_crystal.density_meas_temp           ? 
_exptl_crystal.density_meas_temp_esd       ? 
_exptl_crystal.density_meas_temp_gt        ? 
_exptl_crystal.density_meas_temp_lt        ? 
_exptl_crystal.pdbx_crystal_image_url      ? 
_exptl_crystal.pdbx_crystal_image_format   ? 
_exptl_crystal.pdbx_mosaicity              ? 
_exptl_crystal.pdbx_mosaicity_esd          ? 
# 
_exptl_crystal_grow.apparatus       ? 
_exptl_crystal_grow.atmosphere      ? 
_exptl_crystal_grow.crystal_id      1 
_exptl_crystal_grow.details         ? 
_exptl_crystal_grow.method          'VAPOR DIFFUSION, SITTING DROP' 
_exptl_crystal_grow.method_ref      ? 
_exptl_crystal_grow.pH              ? 
_exptl_crystal_grow.pressure        ? 
_exptl_crystal_grow.pressure_esd    ? 
_exptl_crystal_grow.seeding         ? 
_exptl_crystal_grow.seeding_ref     ? 
_exptl_crystal_grow.temp            298 
_exptl_crystal_grow.temp_details    'temperature gradient generated from 60 to 25 C at 0.3 degrees per hour' 
_exptl_crystal_grow.temp_esd        ? 
_exptl_crystal_grow.time            ? 
_exptl_crystal_grow.pdbx_details    
;0.5 mL of 0.05 M Cacodylate pH 6.0 with 10 mM MgCl2, 2.5 mM spermine, 5 mM CaCl2, and 10% isopropanol was added to the reservoir with 2 uL added to the drop containing 4 uL of DNA stock
;
_exptl_crystal_grow.pdbx_pH_range   ? 
# 
_diffrn.ambient_environment              ? 
_diffrn.ambient_temp                     100 
_diffrn.ambient_temp_details             ? 
_diffrn.ambient_temp_esd                 ? 
_diffrn.crystal_id                       1 
_diffrn.crystal_support                  ? 
_diffrn.crystal_treatment                ? 
_diffrn.details                          ? 
_diffrn.id                               1 
_diffrn.ambient_pressure                 ? 
_diffrn.ambient_pressure_esd             ? 
_diffrn.ambient_pressure_gt              ? 
_diffrn.ambient_pressure_lt              ? 
_diffrn.ambient_temp_gt                  ? 
_diffrn.ambient_temp_lt                  ? 
_diffrn.pdbx_serial_crystal_experiment   N 
# 
_diffrn_detector.details                      ? 
_diffrn_detector.detector                     PIXEL 
_diffrn_detector.diffrn_id                    1 
_diffrn_detector.type                         'DECTRIS PILATUS3 6M' 
_diffrn_detector.area_resol_mean              ? 
_diffrn_detector.dtime                        ? 
_diffrn_detector.pdbx_frames_total            ? 
_diffrn_detector.pdbx_collection_time_total   ? 
_diffrn_detector.pdbx_collection_date         2018-08-15 
_diffrn_detector.pdbx_frequency               ? 
# 
_diffrn_radiation.collimation                      ? 
_diffrn_radiation.diffrn_id                        1 
_diffrn_radiation.filter_edge                      ? 
_diffrn_radiation.inhomogeneity                    ? 
_diffrn_radiation.monochromator                    ? 
_diffrn_radiation.polarisn_norm                    ? 
_diffrn_radiation.polarisn_ratio                   ? 
_diffrn_radiation.probe                            ? 
_diffrn_radiation.type                             ? 
_diffrn_radiation.xray_symbol                      ? 
_diffrn_radiation.wavelength_id                    1 
_diffrn_radiation.pdbx_monochromatic_or_laue_m_l   M 
_diffrn_radiation.pdbx_wavelength_list             ? 
_diffrn_radiation.pdbx_wavelength                  ? 
_diffrn_radiation.pdbx_diffrn_protocol             'SINGLE WAVELENGTH' 
_diffrn_radiation.pdbx_analyzer                    ? 
_diffrn_radiation.pdbx_scattering_type             x-ray 
# 
_diffrn_radiation_wavelength.id           1 
_diffrn_radiation_wavelength.wavelength   1 
_diffrn_radiation_wavelength.wt           1.0 
# 
_diffrn_source.current                     ? 
_diffrn_source.details                     ? 
_diffrn_source.diffrn_id                   1 
_diffrn_source.power                       ? 
_diffrn_source.size                        ? 
_diffrn_source.source                      SYNCHROTRON 
_diffrn_source.target                      ? 
_diffrn_source.type                        'ALS BEAMLINE 5.0.2' 
_diffrn_source.voltage                     ? 
_diffrn_source.take-off_angle              ? 
_diffrn_source.pdbx_wavelength_list        1 
_diffrn_source.pdbx_wavelength             ? 
_diffrn_source.pdbx_synchrotron_beamline   5.0.2 
_diffrn_source.pdbx_synchrotron_site       ALS 
# 
_reflns.B_iso_Wilson_estimate            89.430 
_reflns.entry_id                         7JJ5 
_reflns.data_reduction_details           ? 
_reflns.data_reduction_method            ? 
_reflns.d_resolution_high                2.794 
_reflns.d_resolution_low                 50.000 
_reflns.details                          ? 
_reflns.limit_h_max                      ? 
_reflns.limit_h_min                      ? 
_reflns.limit_k_max                      ? 
_reflns.limit_k_min                      ? 
_reflns.limit_l_max                      ? 
_reflns.limit_l_min                      ? 
_reflns.number_all                       ? 
_reflns.number_obs                       6150 
_reflns.observed_criterion               ? 
_reflns.observed_criterion_F_max         ? 
_reflns.observed_criterion_F_min         ? 
_reflns.observed_criterion_I_max         ? 
_reflns.observed_criterion_I_min         ? 
_reflns.observed_criterion_sigma_F       ? 
_reflns.observed_criterion_sigma_I       ? 
_reflns.percent_possible_obs             99.700 
_reflns.R_free_details                   ? 
_reflns.Rmerge_F_all                     ? 
_reflns.Rmerge_F_obs                     ? 
_reflns.Friedel_coverage                 ? 
_reflns.number_gt                        ? 
_reflns.threshold_expression             ? 
_reflns.pdbx_redundancy                  10.200 
_reflns.pdbx_Rmerge_I_obs                0.115 
_reflns.pdbx_Rmerge_I_all                ? 
_reflns.pdbx_Rsym_value                  ? 
_reflns.pdbx_netI_over_av_sigmaI         ? 
_reflns.pdbx_netI_over_sigmaI            12.300 
_reflns.pdbx_res_netI_over_av_sigmaI_2   ? 
_reflns.pdbx_res_netI_over_sigmaI_2      ? 
_reflns.pdbx_chi_squared                 6.759 
_reflns.pdbx_scaling_rejects             ? 
_reflns.pdbx_d_res_high_opt              ? 
_reflns.pdbx_d_res_low_opt               ? 
_reflns.pdbx_d_res_opt_method            ? 
_reflns.phase_calculation_details        ? 
_reflns.pdbx_Rrim_I_all                  0.121 
_reflns.pdbx_Rpim_I_all                  0.038 
_reflns.pdbx_d_opt                       ? 
_reflns.pdbx_number_measured_all         ? 
_reflns.pdbx_diffrn_id                   1 
_reflns.pdbx_ordinal                     1 
_reflns.pdbx_CC_half                     1 
_reflns.pdbx_CC_star                     ? 
_reflns.pdbx_R_split                     ? 
# 
loop_
_reflns_shell.d_res_high 
_reflns_shell.d_res_low 
_reflns_shell.meanI_over_sigI_all 
_reflns_shell.meanI_over_sigI_obs 
_reflns_shell.number_measured_all 
_reflns_shell.number_measured_obs 
_reflns_shell.number_possible 
_reflns_shell.number_unique_all 
_reflns_shell.number_unique_obs 
_reflns_shell.percent_possible_all 
_reflns_shell.percent_possible_obs 
_reflns_shell.Rmerge_F_all 
_reflns_shell.Rmerge_F_obs 
_reflns_shell.Rmerge_I_all 
_reflns_shell.Rmerge_I_obs 
_reflns_shell.meanI_over_sigI_gt 
_reflns_shell.meanI_over_uI_all 
_reflns_shell.meanI_over_uI_gt 
_reflns_shell.number_measured_gt 
_reflns_shell.number_unique_gt 
_reflns_shell.percent_possible_gt 
_reflns_shell.Rmerge_F_gt 
_reflns_shell.Rmerge_I_gt 
_reflns_shell.pdbx_redundancy 
_reflns_shell.pdbx_Rsym_value 
_reflns_shell.pdbx_chi_squared 
_reflns_shell.pdbx_netI_over_sigmaI_all 
_reflns_shell.pdbx_netI_over_sigmaI_obs 
_reflns_shell.pdbx_Rrim_I_all 
_reflns_shell.pdbx_Rpim_I_all 
_reflns_shell.pdbx_rejects 
_reflns_shell.pdbx_ordinal 
_reflns_shell.pdbx_diffrn_id 
_reflns_shell.pdbx_CC_half 
_reflns_shell.pdbx_CC_star 
_reflns_shell.pdbx_R_split 
2.800 2.850  ? ? ? ? ? ? 319 100.000 ? ? ? ? 1.124 ? ? ? ? ? ? ? ? 9.400  ? 0.610  ? ? 1.191 0.388 ? 1  1 0.662 ? ? 
2.850 2.900  ? ? ? ? ? ? 313 100.000 ? ? ? ? 0.804 ? ? ? ? ? ? ? ? 9.800  ? 0.587  ? ? 0.849 0.270 ? 2  1 0.779 ? ? 
2.900 2.960  ? ? ? ? ? ? 308 100.000 ? ? ? ? 0.733 ? ? ? ? ? ? ? ? 9.900  ? 0.749  ? ? 0.773 0.245 ? 3  1 0.837 ? ? 
2.960 3.020  ? ? ? ? ? ? 294 100.000 ? ? ? ? 0.606 ? ? ? ? ? ? ? ? 9.500  ? 0.867  ? ? 0.641 0.208 ? 4  1 0.892 ? ? 
3.020 3.080  ? ? ? ? ? ? 328 100.000 ? ? ? ? 0.400 ? ? ? ? ? ? ? ? 10.200 ? 1.571  ? ? 0.421 0.131 ? 5  1 0.942 ? ? 
3.080 3.150  ? ? ? ? ? ? 288 100.000 ? ? ? ? 0.285 ? ? ? ? ? ? ? ? 10.300 ? 5.126  ? ? 0.300 0.093 ? 6  1 0.970 ? ? 
3.150 3.230  ? ? ? ? ? ? 318 98.500  ? ? ? ? 0.241 ? ? ? ? ? ? ? ? 10.400 ? 7.558  ? ? 0.255 0.082 ? 7  1 0.983 ? ? 
3.230 3.320  ? ? ? ? ? ? 284 98.600  ? ? ? ? 0.237 ? ? ? ? ? ? ? ? 10.700 ? 8.087  ? ? 0.249 0.077 ? 8  1 0.989 ? ? 
3.320 3.420  ? ? ? ? ? ? 312 97.200  ? ? ? ? 0.218 ? ? ? ? ? ? ? ? 10.500 ? 9.544  ? ? 0.230 0.072 ? 9  1 0.971 ? ? 
3.420 3.530  ? ? ? ? ? ? 314 100.000 ? ? ? ? 0.219 ? ? ? ? ? ? ? ? 10.200 ? 11.261 ? ? 0.231 0.072 ? 10 1 0.973 ? ? 
3.530 3.650  ? ? ? ? ? ? 303 100.000 ? ? ? ? 0.198 ? ? ? ? ? ? ? ? 9.700  ? 9.967  ? ? 0.209 0.067 ? 11 1 0.982 ? ? 
3.650 3.800  ? ? ? ? ? ? 300 100.000 ? ? ? ? 0.195 ? ? ? ? ? ? ? ? 10.000 ? 8.824  ? ? 0.205 0.065 ? 12 1 0.977 ? ? 
3.800 3.970  ? ? ? ? ? ? 315 100.000 ? ? ? ? 0.172 ? ? ? ? ? ? ? ? 10.400 ? 8.440  ? ? 0.181 0.056 ? 13 1 0.982 ? ? 
3.970 4.180  ? ? ? ? ? ? 306 100.000 ? ? ? ? 0.154 ? ? ? ? ? ? ? ? 10.700 ? 10.452 ? ? 0.162 0.050 ? 14 1 0.987 ? ? 
4.180 4.440  ? ? ? ? ? ? 302 100.000 ? ? ? ? 0.150 ? ? ? ? ? ? ? ? 10.600 ? 10.376 ? ? 0.158 0.049 ? 15 1 0.980 ? ? 
4.440 4.790  ? ? ? ? ? ? 306 100.000 ? ? ? ? 0.139 ? ? ? ? ? ? ? ? 10.300 ? 8.571  ? ? 0.146 0.045 ? 16 1 0.981 ? ? 
4.790 5.270  ? ? ? ? ? ? 319 100.000 ? ? ? ? 0.121 ? ? ? ? ? ? ? ? 10.200 ? 8.926  ? ? 0.127 0.039 ? 17 1 0.990 ? ? 
5.270 6.030  ? ? ? ? ? ? 301 100.000 ? ? ? ? 0.102 ? ? ? ? ? ? ? ? 11.000 ? 8.160  ? ? 0.107 0.032 ? 18 1 0.993 ? ? 
6.030 7.590  ? ? ? ? ? ? 310 100.000 ? ? ? ? 0.095 ? ? ? ? ? ? ? ? 10.600 ? 6.850  ? ? 0.100 0.031 ? 19 1 0.995 ? ? 
7.590 50.000 ? ? ? ? ? ? 310 99.700  ? ? ? ? 0.079 ? ? ? ? ? ? ? ? 10.500 ? 7.030  ? ? 0.084 0.027 ? 20 1 0.990 ? ? 
# 
_refine.aniso_B[1][1]                            ? 
_refine.aniso_B[1][2]                            ? 
_refine.aniso_B[1][3]                            ? 
_refine.aniso_B[2][2]                            ? 
_refine.aniso_B[2][3]                            ? 
_refine.aniso_B[3][3]                            ? 
_refine.B_iso_max                                159.680 
_refine.B_iso_mean                               94.5940 
_refine.B_iso_min                                56.000 
_refine.correlation_coeff_Fo_to_Fc               ? 
_refine.correlation_coeff_Fo_to_Fc_free          ? 
_refine.details                                  ? 
_refine.diff_density_max                         ? 
_refine.diff_density_max_esd                     ? 
_refine.diff_density_min                         ? 
_refine.diff_density_min_esd                     ? 
_refine.diff_density_rms                         ? 
_refine.diff_density_rms_esd                     ? 
_refine.entry_id                                 7JJ5 
_refine.pdbx_refine_id                           'X-RAY DIFFRACTION' 
_refine.ls_abs_structure_details                 ? 
_refine.ls_abs_structure_Flack                   ? 
_refine.ls_abs_structure_Flack_esd               ? 
_refine.ls_abs_structure_Rogers                  ? 
_refine.ls_abs_structure_Rogers_esd              ? 
_refine.ls_d_res_high                            2.7940 
_refine.ls_d_res_low                             46.0170 
_refine.ls_extinction_coef                       ? 
_refine.ls_extinction_coef_esd                   ? 
_refine.ls_extinction_expression                 ? 
_refine.ls_extinction_method                     ? 
_refine.ls_goodness_of_fit_all                   ? 
_refine.ls_goodness_of_fit_all_esd               ? 
_refine.ls_goodness_of_fit_obs                   ? 
_refine.ls_goodness_of_fit_obs_esd               ? 
_refine.ls_hydrogen_treatment                    ? 
_refine.ls_matrix_type                           ? 
_refine.ls_number_constraints                    ? 
_refine.ls_number_parameters                     ? 
_refine.ls_number_reflns_all                     ? 
_refine.ls_number_reflns_obs                     6108 
_refine.ls_number_reflns_R_free                  307 
_refine.ls_number_reflns_R_work                  5801 
_refine.ls_number_restraints                     ? 
_refine.ls_percent_reflns_obs                    98.9800 
_refine.ls_percent_reflns_R_free                 5.0300 
_refine.ls_R_factor_all                          ? 
_refine.ls_R_factor_obs                          0.2278 
_refine.ls_R_factor_R_free                       0.2430 
_refine.ls_R_factor_R_free_error                 ? 
_refine.ls_R_factor_R_free_error_details         ? 
_refine.ls_R_factor_R_work                       0.2270 
_refine.ls_R_Fsqd_factor_obs                     ? 
_refine.ls_R_I_factor_obs                        ? 
_refine.ls_redundancy_reflns_all                 ? 
_refine.ls_redundancy_reflns_obs                 ? 
_refine.ls_restrained_S_all                      ? 
_refine.ls_restrained_S_obs                      ? 
_refine.ls_shift_over_esd_max                    ? 
_refine.ls_shift_over_esd_mean                   ? 
_refine.ls_structure_factor_coef                 ? 
_refine.ls_weighting_details                     ? 
_refine.ls_weighting_scheme                      ? 
_refine.ls_wR_factor_all                         ? 
_refine.ls_wR_factor_obs                         ? 
_refine.ls_wR_factor_R_free                      ? 
_refine.ls_wR_factor_R_work                      ? 
_refine.occupancy_max                            ? 
_refine.occupancy_min                            ? 
_refine.solvent_model_details                    'FLAT BULK SOLVENT MODEL' 
_refine.solvent_model_param_bsol                 ? 
_refine.solvent_model_param_ksol                 ? 
_refine.pdbx_R_complete                          ? 
_refine.ls_R_factor_gt                           ? 
_refine.ls_goodness_of_fit_gt                    ? 
_refine.ls_goodness_of_fit_ref                   ? 
_refine.ls_shift_over_su_max                     ? 
_refine.ls_shift_over_su_max_lt                  ? 
_refine.ls_shift_over_su_mean                    ? 
_refine.ls_shift_over_su_mean_lt                 ? 
_refine.pdbx_ls_sigma_I                          ? 
_refine.pdbx_ls_sigma_F                          2.020 
_refine.pdbx_ls_sigma_Fsqd                       ? 
_refine.pdbx_data_cutoff_high_absF               ? 
_refine.pdbx_data_cutoff_high_rms_absF           ? 
_refine.pdbx_data_cutoff_low_absF                ? 
_refine.pdbx_isotropic_thermal_model             ? 
_refine.pdbx_ls_cross_valid_method               THROUGHOUT 
_refine.pdbx_method_to_determine_struct          'MOLECULAR REPLACEMENT' 
_refine.pdbx_starting_model                      6XNA 
_refine.pdbx_stereochemistry_target_values       ML 
_refine.pdbx_R_Free_selection_details            ? 
_refine.pdbx_stereochem_target_val_spec_case     ? 
_refine.pdbx_overall_ESU_R                       ? 
_refine.pdbx_overall_ESU_R_Free                  ? 
_refine.pdbx_solvent_vdw_probe_radii             1.1100 
_refine.pdbx_solvent_ion_probe_radii             ? 
_refine.pdbx_solvent_shrinkage_radii             0.9000 
_refine.pdbx_real_space_R                        ? 
_refine.pdbx_density_correlation                 ? 
_refine.pdbx_pd_number_of_powder_patterns        ? 
_refine.pdbx_pd_number_of_points                 ? 
_refine.pdbx_pd_meas_number_of_points            ? 
_refine.pdbx_pd_proc_ls_prof_R_factor            ? 
_refine.pdbx_pd_proc_ls_prof_wR_factor           ? 
_refine.pdbx_pd_Marquardt_correlation_coeff      ? 
_refine.pdbx_pd_Fsqrd_R_factor                   ? 
_refine.pdbx_pd_ls_matrix_band_width             ? 
_refine.pdbx_overall_phase_error                 35.5300 
_refine.pdbx_overall_SU_R_free_Cruickshank_DPI   ? 
_refine.pdbx_overall_SU_R_free_Blow_DPI          ? 
_refine.pdbx_overall_SU_R_Blow_DPI               ? 
_refine.pdbx_TLS_residual_ADP_flag               ? 
_refine.pdbx_diffrn_id                           1 
_refine.overall_SU_B                             ? 
_refine.overall_SU_ML                            0.2600 
_refine.overall_SU_R_Cruickshank_DPI             ? 
_refine.overall_SU_R_free                        ? 
_refine.overall_FOM_free_R_set                   ? 
_refine.overall_FOM_work_R_set                   ? 
_refine.pdbx_average_fsc_overall                 ? 
_refine.pdbx_average_fsc_work                    ? 
_refine.pdbx_average_fsc_free                    ? 
# 
_refine_hist.pdbx_refine_id                   'X-RAY DIFFRACTION' 
_refine_hist.cycle_id                         final 
_refine_hist.details                          ? 
_refine_hist.d_res_high                       2.7940 
_refine_hist.d_res_low                        46.0170 
_refine_hist.number_atoms_solvent             0 
_refine_hist.number_atoms_total               856 
_refine_hist.number_reflns_all                ? 
_refine_hist.number_reflns_obs                ? 
_refine_hist.number_reflns_R_free             ? 
_refine_hist.number_reflns_R_work             ? 
_refine_hist.R_factor_all                     ? 
_refine_hist.R_factor_obs                     ? 
_refine_hist.R_factor_R_free                  ? 
_refine_hist.R_factor_R_work                  ? 
_refine_hist.pdbx_number_residues_total       42 
_refine_hist.pdbx_B_iso_mean_ligand           141.28 
_refine_hist.pdbx_B_iso_mean_solvent          ? 
_refine_hist.pdbx_number_atoms_protein        0 
_refine_hist.pdbx_number_atoms_nucleic_acid   855 
_refine_hist.pdbx_number_atoms_ligand         1 
_refine_hist.pdbx_number_atoms_lipid          ? 
_refine_hist.pdbx_number_atoms_carb           ? 
_refine_hist.pdbx_pseudo_atom_details         ? 
# 
loop_
_refine_ls_restr.pdbx_refine_id 
_refine_ls_restr.criterion 
_refine_ls_restr.dev_ideal 
_refine_ls_restr.dev_ideal_target 
_refine_ls_restr.number 
_refine_ls_restr.rejects 
_refine_ls_restr.type 
_refine_ls_restr.weight 
_refine_ls_restr.pdbx_restraint_function 
'X-RAY DIFFRACTION' ? 0.005  ? 956  ? f_bond_d           ? ? 
'X-RAY DIFFRACTION' ? 0.784  ? 1467 ? f_angle_d          ? ? 
'X-RAY DIFFRACTION' ? 0.042  ? 166  ? f_chiral_restr     ? ? 
'X-RAY DIFFRACTION' ? 0.004  ? 42   ? f_plane_restr      ? ? 
'X-RAY DIFFRACTION' ? 34.376 ? 406  ? f_dihedral_angle_d ? ? 
# 
loop_
_refine_ls_shell.pdbx_refine_id 
_refine_ls_shell.d_res_high 
_refine_ls_shell.d_res_low 
_refine_ls_shell.number_reflns_all 
_refine_ls_shell.number_reflns_obs 
_refine_ls_shell.number_reflns_R_free 
_refine_ls_shell.number_reflns_R_work 
_refine_ls_shell.percent_reflns_obs 
_refine_ls_shell.percent_reflns_R_free 
_refine_ls_shell.R_factor_all 
_refine_ls_shell.R_factor_obs 
_refine_ls_shell.R_factor_R_free 
_refine_ls_shell.R_factor_R_free_error 
_refine_ls_shell.R_factor_R_work 
_refine_ls_shell.redundancy_reflns_all 
_refine_ls_shell.redundancy_reflns_obs 
_refine_ls_shell.wR_factor_all 
_refine_ls_shell.wR_factor_obs 
_refine_ls_shell.wR_factor_R_free 
_refine_ls_shell.wR_factor_R_work 
_refine_ls_shell.pdbx_R_complete 
_refine_ls_shell.pdbx_total_number_of_bins_used 
_refine_ls_shell.pdbx_phase_error 
_refine_ls_shell.pdbx_fsc_work 
_refine_ls_shell.pdbx_fsc_free 
'X-RAY DIFFRACTION' 2.794  3.5195 . . 154 2886 98.0000  . . . 0.3218 0.0000 0.2895 . . . . . . . . . . . 
'X-RAY DIFFRACTION' 3.5195 46.017 . . 153 2915 100.0000 . . . 0.2239 0.0000 0.2119 . . . . . . . . . . . 
# 
_struct.entry_id                     7JJ5 
_struct.title                        
;Self-assembly of a 3D DNA crystal lattice (4x6 scramble junction version) containing the J10 immobile Holliday junction with R3 symmetry
;
_struct.pdbx_model_details           ? 
_struct.pdbx_formula_weight          ? 
_struct.pdbx_formula_weight_method   ? 
_struct.pdbx_model_type_details      ? 
_struct.pdbx_CASP_flag               N 
# 
_struct_keywords.entry_id        7JJ5 
_struct_keywords.text            
'Structural DNA nanotechnology, immobile Holliday junctions, 3D DNA self-assembly, designer DNA crystals, DNA' 
_struct_keywords.pdbx_keywords   DNA 
# 
loop_
_struct_asym.id 
_struct_asym.pdbx_blank_PDB_chainid_flag 
_struct_asym.pdbx_modified 
_struct_asym.entity_id 
_struct_asym.details 
A N N 1 ? 
B N N 2 ? 
C N N 3 ? 
D N N 4 ? 
E N N 5 ? 
# 
loop_
_struct_conn.id 
_struct_conn.conn_type_id 
_struct_conn.pdbx_leaving_atom_flag 
_struct_conn.pdbx_PDB_id 
_struct_conn.ptnr1_label_asym_id 
_struct_conn.ptnr1_label_comp_id 
_struct_conn.ptnr1_label_seq_id 
_struct_conn.ptnr1_label_atom_id 
_struct_conn.pdbx_ptnr1_label_alt_id 
_struct_conn.pdbx_ptnr1_PDB_ins_code 
_struct_conn.pdbx_ptnr1_standard_comp_id 
_struct_conn.ptnr1_symmetry 
_struct_conn.ptnr2_label_asym_id 
_struct_conn.ptnr2_label_comp_id 
_struct_conn.ptnr2_label_seq_id 
_struct_conn.ptnr2_label_atom_id 
_struct_conn.pdbx_ptnr2_label_alt_id 
_struct_conn.pdbx_ptnr2_PDB_ins_code 
_struct_conn.ptnr1_auth_asym_id 
_struct_conn.ptnr1_auth_comp_id 
_struct_conn.ptnr1_auth_seq_id 
_struct_conn.ptnr2_auth_asym_id 
_struct_conn.ptnr2_auth_comp_id 
_struct_conn.ptnr2_auth_seq_id 
_struct_conn.ptnr2_symmetry 
_struct_conn.pdbx_ptnr3_label_atom_id 
_struct_conn.pdbx_ptnr3_label_seq_id 
_struct_conn.pdbx_ptnr3_label_comp_id 
_struct_conn.pdbx_ptnr3_label_asym_id 
_struct_conn.pdbx_ptnr3_label_alt_id 
_struct_conn.pdbx_ptnr3_PDB_ins_code 
_struct_conn.details 
_struct_conn.pdbx_dist_value 
_struct_conn.pdbx_value_order 
_struct_conn.pdbx_role 
hydrog1  hydrog ? ? A DA 3  N1 ? ? ? 1_555 D DT 15 N3 ? ? A DA 3  D DT 16 1_555 ? ? ? ? ? ? WATSON-CRICK ? ? ? 
hydrog2  hydrog ? ? A DA 3  N6 ? ? ? 1_555 D DT 15 O4 ? ? A DA 3  D DT 16 1_555 ? ? ? ? ? ? WATSON-CRICK ? ? ? 
hydrog3  hydrog ? ? A DC 4  N3 ? ? ? 1_555 D DG 14 N1 ? ? A DC 4  D DG 15 1_555 ? ? ? ? ? ? WATSON-CRICK ? ? ? 
hydrog4  hydrog ? ? A DC 4  N4 ? ? ? 1_555 D DG 14 O6 ? ? A DC 4  D DG 15 1_555 ? ? ? ? ? ? WATSON-CRICK ? ? ? 
hydrog5  hydrog ? ? A DC 4  O2 ? ? ? 1_555 D DG 14 N2 ? ? A DC 4  D DG 15 1_555 ? ? ? ? ? ? WATSON-CRICK ? ? ? 
hydrog6  hydrog ? ? A DG 5  N1 ? ? ? 1_555 D DC 13 N3 ? ? A DG 5  D DC 14 1_555 ? ? ? ? ? ? WATSON-CRICK ? ? ? 
hydrog7  hydrog ? ? A DG 5  N2 ? ? ? 1_555 D DC 13 O2 ? ? A DG 5  D DC 14 1_555 ? ? ? ? ? ? WATSON-CRICK ? ? ? 
hydrog8  hydrog ? ? A DG 5  O6 ? ? ? 1_555 D DC 13 N4 ? ? A DG 5  D DC 14 1_555 ? ? ? ? ? ? WATSON-CRICK ? ? ? 
hydrog9  hydrog ? ? A DA 6  N1 ? ? ? 1_555 D DT 12 N3 ? ? A DA 6  D DT 13 1_555 ? ? ? ? ? ? WATSON-CRICK ? ? ? 
hydrog10 hydrog ? ? A DA 6  N6 ? ? ? 1_555 D DT 12 O4 ? ? A DA 6  D DT 13 1_555 ? ? ? ? ? ? WATSON-CRICK ? ? ? 
hydrog11 hydrog ? ? A DC 7  N3 ? ? ? 1_555 D DG 11 N1 ? ? A DC 7  D DG 12 1_555 ? ? ? ? ? ? WATSON-CRICK ? ? ? 
hydrog12 hydrog ? ? A DC 7  N4 ? ? ? 1_555 D DG 11 O6 ? ? A DC 7  D DG 12 1_555 ? ? ? ? ? ? WATSON-CRICK ? ? ? 
hydrog13 hydrog ? ? A DC 7  O2 ? ? ? 1_555 D DG 11 N2 ? ? A DC 7  D DG 12 1_555 ? ? ? ? ? ? WATSON-CRICK ? ? ? 
hydrog14 hydrog ? ? A DA 8  N1 ? ? ? 1_555 D DT 10 N3 ? ? A DA 8  D DT 11 1_555 ? ? ? ? ? ? WATSON-CRICK ? ? ? 
hydrog15 hydrog ? ? A DA 8  N6 ? ? ? 1_555 D DT 10 O4 ? ? A DA 8  D DT 11 1_555 ? ? ? ? ? ? WATSON-CRICK ? ? ? 
hydrog16 hydrog ? ? A DC 9  N3 ? ? ? 1_555 D DG 9  N1 ? ? A DC 9  D DG 10 1_555 ? ? ? ? ? ? WATSON-CRICK ? ? ? 
hydrog17 hydrog ? ? A DC 9  N4 ? ? ? 1_555 D DG 9  O6 ? ? A DC 9  D DG 10 1_555 ? ? ? ? ? ? WATSON-CRICK ? ? ? 
hydrog18 hydrog ? ? A DC 9  O2 ? ? ? 1_555 D DG 9  N2 ? ? A DC 9  D DG 10 1_555 ? ? ? ? ? ? WATSON-CRICK ? ? ? 
hydrog19 hydrog ? ? A DT 10 N3 ? ? ? 1_555 C DA 3  N1 ? ? A DT 10 C DA 2  1_555 ? ? ? ? ? ? WATSON-CRICK ? ? ? 
hydrog20 hydrog ? ? A DT 10 O4 ? ? ? 1_555 C DA 3  N6 ? ? A DT 10 C DA 2  1_555 ? ? ? ? ? ? WATSON-CRICK ? ? ? 
hydrog21 hydrog ? ? A DG 11 N1 ? ? ? 1_555 C DC 2  N3 ? ? A DG 11 C DC 1  1_555 ? ? ? ? ? ? WATSON-CRICK ? ? ? 
hydrog22 hydrog ? ? A DG 11 N2 ? ? ? 1_555 C DC 2  O2 ? ? A DG 11 C DC 1  1_555 ? ? ? ? ? ? WATSON-CRICK ? ? ? 
hydrog23 hydrog ? ? A DG 11 O6 ? ? ? 1_555 C DC 2  N4 ? ? A DG 11 C DC 1  1_555 ? ? ? ? ? ? WATSON-CRICK ? ? ? 
hydrog24 hydrog ? ? A DA 12 N1 ? ? ? 1_555 C DT 1  N3 ? ? A DA 12 C DT 0  1_555 ? ? ? ? ? ? WATSON-CRICK ? ? ? 
hydrog25 hydrog ? ? A DA 12 N6 ? ? ? 1_555 C DT 1  O4 ? ? A DA 12 C DT 0  1_555 ? ? ? ? ? ? WATSON-CRICK ? ? ? 
hydrog26 hydrog ? ? B DC 1  N3 ? ? ? 1_555 C DG 6  N1 ? ? B DC 12 C DG 5  1_555 ? ? ? ? ? ? WATSON-CRICK ? ? ? 
hydrog27 hydrog ? ? B DC 1  N4 ? ? ? 1_555 C DG 6  O6 ? ? B DC 12 C DG 5  1_555 ? ? ? ? ? ? WATSON-CRICK ? ? ? 
hydrog28 hydrog ? ? B DC 1  O2 ? ? ? 1_555 C DG 6  N2 ? ? B DC 12 C DG 5  1_555 ? ? ? ? ? ? WATSON-CRICK ? ? ? 
hydrog29 hydrog ? ? B DG 2  N1 ? ? ? 1_555 C DC 5  N3 ? ? B DG 13 C DC 4  1_555 ? ? ? ? ? ? WATSON-CRICK ? ? ? 
hydrog30 hydrog ? ? B DG 2  N2 ? ? ? 1_555 C DC 5  O2 ? ? B DG 13 C DC 4  1_555 ? ? ? ? ? ? WATSON-CRICK ? ? ? 
hydrog31 hydrog ? ? B DG 2  O6 ? ? ? 1_555 C DC 5  N4 ? ? B DG 13 C DC 4  1_555 ? ? ? ? ? ? WATSON-CRICK ? ? ? 
hydrog32 hydrog ? ? B DT 3  N3 ? ? ? 1_555 C DA 4  N1 ? ? B DT 14 C DA 3  1_555 ? ? ? ? ? ? WATSON-CRICK ? ? ? 
hydrog33 hydrog ? ? B DT 3  O4 ? ? ? 1_555 C DA 4  N6 ? ? B DT 14 C DA 3  1_555 ? ? ? ? ? ? WATSON-CRICK ? ? ? 
hydrog34 hydrog ? ? B DC 4  N3 ? ? ? 1_555 D DG 8  N1 ? ? B DC 15 D DG 9  1_555 ? ? ? ? ? ? WATSON-CRICK ? ? ? 
hydrog35 hydrog ? ? B DC 4  N4 ? ? ? 1_555 D DG 8  O6 ? ? B DC 15 D DG 9  1_555 ? ? ? ? ? ? WATSON-CRICK ? ? ? 
hydrog36 hydrog ? ? B DC 4  O2 ? ? ? 1_555 D DG 8  N2 ? ? B DC 15 D DG 9  1_555 ? ? ? ? ? ? WATSON-CRICK ? ? ? 
hydrog37 hydrog ? ? B DG 5  N1 ? ? ? 1_555 D DC 7  N3 ? ? B DG 16 D DC 8  1_555 ? ? ? ? ? ? WATSON-CRICK ? ? ? 
hydrog38 hydrog ? ? B DG 5  N2 ? ? ? 1_555 D DC 7  O2 ? ? B DG 16 D DC 8  1_555 ? ? ? ? ? ? WATSON-CRICK ? ? ? 
hydrog39 hydrog ? ? B DG 5  O6 ? ? ? 1_555 D DC 7  N4 ? ? B DG 16 D DC 8  1_555 ? ? ? ? ? ? WATSON-CRICK ? ? ? 
hydrog40 hydrog ? ? B DA 6  N1 ? ? ? 1_555 D DT 6  N3 ? ? B DA 17 D DT 7  1_555 ? ? ? ? ? ? WATSON-CRICK ? ? ? 
hydrog41 hydrog ? ? B DA 6  N6 ? ? ? 1_555 D DT 6  O4 ? ? B DA 17 D DT 7  1_555 ? ? ? ? ? ? WATSON-CRICK ? ? ? 
hydrog42 hydrog ? ? B DC 7  N3 ? ? ? 1_555 D DG 5  N1 ? ? B DC 18 D DG 6  1_555 ? ? ? ? ? ? WATSON-CRICK ? ? ? 
hydrog43 hydrog ? ? B DC 7  N4 ? ? ? 1_555 D DG 5  O6 ? ? B DC 18 D DG 6  1_555 ? ? ? ? ? ? WATSON-CRICK ? ? ? 
hydrog44 hydrog ? ? B DC 7  O2 ? ? ? 1_555 D DG 5  N2 ? ? B DC 18 D DG 6  1_555 ? ? ? ? ? ? WATSON-CRICK ? ? ? 
hydrog45 hydrog ? ? B DT 8  N3 ? ? ? 1_555 D DA 4  N1 ? ? B DT 19 D DA 5  1_555 ? ? ? ? ? ? WATSON-CRICK ? ? ? 
hydrog46 hydrog ? ? B DT 8  O4 ? ? ? 1_555 D DA 4  N6 ? ? B DT 19 D DA 5  1_555 ? ? ? ? ? ? WATSON-CRICK ? ? ? 
hydrog47 hydrog ? ? B DC 9  N3 ? ? ? 1_555 D DG 3  N1 ? ? B DC 20 D DG 4  1_555 ? ? ? ? ? ? WATSON-CRICK ? ? ? 
hydrog48 hydrog ? ? B DC 9  N4 ? ? ? 1_555 D DG 3  O6 ? ? B DC 20 D DG 4  1_555 ? ? ? ? ? ? WATSON-CRICK ? ? ? 
hydrog49 hydrog ? ? B DC 9  O2 ? ? ? 1_555 D DG 3  N2 ? ? B DC 20 D DG 4  1_555 ? ? ? ? ? ? WATSON-CRICK ? ? ? 
# 
_struct_conn_type.id          hydrog 
_struct_conn_type.criteria    ? 
_struct_conn_type.reference   ? 
# 
_atom_sites.entry_id                    7JJ5 
_atom_sites.Cartn_transf_matrix[1][1]   ? 
_atom_sites.Cartn_transf_matrix[1][2]   ? 
_atom_sites.Cartn_transf_matrix[1][3]   ? 
_atom_sites.Cartn_transf_matrix[2][1]   ? 
_atom_sites.Cartn_transf_matrix[2][2]   ? 
_atom_sites.Cartn_transf_matrix[2][3]   ? 
_atom_sites.Cartn_transf_matrix[3][1]   ? 
_atom_sites.Cartn_transf_matrix[3][2]   ? 
_atom_sites.Cartn_transf_matrix[3][3]   ? 
_atom_sites.Cartn_transf_vector[1]      ? 
_atom_sites.Cartn_transf_vector[2]      ? 
_atom_sites.Cartn_transf_vector[3]      ? 
_atom_sites.fract_transf_matrix[1][1]   -0.00622893 
_atom_sites.fract_transf_matrix[1][2]   0.00653688 
_atom_sites.fract_transf_matrix[1][3]   -0.00476859 
_atom_sites.fract_transf_matrix[2][1]   0.00342491 
_atom_sites.fract_transf_matrix[2][2]   0.00546378 
_atom_sites.fract_transf_matrix[2][3]   -0.00791846 
_atom_sites.fract_transf_matrix[3][1]   -0.00546065 
_atom_sites.fract_transf_matrix[3][2]   -0.01394617 
_atom_sites.fract_transf_matrix[3][3]   -0.01198477 
_atom_sites.fract_transf_vector[1]      0.341069 
_atom_sites.fract_transf_vector[2]      0.171565 
_atom_sites.fract_transf_vector[3]      -0.280693 
_atom_sites.solution_primary            ? 
_atom_sites.solution_secondary          ? 
_atom_sites.solution_hydrogens          ? 
_atom_sites.special_details             ? 
# 
loop_
_atom_type.symbol 
AS 
C  
H  
N  
O  
P  
# 
loop_
_atom_site.group_PDB 
_atom_site.id 
_atom_site.type_symbol 
_atom_site.label_atom_id 
_atom_site.label_alt_id 
_atom_site.label_comp_id 
_atom_site.label_asym_id 
_atom_site.label_entity_id 
_atom_site.label_seq_id 
_atom_site.pdbx_PDB_ins_code 
_atom_site.Cartn_x 
_atom_site.Cartn_y 
_atom_site.Cartn_z 
_atom_site.occupancy 
_atom_site.B_iso_or_equiv 
_atom_site.pdbx_formal_charge 
_atom_site.auth_seq_id 
_atom_site.auth_comp_id 
_atom_site.auth_asym_id 
_atom_site.auth_atom_id 
_atom_site.pdbx_PDB_model_num 
ATOM   1    O  "O5'"  . DG  A 1 1  ? 2.982   25.472  1.352   1.00 124.64 ? 1   DG  A "O5'"  1 
ATOM   2    C  "C5'"  . DG  A 1 1  ? 3.979   26.349  0.833   1.00 127.05 ? 1   DG  A "C5'"  1 
ATOM   3    C  "C4'"  . DG  A 1 1  ? 3.684   26.714  -0.612  1.00 126.64 ? 1   DG  A "C4'"  1 
ATOM   4    O  "O4'"  . DG  A 1 1  ? 4.774   27.519  -1.127  1.00 123.29 ? 1   DG  A "O4'"  1 
ATOM   5    C  "C3'"  . DG  A 1 1  ? 3.527   25.518  -1.550  1.00 125.37 ? 1   DG  A "C3'"  1 
ATOM   6    O  "O3'"  . DG  A 1 1  ? 2.181   25.434  -2.029  1.00 130.89 ? 1   DG  A "O3'"  1 
ATOM   7    C  "C2'"  . DG  A 1 1  ? 4.519   25.758  -2.689  1.00 111.68 ? 1   DG  A "C2'"  1 
ATOM   8    C  "C1'"  . DG  A 1 1  ? 5.437   26.860  -2.182  1.00 110.87 ? 1   DG  A "C1'"  1 
ATOM   9    N  N9     . DG  A 1 1  ? 6.739   26.397  -1.699  1.00 104.95 ? 1   DG  A N9     1 
ATOM   10   C  C8     . DG  A 1 1  ? 7.363   26.767  -0.531  1.00 104.56 ? 1   DG  A C8     1 
ATOM   11   N  N7     . DG  A 1 1  ? 8.536   26.218  -0.370  1.00 95.07  ? 1   DG  A N7     1 
ATOM   12   C  C5     . DG  A 1 1  ? 8.707   25.441  -1.507  1.00 86.75  ? 1   DG  A C5     1 
ATOM   13   C  C6     . DG  A 1 1  ? 9.788   24.616  -1.888  1.00 85.71  ? 1   DG  A C6     1 
ATOM   14   O  O6     . DG  A 1 1  ? 10.844  24.403  -1.274  1.00 82.05  ? 1   DG  A O6     1 
ATOM   15   N  N1     . DG  A 1 1  ? 9.561   24.001  -3.119  1.00 81.82  ? 1   DG  A N1     1 
ATOM   16   C  C2     . DG  A 1 1  ? 8.431   24.166  -3.884  1.00 89.14  ? 1   DG  A C2     1 
ATOM   17   N  N2     . DG  A 1 1  ? 8.395   23.492  -5.044  1.00 86.75  ? 1   DG  A N2     1 
ATOM   18   N  N3     . DG  A 1 1  ? 7.408   24.940  -3.538  1.00 93.16  ? 1   DG  A N3     1 
ATOM   19   C  C4     . DG  A 1 1  ? 7.614   25.544  -2.341  1.00 94.55  ? 1   DG  A C4     1 
ATOM   20   H  "H5'"  . DG  A 1 1  ? 4.843   25.912  0.880   1.00 152.59 ? 1   DG  A "H5'"  1 
ATOM   21   H  "H5''" . DG  A 1 1  ? 4.001   27.157  1.367   1.00 152.59 ? 1   DG  A "H5''" 1 
ATOM   22   H  "H4'"  . DG  A 1 1  ? 2.869   27.239  -0.640  1.00 152.10 ? 1   DG  A "H4'"  1 
ATOM   23   H  "H3'"  . DG  A 1 1  ? 3.761   24.702  -1.081  1.00 150.57 ? 1   DG  A "H3'"  1 
ATOM   24   H  "H2'"  . DG  A 1 1  ? 5.027   24.953  -2.870  1.00 134.15 ? 1   DG  A "H2'"  1 
ATOM   25   H  "H2''" . DG  A 1 1  ? 4.051   26.050  -3.487  1.00 134.15 ? 1   DG  A "H2''" 1 
ATOM   26   H  "H1'"  . DG  A 1 1  ? 5.583   27.496  -2.900  1.00 133.17 ? 1   DG  A "H1'"  1 
ATOM   27   H  H8     . DG  A 1 1  ? 6.983   27.348  0.087   1.00 125.60 ? 1   DG  A H8     1 
ATOM   28   H  H1     . DG  A 1 1  ? 10.175  23.482  -3.423  1.00 98.31  ? 1   DG  A H1     1 
ATOM   29   H  H21    . DG  A 1 1  ? 7.712   23.561  -5.561  1.00 104.23 ? 1   DG  A H21    1 
ATOM   30   H  H22    . DG  A 1 1  ? 9.056   22.989  -5.270  1.00 104.23 ? 1   DG  A H22    1 
ATOM   31   H  "HO5'" . DG  A 1 1  ? 3.103   25.089  2.088   1.00 149.69 ? 1   DG  A "HO5'" 1 
ATOM   32   P  P      . DA  A 1 2  ? 1.313   24.099  -1.800  1.00 151.21 ? 2   DA  A P      1 
ATOM   33   O  OP1    . DA  A 1 2  ? 0.001   24.534  -1.269  1.00 139.08 ? 2   DA  A OP1    1 
ATOM   34   O  OP2    . DA  A 1 2  ? 2.126   23.125  -1.037  1.00 138.71 ? 2   DA  A OP2    1 
ATOM   35   O  "O5'"  . DA  A 1 2  ? 1.088   23.499  -3.271  1.00 134.55 ? 2   DA  A "O5'"  1 
ATOM   36   C  "C5'"  . DA  A 1 2  ? 1.874   23.946  -4.377  1.00 127.90 ? 2   DA  A "C5'"  1 
ATOM   37   C  "C4'"  . DA  A 1 2  ? 2.555   22.783  -5.081  1.00 127.19 ? 2   DA  A "C4'"  1 
ATOM   38   O  "O4'"  . DA  A 1 2  ? 3.966   22.770  -4.722  1.00 112.90 ? 2   DA  A "O4'"  1 
ATOM   39   C  "C3'"  . DA  A 1 2  ? 2.015   21.391  -4.729  1.00 126.22 ? 2   DA  A "C3'"  1 
ATOM   40   O  "O3'"  . DA  A 1 2  ? 1.951   20.562  -5.891  1.00 122.17 ? 2   DA  A "O3'"  1 
ATOM   41   C  "C2'"  . DA  A 1 2  ? 3.017   20.880  -3.702  1.00 115.76 ? 2   DA  A "C2'"  1 
ATOM   42   C  "C1'"  . DA  A 1 2  ? 4.315   21.522  -4.157  1.00 108.68 ? 2   DA  A "C1'"  1 
ATOM   43   N  N9     . DA  A 1 2  ? 5.264   21.747  -3.076  1.00 104.01 ? 2   DA  A N9     1 
ATOM   44   C  C8     . DA  A 1 2  ? 5.054   22.463  -1.932  1.00 108.43 ? 2   DA  A C8     1 
ATOM   45   N  N7     . DA  A 1 2  ? 6.091   22.495  -1.129  1.00 101.86 ? 2   DA  A N7     1 
ATOM   46   C  C5     . DA  A 1 2  ? 7.044   21.742  -1.791  1.00 85.71  ? 2   DA  A C5     1 
ATOM   47   C  C6     . DA  A 1 2  ? 8.366   21.392  -1.467  1.00 83.73  ? 2   DA  A C6     1 
ATOM   48   N  N6     . DA  A 1 2  ? 8.970   21.775  -0.336  1.00 83.67  ? 2   DA  A N6     1 
ATOM   49   N  N1     . DA  A 1 2  ? 9.043   20.628  -2.351  1.00 79.85  ? 2   DA  A N1     1 
ATOM   50   C  C2     . DA  A 1 2  ? 8.429   20.247  -3.480  1.00 86.04  ? 2   DA  A C2     1 
ATOM   51   N  N3     . DA  A 1 2  ? 7.192   20.516  -3.892  1.00 86.21  ? 2   DA  A N3     1 
ATOM   52   C  C4     . DA  A 1 2  ? 6.548   21.274  -2.994  1.00 86.61  ? 2   DA  A C4     1 
ATOM   53   H  "H5'"  . DA  A 1 2  ? 2.551   24.562  -4.056  1.00 153.60 ? 2   DA  A "H5'"  1 
ATOM   54   H  "H5''" . DA  A 1 2  ? 1.300   24.407  -5.009  1.00 153.60 ? 2   DA  A "H5''" 1 
ATOM   55   H  "H4'"  . DA  A 1 2  ? 2.479   22.911  -6.039  1.00 152.75 ? 2   DA  A "H4'"  1 
ATOM   56   H  "H3'"  . DA  A 1 2  ? 1.137   21.469  -4.326  1.00 151.59 ? 2   DA  A "H3'"  1 
ATOM   57   H  "H2'"  . DA  A 1 2  ? 2.780   21.181  -2.810  1.00 139.04 ? 2   DA  A "H2'"  1 
ATOM   58   H  "H2''" . DA  A 1 2  ? 3.082   19.912  -3.735  1.00 139.04 ? 2   DA  A "H2''" 1 
ATOM   59   H  "H1'"  . DA  A 1 2  ? 4.728   20.966  -4.837  1.00 130.54 ? 2   DA  A "H1'"  1 
ATOM   60   H  H8     . DA  A 1 2  ? 4.252   22.893  -1.742  1.00 130.24 ? 2   DA  A H8     1 
ATOM   61   H  H61    . DA  A 1 2  ? 9.781   21.535  -0.180  1.00 100.54 ? 2   DA  A H61    1 
ATOM   62   H  H62    . DA  A 1 2  ? 8.550   22.261  0.234   1.00 100.54 ? 2   DA  A H62    1 
ATOM   63   H  H2     . DA  A 1 2  ? 8.936   19.723  -4.055  1.00 103.38 ? 2   DA  A H2     1 
ATOM   64   P  P      . DA  A 1 3  ? 1.655   18.989  -5.753  1.00 123.61 ? 3   DA  A P      1 
ATOM   65   O  OP1    . DA  A 1 3  ? 1.043   18.529  -7.019  1.00 124.32 ? 3   DA  A OP1    1 
ATOM   66   O  OP2    . DA  A 1 3  ? 0.951   18.772  -4.470  1.00 130.38 ? 3   DA  A OP2    1 
ATOM   67   O  "O5'"  . DA  A 1 3  ? 3.108   18.340  -5.617  1.00 107.93 ? 3   DA  A "O5'"  1 
ATOM   68   C  "C5'"  . DA  A 1 3  ? 4.029   18.444  -6.692  1.00 106.89 ? 3   DA  A "C5'"  1 
ATOM   69   C  "C4'"  . DA  A 1 3  ? 4.953   17.243  -6.731  1.00 103.99 ? 3   DA  A "C4'"  1 
ATOM   70   O  "O4'"  . DA  A 1 3  ? 6.028   17.431  -5.772  1.00 106.58 ? 3   DA  A "O4'"  1 
ATOM   71   C  "C3'"  . DA  A 1 3  ? 4.292   15.916  -6.376  1.00 110.28 ? 3   DA  A "C3'"  1 
ATOM   72   O  "O3'"  . DA  A 1 3  ? 4.785   14.871  -7.208  1.00 114.79 ? 3   DA  A "O3'"  1 
ATOM   73   C  "C2'"  . DA  A 1 3  ? 4.655   15.715  -4.907  1.00 102.20 ? 3   DA  A "C2'"  1 
ATOM   74   C  "C1'"  . DA  A 1 3  ? 6.006   16.413  -4.788  1.00 94.21  ? 3   DA  A "C1'"  1 
ATOM   75   N  N9     . DA  A 1 3  ? 6.253   17.033  -3.485  1.00 83.53  ? 3   DA  A N9     1 
ATOM   76   C  C8     . DA  A 1 3  ? 5.394   17.819  -2.765  1.00 89.34  ? 3   DA  A C8     1 
ATOM   77   N  N7     . DA  A 1 3  ? 5.895   18.251  -1.630  1.00 86.81  ? 3   DA  A N7     1 
ATOM   78   C  C5     . DA  A 1 3  ? 7.175   17.720  -1.606  1.00 80.03  ? 3   DA  A C5     1 
ATOM   79   C  C6     . DA  A 1 3  ? 8.225   17.810  -0.667  1.00 79.48  ? 3   DA  A C6     1 
ATOM   80   N  N6     . DA  A 1 3  ? 8.135   18.500  0.481   1.00 76.76  ? 3   DA  A N6     1 
ATOM   81   N  N1     . DA  A 1 3  ? 9.375   17.159  -0.951  1.00 78.26  ? 3   DA  A N1     1 
ATOM   82   C  C2     . DA  A 1 3  ? 9.460   16.469  -2.099  1.00 79.82  ? 3   DA  A C2     1 
ATOM   83   N  N3     . DA  A 1 3  ? 8.543   16.314  -3.055  1.00 75.94  ? 3   DA  A N3     1 
ATOM   84   C  C4     . DA  A 1 3  ? 7.413   16.971  -2.745  1.00 78.44  ? 3   DA  A C4     1 
ATOM   85   H  "H5'"  . DA  A 1 3  ? 4.559   19.249  -6.583  1.00 128.40 ? 3   DA  A "H5'"  1 
ATOM   86   H  "H5''" . DA  A 1 3  ? 3.539   18.495  -7.528  1.00 128.40 ? 3   DA  A "H5''" 1 
ATOM   87   H  "H4'"  . DA  A 1 3  ? 5.335   17.172  -7.620  1.00 124.91 ? 3   DA  A "H4'"  1 
ATOM   88   H  "H3'"  . DA  A 1 3  ? 3.330   15.990  -6.471  1.00 132.47 ? 3   DA  A "H3'"  1 
ATOM   89   H  "H2'"  . DA  A 1 3  ? 4.000   16.138  -4.331  1.00 122.77 ? 3   DA  A "H2'"  1 
ATOM   90   H  "H2''" . DA  A 1 3  ? 4.739   14.771  -4.701  1.00 122.77 ? 3   DA  A "H2''" 1 
ATOM   91   H  "H1'"  . DA  A 1 3  ? 6.712   15.774  -4.975  1.00 113.18 ? 3   DA  A "H1'"  1 
ATOM   92   H  H8     . DA  A 1 3  ? 4.532   18.021  -3.050  1.00 107.34 ? 3   DA  A H8     1 
ATOM   93   H  H61    . DA  A 1 3  ? 8.803   18.523  1.023   1.00 92.24  ? 3   DA  A H61    1 
ATOM   94   H  H62    . DA  A 1 3  ? 7.409   18.919  0.675   1.00 92.24  ? 3   DA  A H62    1 
ATOM   95   H  H2     . DA  A 1 3  ? 10.271  16.040  -2.249  1.00 95.91  ? 3   DA  A H2     1 
ATOM   96   P  P      . DC  A 1 4  ? 4.050   13.443  -7.237  1.00 118.40 ? 4   DC  A P      1 
ATOM   97   O  OP1    . DC  A 1 4  ? 3.963   13.015  -8.652  1.00 111.34 ? 4   DC  A OP1    1 
ATOM   98   O  OP2    . DC  A 1 4  ? 2.820   13.551  -6.420  1.00 106.32 ? 4   DC  A OP2    1 
ATOM   99   O  "O5'"  . DC  A 1 4  ? 5.073   12.478  -6.477  1.00 111.97 ? 4   DC  A "O5'"  1 
ATOM   100  C  "C5'"  . DC  A 1 4  ? 6.373   12.268  -7.013  1.00 105.78 ? 4   DC  A "C5'"  1 
ATOM   101  C  "C4'"  . DC  A 1 4  ? 7.312   11.693  -5.967  1.00 103.15 ? 4   DC  A "C4'"  1 
ATOM   102  O  "O4'"  . DC  A 1 4  ? 7.459   12.633  -4.886  1.00 97.21  ? 4   DC  A "O4'"  1 
ATOM   103  C  "C3'"  . DC  A 1 4  ? 6.847   10.386  -5.319  1.00 106.87 ? 4   DC  A "C3'"  1 
ATOM   104  O  "O3'"  . DC  A 1 4  ? 7.599   9.290   -5.839  1.00 112.11 ? 4   DC  A "O3'"  1 
ATOM   105  C  "C2'"  . DC  A 1 4  ? 7.069   10.594  -3.806  1.00 103.13 ? 4   DC  A "C2'"  1 
ATOM   106  C  "C1'"  . DC  A 1 4  ? 7.808   11.926  -3.722  1.00 96.61  ? 4   DC  A "C1'"  1 
ATOM   107  N  N1     . DC  A 1 4  ? 7.449   12.774  -2.538  1.00 80.54  ? 4   DC  A N1     1 
ATOM   108  C  C2     . DC  A 1 4  ? 8.405   13.023  -1.544  1.00 80.61  ? 4   DC  A C2     1 
ATOM   109  O  O2     . DC  A 1 4  ? 9.530   12.514  -1.641  1.00 84.53  ? 4   DC  A O2     1 
ATOM   110  N  N3     . DC  A 1 4  ? 8.066   13.814  -0.492  1.00 72.05  ? 4   DC  A N3     1 
ATOM   111  C  C4     . DC  A 1 4  ? 6.845   14.346  -0.421  1.00 75.66  ? 4   DC  A C4     1 
ATOM   112  N  N4     . DC  A 1 4  ? 6.557   15.117  0.634   1.00 73.37  ? 4   DC  A N4     1 
ATOM   113  C  C5     . DC  A 1 4  ? 5.863   14.110  -1.428  1.00 76.27  ? 4   DC  A C5     1 
ATOM   114  C  C6     . DC  A 1 4  ? 6.206   13.331  -2.459  1.00 82.85  ? 4   DC  A C6     1 
ATOM   115  H  "H5'"  . DC  A 1 4  ? 6.726   13.114  -7.328  1.00 127.07 ? 4   DC  A "H5'"  1 
ATOM   116  H  "H5''" . DC  A 1 4  ? 6.312   11.650  -7.759  1.00 127.07 ? 4   DC  A "H5''" 1 
ATOM   117  H  "H4'"  . DC  A 1 4  ? 8.180   11.548  -6.375  1.00 123.90 ? 4   DC  A "H4'"  1 
ATOM   118  H  "H3'"  . DC  A 1 4  ? 5.903   10.250  -5.496  1.00 128.37 ? 4   DC  A "H3'"  1 
ATOM   119  H  "H2'"  . DC  A 1 4  ? 6.220   10.646  -3.342  1.00 123.88 ? 4   DC  A "H2'"  1 
ATOM   120  H  "H2''" . DC  A 1 4  ? 7.615   9.880   -3.441  1.00 123.88 ? 4   DC  A "H2''" 1 
ATOM   121  H  "H1'"  . DC  A 1 4  ? 8.764   11.762  -3.721  1.00 116.06 ? 4   DC  A "H1'"  1 
ATOM   122  H  H41    . DC  A 1 4  ? 5.778   15.473  0.706   1.00 88.17  ? 4   DC  A H41    1 
ATOM   123  H  H42    . DC  A 1 4  ? 7.151   15.255  1.240   1.00 88.17  ? 4   DC  A H42    1 
ATOM   124  H  H5     . DC  A 1 4  ? 5.014   14.487  -1.371  1.00 91.65  ? 4   DC  A H5     1 
ATOM   125  H  H6     . DC  A 1 4  ? 5.585   13.162  -3.132  1.00 99.55  ? 4   DC  A H6     1 
ATOM   126  P  P      . DG  A 1 5  ? 7.248   7.780   -5.421  1.00 123.47 ? 5   DG  A P      1 
ATOM   127  O  OP1    . DG  A 1 5  ? 7.704   6.902   -6.523  1.00 121.79 ? 5   DG  A OP1    1 
ATOM   128  O  OP2    . DG  A 1 5  ? 5.833   7.732   -4.993  1.00 117.72 ? 5   DG  A OP2    1 
ATOM   129  O  "O5'"  . DG  A 1 5  ? 8.178   7.519   -4.144  1.00 107.88 ? 5   DG  A "O5'"  1 
ATOM   130  C  "C5'"  . DG  A 1 5  ? 9.589   7.668   -4.256  1.00 103.47 ? 5   DG  A "C5'"  1 
ATOM   131  C  "C4'"  . DG  A 1 5  ? 10.268  7.480   -2.911  1.00 105.32 ? 5   DG  A "C4'"  1 
ATOM   132  O  "O4'"  . DG  A 1 5  ? 9.891   8.572   -2.027  1.00 101.07 ? 5   DG  A "O4'"  1 
ATOM   133  C  "C3'"  . DG  A 1 5  ? 9.906   6.187   -2.177  1.00 108.17 ? 5   DG  A "C3'"  1 
ATOM   134  O  "O3'"  . DG  A 1 5  ? 11.078  5.574   -1.646  1.00 118.84 ? 5   DG  A "O3'"  1 
ATOM   135  C  "C2'"  . DG  A 1 5  ? 8.936   6.643   -1.089  1.00 98.80  ? 5   DG  A "C2'"  1 
ATOM   136  C  "C1'"  . DG  A 1 5  ? 9.387   8.065   -0.807  1.00 96.73  ? 5   DG  A "C1'"  1 
ATOM   137  N  N9     . DG  A 1 5  ? 8.318   8.950   -0.345  1.00 87.87  ? 5   DG  A N9     1 
ATOM   138  C  C8     . DG  A 1 5  ? 7.072   9.107   -0.903  1.00 88.33  ? 5   DG  A C8     1 
ATOM   139  N  N7     . DG  A 1 5  ? 6.328   9.981   -0.279  1.00 78.80  ? 5   DG  A N7     1 
ATOM   140  C  C5     . DG  A 1 5  ? 7.135   10.436  0.756   1.00 72.89  ? 5   DG  A C5     1 
ATOM   141  C  C6     . DG  A 1 5  ? 6.870   11.392  1.764   1.00 71.43  ? 5   DG  A C6     1 
ATOM   142  O  O6     . DG  A 1 5  ? 5.834   12.047  1.945   1.00 66.59  ? 5   DG  A O6     1 
ATOM   143  N  N1     . DG  A 1 5  ? 7.960   11.560  2.614   1.00 68.56  ? 5   DG  A N1     1 
ATOM   144  C  C2     . DG  A 1 5  ? 9.157   10.884  2.504   1.00 79.63  ? 5   DG  A C2     1 
ATOM   145  N  N2     . DG  A 1 5  ? 10.095  11.172  3.421   1.00 75.49  ? 5   DG  A N2     1 
ATOM   146  N  N3     . DG  A 1 5  ? 9.415   9.986   1.563   1.00 78.30  ? 5   DG  A N3     1 
ATOM   147  C  C4     . DG  A 1 5  ? 8.364   9.812   0.728   1.00 75.60  ? 5   DG  A C4     1 
ATOM   148  H  "H5'"  . DG  A 1 5  ? 9.789   8.556   -4.592  1.00 124.29 ? 5   DG  A "H5'"  1 
ATOM   149  H  "H5''" . DG  A 1 5  ? 9.930   7.007   -4.879  1.00 124.29 ? 5   DG  A "H5''" 1 
ATOM   150  H  "H4'"  . DG  A 1 5  ? 11.228  7.505   -3.042  1.00 126.51 ? 5   DG  A "H4'"  1 
ATOM   151  H  "H3'"  . DG  A 1 5  ? 9.459   5.577   -2.785  1.00 129.93 ? 5   DG  A "H3'"  1 
ATOM   152  H  "H2'"  . DG  A 1 5  ? 8.023   6.631   -1.417  1.00 118.69 ? 5   DG  A "H2'"  1 
ATOM   153  H  "H2''" . DG  A 1 5  ? 9.025   6.091   -0.297  1.00 118.69 ? 5   DG  A "H2''" 1 
ATOM   154  H  "H1'"  . DG  A 1 5  ? 10.099  8.051   -0.148  1.00 116.21 ? 5   DG  A "H1'"  1 
ATOM   155  H  H8     . DG  A 1 5  ? 6.784   8.636   -1.650  1.00 106.13 ? 5   DG  A H8     1 
ATOM   156  H  H1     . DG  A 1 5  ? 7.880   12.125  3.258   1.00 82.40  ? 5   DG  A H1     1 
ATOM   157  H  H21    . DG  A 1 5  ? 10.857  10.776  3.396   1.00 90.72  ? 5   DG  A H21    1 
ATOM   158  H  H22    . DG  A 1 5  ? 9.933   11.754  4.034   1.00 90.72  ? 5   DG  A H22    1 
ATOM   159  P  P      . DA  A 1 6  ? 10.976  4.234   -0.768  1.00 123.05 ? 6   DA  A P      1 
ATOM   160  O  OP1    . DA  A 1 6  ? 12.151  3.392   -1.091  1.00 118.03 ? 6   DA  A OP1    1 
ATOM   161  O  OP2    . DA  A 1 6  ? 9.610   3.686   -0.929  1.00 112.88 ? 6   DA  A OP2    1 
ATOM   162  O  "O5'"  . DA  A 1 6  ? 11.127  4.758   0.733   1.00 101.59 ? 6   DA  A "O5'"  1 
ATOM   163  C  "C5'"  . DA  A 1 6  ? 12.317  5.426   1.133   1.00 98.90  ? 6   DA  A "C5'"  1 
ATOM   164  C  "C4'"  . DA  A 1 6  ? 12.303  5.708   2.622   1.00 108.18 ? 6   DA  A "C4'"  1 
ATOM   165  O  "O4'"  . DA  A 1 6  ? 11.289  6.709   2.909   1.00 98.98  ? 6   DA  A "O4'"  1 
ATOM   166  C  "C3'"  . DA  A 1 6  ? 11.985  4.496   3.498   1.00 110.26 ? 6   DA  A "C3'"  1 
ATOM   167  O  "O3'"  . DA  A 1 6  ? 12.880  4.426   4.605   1.00 114.42 ? 6   DA  A "O3'"  1 
ATOM   168  C  "C2'"  . DA  A 1 6  ? 10.536  4.716   3.929   1.00 96.39  ? 6   DA  A "C2'"  1 
ATOM   169  C  "C1'"  . DA  A 1 6  ? 10.375  6.230   3.877   1.00 91.08  ? 6   DA  A "C1'"  1 
ATOM   170  N  N9     . DA  A 1 6  ? 9.037   6.676   3.494   1.00 83.09  ? 6   DA  A N9     1 
ATOM   171  C  C8     . DA  A 1 6  ? 8.277   6.208   2.455   1.00 87.41  ? 6   DA  A C8     1 
ATOM   172  N  N7     . DA  A 1 6  ? 7.114   6.810   2.336   1.00 79.36  ? 6   DA  A N7     1 
ATOM   173  C  C5     . DA  A 1 6  ? 7.116   7.741   3.362   1.00 72.95  ? 6   DA  A C5     1 
ATOM   174  C  C6     . DA  A 1 6  ? 6.167   8.698   3.777   1.00 75.31  ? 6   DA  A C6     1 
ATOM   175  N  N6     . DA  A 1 6  ? 4.986   8.869   3.176   1.00 76.01  ? 6   DA  A N6     1 
ATOM   176  N  N1     . DA  A 1 6  ? 6.480   9.470   4.838   1.00 73.25  ? 6   DA  A N1     1 
ATOM   177  C  C2     . DA  A 1 6  ? 7.666   9.291   5.438   1.00 74.56  ? 6   DA  A C2     1 
ATOM   178  N  N3     . DA  A 1 6  ? 8.637   8.427   5.139   1.00 73.43  ? 6   DA  A N3     1 
ATOM   179  C  C4     . DA  A 1 6  ? 8.296   7.674   4.083   1.00 74.32  ? 6   DA  A C4     1 
ATOM   180  H  "H5'"  . DA  A 1 6  ? 12.389  6.264   0.650   1.00 118.80 ? 6   DA  A "H5'"  1 
ATOM   181  H  "H5''" . DA  A 1 6  ? 13.082  4.868   0.920   1.00 118.80 ? 6   DA  A "H5''" 1 
ATOM   182  H  "H4'"  . DA  A 1 6  ? 13.171  6.060   2.880   1.00 129.95 ? 6   DA  A "H4'"  1 
ATOM   183  H  "H3'"  . DA  A 1 6  ? 12.051  3.685   2.971   1.00 132.44 ? 6   DA  A "H3'"  1 
ATOM   184  H  "H2'"  . DA  A 1 6  ? 9.927   4.287   3.307   1.00 115.80 ? 6   DA  A "H2'"  1 
ATOM   185  H  "H2''" . DA  A 1 6  ? 10.395  4.389   4.830   1.00 115.80 ? 6   DA  A "H2''" 1 
ATOM   186  H  "H1'"  . DA  A 1 6  ? 10.601  6.604   4.743   1.00 109.42 ? 6   DA  A "H1'"  1 
ATOM   187  H  H8     . DA  A 1 6  ? 8.555   5.524   1.891   1.00 105.02 ? 6   DA  A H8     1 
ATOM   188  H  H61    . DA  A 1 6  ? 4.438   9.465   3.467   1.00 91.35  ? 6   DA  A H61    1 
ATOM   189  H  H62    . DA  A 1 6  ? 4.772   8.384   2.499   1.00 91.35  ? 6   DA  A H62    1 
ATOM   190  H  H2     . DA  A 1 6  ? 7.835   9.848   6.163   1.00 89.60  ? 6   DA  A H2     1 
ATOM   191  P  P      . DC  A 1 7  ? 12.874  3.141   5.567   1.00 117.27 ? 7   DC  A P      1 
ATOM   192  O  OP1    . DC  A 1 7  ? 14.258  2.931   6.053   1.00 111.00 ? 7   DC  A OP1    1 
ATOM   193  O  OP2    . DC  A 1 7  ? 12.174  2.050   4.856   1.00 118.30 ? 7   DC  A OP2    1 
ATOM   194  O  "O5'"  . DC  A 1 7  ? 11.958  3.600   6.793   1.00 107.54 ? 7   DC  A "O5'"  1 
ATOM   195  C  "C5'"  . DC  A 1 7  ? 12.340  4.728   7.558   1.00 105.44 ? 7   DC  A "C5'"  1 
ATOM   196  C  "C4'"  . DC  A 1 7  ? 11.181  5.249   8.388   1.00 109.41 ? 7   DC  A "C4'"  1 
ATOM   197  O  "O4'"  . DC  A 1 7  ? 10.101  5.668   7.520   1.00 105.96 ? 7   DC  A "O4'"  1 
ATOM   198  C  "C3'"  . DC  A 1 7  ? 10.558  4.232   9.353   1.00 100.91 ? 7   DC  A "C3'"  1 
ATOM   199  O  "O3'"  . DC  A 1 7  ? 10.920  4.541   10.701  1.00 111.72 ? 7   DC  A "O3'"  1 
ATOM   200  C  "C2'"  . DC  A 1 7  ? 9.041   4.348   9.105   1.00 97.86  ? 7   DC  A "C2'"  1 
ATOM   201  C  "C1'"  . DC  A 1 7  ? 8.917   5.613   8.271   1.00 95.22  ? 7   DC  A "C1'"  1 
ATOM   202  N  N1     . DC  A 1 7  ? 7.730   5.634   7.347   1.00 78.52  ? 7   DC  A N1     1 
ATOM   203  C  C2     . DC  A 1 7  ? 6.717   6.587   7.540   1.00 79.50  ? 7   DC  A C2     1 
ATOM   204  O  O2     . DC  A 1 7  ? 6.819   7.401   8.467   1.00 82.56  ? 7   DC  A O2     1 
ATOM   205  N  N3     . DC  A 1 7  ? 5.652   6.592   6.701   1.00 73.42  ? 7   DC  A N3     1 
ATOM   206  C  C4     . DC  A 1 7  ? 5.575   5.700   5.713   1.00 75.49  ? 7   DC  A C4     1 
ATOM   207  N  N4     . DC  A 1 7  ? 4.504   5.745   4.915   1.00 74.27  ? 7   DC  A N4     1 
ATOM   208  C  C5     . DC  A 1 7  ? 6.591   4.721   5.501   1.00 70.09  ? 7   DC  A C5     1 
ATOM   209  C  C6     . DC  A 1 7  ? 7.639   4.725   6.334   1.00 76.57  ? 7   DC  A C6     1 
ATOM   210  H  "H5'"  . DC  A 1 7  ? 12.642  5.430   6.959   1.00 126.65 ? 7   DC  A "H5'"  1 
ATOM   211  H  "H5''" . DC  A 1 7  ? 13.067  4.480   8.150   1.00 126.65 ? 7   DC  A "H5''" 1 
ATOM   212  H  "H4'"  . DC  A 1 7  ? 11.484  6.016   8.898   1.00 131.43 ? 7   DC  A "H4'"  1 
ATOM   213  H  "H3'"  . DC  A 1 7  ? 10.860  3.338   9.127   1.00 121.22 ? 7   DC  A "H3'"  1 
ATOM   214  H  "H2'"  . DC  A 1 7  ? 8.716   3.579   8.612   1.00 117.56 ? 7   DC  A "H2'"  1 
ATOM   215  H  "H2''" . DC  A 1 7  ? 8.565   4.444   9.944   1.00 117.56 ? 7   DC  A "H2''" 1 
ATOM   216  H  "H1'"  . DC  A 1 7  ? 8.877   6.382   8.860   1.00 114.39 ? 7   DC  A "H1'"  1 
ATOM   217  H  H41    . DC  A 1 7  ? 4.425   5.182   4.269   1.00 89.25  ? 7   DC  A H41    1 
ATOM   218  H  H42    . DC  A 1 7  ? 3.892   6.334   5.049   1.00 89.25  ? 7   DC  A H42    1 
ATOM   219  H  H5     . DC  A 1 7  ? 6.527   4.104   4.809   1.00 84.23  ? 7   DC  A H5     1 
ATOM   220  H  H6     . DC  A 1 7  ? 8.317   4.097   6.219   1.00 92.02  ? 7   DC  A H6     1 
ATOM   221  P  P      . DA  A 1 8  ? 10.174  3.829   11.936  1.00 124.72 ? 8   DA  A P      1 
ATOM   222  O  OP1    . DA  A 1 8  ? 11.124  3.796   13.071  1.00 127.26 ? 8   DA  A OP1    1 
ATOM   223  O  OP2    . DA  A 1 8  ? 9.569   2.573   11.438  1.00 109.16 ? 8   DA  A OP2    1 
ATOM   224  O  "O5'"  . DA  A 1 8  ? 8.982   4.835   12.295  1.00 104.09 ? 8   DA  A "O5'"  1 
ATOM   225  C  "C5'"  . DA  A 1 8  ? 9.263   6.198   12.600  1.00 104.89 ? 8   DA  A "C5'"  1 
ATOM   226  C  "C4'"  . DA  A 1 8  ? 7.989   6.945   12.950  1.00 98.58  ? 8   DA  A "C4'"  1 
ATOM   227  O  "O4'"  . DA  A 1 8  ? 7.125   6.981   11.781  1.00 99.95  ? 8   DA  A "O4'"  1 
ATOM   228  C  "C3'"  . DA  A 1 8  ? 7.168   6.312   14.078  1.00 101.49 ? 8   DA  A "C3'"  1 
ATOM   229  O  "O3'"  . DA  A 1 8  ? 6.761   7.288   15.034  1.00 105.61 ? 8   DA  A "O3'"  1 
ATOM   230  C  "C2'"  . DA  A 1 8  ? 5.982   5.686   13.359  1.00 100.23 ? 8   DA  A "C2'"  1 
ATOM   231  C  "C1'"  . DA  A 1 8  ? 5.823   6.569   12.136  1.00 95.71  ? 8   DA  A "C1'"  1 
ATOM   232  N  N9     . DA  A 1 8  ? 5.207   5.875   11.007  1.00 83.69  ? 8   DA  A N9     1 
ATOM   233  C  C8     . DA  A 1 8  ? 5.703   4.793   10.337  1.00 83.70  ? 8   DA  A C8     1 
ATOM   234  N  N7     . DA  A 1 8  ? 4.923   4.364   9.374   1.00 84.22  ? 8   DA  A N7     1 
ATOM   235  C  C5     . DA  A 1 8  ? 3.836   5.222   9.419   1.00 72.74  ? 8   DA  A C5     1 
ATOM   236  C  C6     . DA  A 1 8  ? 2.656   5.301   8.654   1.00 76.08  ? 8   DA  A C6     1 
ATOM   237  N  N6     . DA  A 1 8  ? 2.373   4.460   7.653   1.00 75.65  ? 8   DA  A N6     1 
ATOM   238  N  N1     . DA  A 1 8  ? 1.775   6.277   8.959   1.00 78.29  ? 8   DA  A N1     1 
ATOM   239  C  C2     . DA  A 1 8  ? 2.060   7.112   9.967   1.00 77.74  ? 8   DA  A C2     1 
ATOM   240  N  N3     . DA  A 1 8  ? 3.135   7.139   10.752  1.00 76.54  ? 8   DA  A N3     1 
ATOM   241  C  C4     . DA  A 1 8  ? 3.991   6.158   10.424  1.00 76.92  ? 8   DA  A C4     1 
ATOM   242  H  "H5'"  . DA  A 1 8  ? 9.677   6.618   11.830  1.00 126.00 ? 8   DA  A "H5'"  1 
ATOM   243  H  "H5''" . DA  A 1 8  ? 9.874   6.238   13.352  1.00 126.00 ? 8   DA  A "H5''" 1 
ATOM   244  H  "H4'"  . DA  A 1 8  ? 8.217   7.854   13.200  1.00 118.43 ? 8   DA  A "H4'"  1 
ATOM   245  H  "H3'"  . DA  A 1 8  ? 7.689   5.620   14.516  1.00 121.91 ? 8   DA  A "H3'"  1 
ATOM   246  H  "H2'"  . DA  A 1 8  ? 6.181   4.773   13.100  1.00 120.40 ? 8   DA  A "H2'"  1 
ATOM   247  H  "H2''" . DA  A 1 8  ? 5.186   5.722   13.913  1.00 120.40 ? 8   DA  A "H2''" 1 
ATOM   248  H  "H1'"  . DA  A 1 8  ? 5.290   7.346   12.365  1.00 114.98 ? 8   DA  A "H1'"  1 
ATOM   249  H  H8     . DA  A 1 8  ? 6.520   4.398   10.544  1.00 100.57 ? 8   DA  A H8     1 
ATOM   250  H  H61    . DA  A 1 8  ? 1.638   4.546   7.214   1.00 90.91  ? 8   DA  A H61    1 
ATOM   251  H  H62    . DA  A 1 8  ? 2.926   3.834   7.449   1.00 90.91  ? 8   DA  A H62    1 
ATOM   252  H  H2     . DA  A 1 8  ? 1.423   7.769   10.135  1.00 93.42  ? 8   DA  A H2     1 
ATOM   253  P  P      . DC  A 1 9  ? 5.906   6.840   16.320  1.00 118.19 ? 9   DC  A P      1 
ATOM   254  O  OP1    . DC  A 1 9  ? 6.166   7.814   17.405  1.00 106.59 ? 9   DC  A OP1    1 
ATOM   255  O  OP2    . DC  A 1 9  ? 6.166   5.399   16.539  1.00 98.69  ? 9   DC  A OP2    1 
ATOM   256  O  "O5'"  . DC  A 1 9  ? 4.382   6.995   15.848  1.00 99.43  ? 9   DC  A "O5'"  1 
ATOM   257  C  "C5'"  . DC  A 1 9  ? 3.841   8.290   15.624  1.00 95.49  ? 9   DC  A "C5'"  1 
ATOM   258  C  "C4'"  . DC  A 1 9  ? 2.436   8.208   15.052  1.00 100.18 ? 9   DC  A "C4'"  1 
ATOM   259  O  "O4'"  . DC  A 1 9  ? 2.443   7.374   13.860  1.00 98.18  ? 9   DC  A "O4'"  1 
ATOM   260  C  "C3'"  . DC  A 1 9  ? 1.381   7.598   15.992  1.00 100.64 ? 9   DC  A "C3'"  1 
ATOM   261  O  "O3'"  . DC  A 1 9  ? 0.292   8.507   16.182  1.00 93.00  ? 9   DC  A "O3'"  1 
ATOM   262  C  "C2'"  . DC  A 1 9  ? 0.951   6.315   15.278  1.00 100.88 ? 9   DC  A "C2'"  1 
ATOM   263  C  "C1'"  . DC  A 1 9  ? 1.245   6.636   13.827  1.00 93.40  ? 9   DC  A "C1'"  1 
ATOM   264  N  N1     . DC  A 1 9  ? 1.423   5.431   12.957  1.00 80.59  ? 9   DC  A N1     1 
ATOM   265  C  C2     . DC  A 1 9  ? 0.438   5.106   12.012  1.00 81.95  ? 9   DC  A C2     1 
ATOM   266  O  O2     . DC  A 1 9  ? -0.565  5.826   11.908  1.00 85.67  ? 9   DC  A O2     1 
ATOM   267  N  N3     . DC  A 1 9  ? 0.613   4.009   11.233  1.00 73.66  ? 9   DC  A N3     1 
ATOM   268  C  C4     . DC  A 1 9  ? 1.708   3.257   11.374  1.00 78.15  ? 9   DC  A C4     1 
ATOM   269  N  N4     . DC  A 1 9  ? 1.839   2.185   10.586  1.00 78.55  ? 9   DC  A N4     1 
ATOM   270  C  C5     . DC  A 1 9  ? 2.718   3.570   12.332  1.00 79.64  ? 9   DC  A C5     1 
ATOM   271  C  C6     . DC  A 1 9  ? 2.536   4.655   13.093  1.00 83.77  ? 9   DC  A C6     1 
ATOM   272  H  "H5'"  . DC  A 1 9  ? 4.410   8.768   15.002  1.00 114.72 ? 9   DC  A "H5'"  1 
ATOM   273  H  "H5''" . DC  A 1 9  ? 3.814   8.772   16.465  1.00 114.72 ? 9   DC  A "H5''" 1 
ATOM   274  H  "H4'"  . DC  A 1 9  ? 2.151   9.101   14.804  1.00 120.35 ? 9   DC  A "H4'"  1 
ATOM   275  H  "H3'"  . DC  A 1 9  ? 1.787   7.382   16.846  1.00 120.90 ? 9   DC  A "H3'"  1 
ATOM   276  H  "H2'"  . DC  A 1 9  ? 1.480   5.560   15.578  1.00 121.19 ? 9   DC  A "H2'"  1 
ATOM   277  H  "H2''" . DC  A 1 9  ? 0.004   6.150   15.409  1.00 121.19 ? 9   DC  A "H2''" 1 
ATOM   278  H  "H1'"  . DC  A 1 9  ? 0.536   7.191   13.469  1.00 112.21 ? 9   DC  A "H1'"  1 
ATOM   279  H  H41    . DC  A 1 9  ? 2.533   1.683   10.654  1.00 94.39  ? 9   DC  A H41    1 
ATOM   280  H  H42    . DC  A 1 9  ? 1.228   1.999   10.010  1.00 94.39  ? 9   DC  A H42    1 
ATOM   281  H  H5     . DC  A 1 9  ? 3.476   3.040   12.422  1.00 95.69  ? 9   DC  A H5     1 
ATOM   282  H  H6     . DC  A 1 9  ? 3.178   4.883   13.727  1.00 100.66 ? 9   DC  A H6     1 
ATOM   283  P  P      . DT  A 1 10 ? -0.933  8.123   17.152  1.00 112.83 ? 10  DT  A P      1 
ATOM   284  O  OP1    . DT  A 1 10 ? -1.617  9.381   17.529  1.00 110.11 ? 10  DT  A OP1    1 
ATOM   285  O  OP2    . DT  A 1 10 ? -0.416  7.216   18.202  1.00 110.19 ? 10  DT  A OP2    1 
ATOM   286  O  "O5'"  . DT  A 1 10 ? -1.912  7.274   16.216  1.00 102.77 ? 10  DT  A "O5'"  1 
ATOM   287  C  "C5'"  . DT  A 1 10 ? -2.267  7.767   14.934  1.00 101.69 ? 10  DT  A "C5'"  1 
ATOM   288  C  "C4'"  . DT  A 1 10 ? -3.726  7.474   14.614  1.00 103.22 ? 10  DT  A "C4'"  1 
ATOM   289  O  "O4'"  . DT  A 1 10 ? -3.804  6.447   13.586  1.00 101.92 ? 10  DT  A "O4'"  1 
ATOM   290  C  "C3'"  . DT  A 1 10 ? -4.552  6.935   15.771  1.00 98.62  ? 10  DT  A "C3'"  1 
ATOM   291  O  "O3'"  . DT  A 1 10 ? -5.923  7.302   15.617  1.00 94.07  ? 10  DT  A "O3'"  1 
ATOM   292  C  "C2'"  . DT  A 1 10 ? -4.334  5.434   15.650  1.00 94.55  ? 10  DT  A "C2'"  1 
ATOM   293  C  "C1'"  . DT  A 1 10 ? -4.325  5.242   14.134  1.00 87.71  ? 10  DT  A "C1'"  1 
ATOM   294  N  N1     . DT  A 1 10 ? -3.485  4.102   13.627  1.00 74.23  ? 10  DT  A N1     1 
ATOM   295  C  C2     . DT  A 1 10 ? -3.956  3.345   12.577  1.00 74.23  ? 10  DT  A C2     1 
ATOM   296  O  O2     . DT  A 1 10 ? -5.041  3.531   12.054  1.00 79.63  ? 10  DT  A O2     1 
ATOM   297  N  N3     . DT  A 1 10 ? -3.115  2.352   12.162  1.00 66.58  ? 10  DT  A N3     1 
ATOM   298  C  C4     . DT  A 1 10 ? -1.870  2.045   12.671  1.00 75.07  ? 10  DT  A C4     1 
ATOM   299  O  O4     . DT  A 1 10 ? -1.186  1.125   12.226  1.00 72.05  ? 10  DT  A O4     1 
ATOM   300  C  C5     . DT  A 1 10 ? -1.428  2.878   13.762  1.00 77.61  ? 10  DT  A C5     1 
ATOM   301  C  C7     . DT  A 1 10 ? -0.093  2.632   14.394  1.00 79.73  ? 10  DT  A C7     1 
ATOM   302  C  C6     . DT  A 1 10 ? -2.242  3.862   14.178  1.00 73.65  ? 10  DT  A C6     1 
ATOM   303  H  "H5'"  . DT  A 1 10 ? -1.705  7.346   14.265  1.00 122.16 ? 10  DT  A "H5'"  1 
ATOM   304  H  "H5''" . DT  A 1 10 ? -2.124  8.726   14.911  1.00 122.16 ? 10  DT  A "H5''" 1 
ATOM   305  H  "H4'"  . DT  A 1 10 ? -4.143  8.284   14.280  1.00 123.99 ? 10  DT  A "H4'"  1 
ATOM   306  H  "H3'"  . DT  A 1 10 ? -4.204  7.261   16.616  1.00 118.47 ? 10  DT  A "H3'"  1 
ATOM   307  H  "H2'"  . DT  A 1 10 ? -3.482  5.175   16.036  1.00 113.59 ? 10  DT  A "H2'"  1 
ATOM   308  H  "H2''" . DT  A 1 10 ? -5.065  4.943   16.056  1.00 113.59 ? 10  DT  A "H2''" 1 
ATOM   309  H  "H1'"  . DT  A 1 10 ? -5.238  5.124   13.826  1.00 105.38 ? 10  DT  A "H1'"  1 
ATOM   310  H  H3     . DT  A 1 10 ? -3.394  1.862   11.513  1.00 80.02  ? 10  DT  A H3     1 
ATOM   311  H  H71    . DT  A 1 10 ? 0.461   3.423   14.301  1.00 95.81  ? 10  DT  A H71    1 
ATOM   312  H  H72    . DT  A 1 10 ? -0.213  2.430   15.336  1.00 95.81  ? 10  DT  A H72    1 
ATOM   313  H  H73    . DT  A 1 10 ? 0.340   1.882   13.957  1.00 95.81  ? 10  DT  A H73    1 
ATOM   314  H  H6     . DT  A 1 10 ? -1.958  4.401   14.881  1.00 88.51  ? 10  DT  A H6     1 
ATOM   315  P  P      . DG  A 1 11 ? -6.944  7.175   16.850  1.00 102.48 ? 11  DG  A P      1 
ATOM   316  O  OP1    . DG  A 1 11 ? -7.738  8.423   16.901  1.00 100.64 ? 11  DG  A OP1    1 
ATOM   317  O  OP2    . DG  A 1 11 ? -6.171  6.731   18.034  1.00 92.69  ? 11  DG  A OP2    1 
ATOM   318  O  "O5'"  . DG  A 1 11 ? -7.914  5.980   16.420  1.00 91.89  ? 11  DG  A "O5'"  1 
ATOM   319  C  "C5'"  . DG  A 1 11 ? -8.718  6.099   15.254  1.00 93.68  ? 11  DG  A "C5'"  1 
ATOM   320  C  "C4'"  . DG  A 1 11 ? -9.388  4.779   14.926  1.00 91.60  ? 11  DG  A "C4'"  1 
ATOM   321  O  "O4'"  . DG  A 1 11 ? -8.404  3.861   14.366  1.00 94.66  ? 11  DG  A "O4'"  1 
ATOM   322  C  "C3'"  . DG  A 1 11 ? -9.989  4.045   16.125  1.00 91.24  ? 11  DG  A "C3'"  1 
ATOM   323  O  "O3'"  . DG  A 1 11 ? -11.181 3.369   15.748  1.00 91.63  ? 11  DG  A "O3'"  1 
ATOM   324  C  "C2'"  . DG  A 1 11 ? -8.884  3.077   16.504  1.00 82.81  ? 11  DG  A "C2'"  1 
ATOM   325  C  "C1'"  . DG  A 1 11 ? -8.384  2.673   15.133  1.00 78.16  ? 11  DG  A "C1'"  1 
ATOM   326  N  N9     . DG  A 1 11 ? -7.040  2.107   15.104  1.00 70.84  ? 11  DG  A N9     1 
ATOM   327  C  C8     . DG  A 1 11 ? -5.971  2.428   15.908  1.00 68.96  ? 11  DG  A C8     1 
ATOM   328  N  N7     . DG  A 1 11 ? -4.892  1.744   15.632  1.00 66.00  ? 11  DG  A N7     1 
ATOM   329  C  C5     . DG  A 1 11 ? -5.276  0.917   14.580  1.00 59.57  ? 11  DG  A C5     1 
ATOM   330  C  C6     . DG  A 1 11 ? -4.535  -0.048  13.858  1.00 60.43  ? 11  DG  A C6     1 
ATOM   331  O  O6     . DG  A 1 11 ? -3.349  -0.376  14.009  1.00 59.24  ? 11  DG  A O6     1 
ATOM   332  N  N1     . DG  A 1 11 ? -5.307  -0.659  12.872  1.00 62.29  ? 11  DG  A N1     1 
ATOM   333  C  C2     . DG  A 1 11 ? -6.630  -0.373  12.616  1.00 65.54  ? 11  DG  A C2     1 
ATOM   334  N  N2     . DG  A 1 11 ? -7.215  -1.068  11.624  1.00 56.00  ? 11  DG  A N2     1 
ATOM   335  N  N3     . DG  A 1 11 ? -7.333  0.529   13.286  1.00 61.09  ? 11  DG  A N3     1 
ATOM   336  C  C4     . DG  A 1 11 ? -6.593  1.131   14.248  1.00 64.05  ? 11  DG  A C4     1 
ATOM   337  H  "H5'"  . DG  A 1 11 ? -8.159  6.368   14.507  1.00 112.54 ? 11  DG  A "H5'"  1 
ATOM   338  H  "H5''" . DG  A 1 11 ? -9.398  6.775   15.403  1.00 112.54 ? 11  DG  A "H5''" 1 
ATOM   339  H  "H4'"  . DG  A 1 11 ? -10.085 4.933   14.269  1.00 110.05 ? 11  DG  A "H4'"  1 
ATOM   340  H  "H3'"  . DG  A 1 11 ? -10.162 4.665   16.851  1.00 109.62 ? 11  DG  A "H3'"  1 
ATOM   341  H  "H2'"  . DG  A 1 11 ? -8.187  3.523   17.012  1.00 99.50  ? 11  DG  A "H2'"  1 
ATOM   342  H  "H2''" . DG  A 1 11 ? -9.239  2.313   16.985  1.00 99.50  ? 11  DG  A "H2''" 1 
ATOM   343  H  "H1'"  . DG  A 1 11 ? -9.004  2.036   14.745  1.00 93.92  ? 11  DG  A "H1'"  1 
ATOM   344  H  H8     . DG  A 1 11 ? -6.011  3.073   16.578  1.00 82.88  ? 11  DG  A H8     1 
ATOM   345  H  H1     . DG  A 1 11 ? -4.930  -1.261  12.387  1.00 74.87  ? 11  DG  A H1     1 
ATOM   346  H  H21    . DG  A 1 11 ? -8.041  -0.927  11.429  1.00 67.33  ? 11  DG  A H21    1 
ATOM   347  H  H22    . DG  A 1 11 ? -6.764  -1.654  11.185  1.00 67.33  ? 11  DG  A H22    1 
ATOM   348  P  P      . DA  A 1 12 ? -12.431 3.311   16.751  1.00 94.77  ? 12  DA  A P      1 
ATOM   349  O  OP1    . DA  A 1 12 ? -13.344 4.421   16.397  1.00 104.06 ? 12  DA  A OP1    1 
ATOM   350  O  OP2    . DA  A 1 12 ? -11.882 3.206   18.123  1.00 93.16  ? 12  DA  A OP2    1 
ATOM   351  O  "O5'"  . DA  A 1 12 ? -13.144 1.925   16.393  1.00 92.89  ? 12  DA  A "O5'"  1 
ATOM   352  C  "C5'"  . DA  A 1 12 ? -13.321 1.530   15.031  1.00 85.25  ? 12  DA  A "C5'"  1 
ATOM   353  C  "C4'"  . DA  A 1 12 ? -13.069 0.035   14.859  1.00 97.59  ? 12  DA  A "C4'"  1 
ATOM   354  O  "O4'"  . DA  A 1 12 ? -11.654 -0.180  14.671  1.00 95.17  ? 12  DA  A "O4'"  1 
ATOM   355  C  "C3'"  . DA  A 1 12 ? -13.480 -0.836  16.052  1.00 95.62  ? 12  DA  A "C3'"  1 
ATOM   356  O  "O3'"  . DA  A 1 12 ? -14.698 -1.535  15.778  1.00 88.74  ? 12  DA  A "O3'"  1 
ATOM   357  C  "C2'"  . DA  A 1 12 ? -12.300 -1.798  16.271  1.00 91.56  ? 12  DA  A "C2'"  1 
ATOM   358  C  "C1'"  . DA  A 1 12 ? -11.279 -1.431  15.197  1.00 78.55  ? 12  DA  A "C1'"  1 
ATOM   359  N  N9     . DA  A 1 12 ? -9.919  -1.316  15.714  1.00 69.86  ? 12  DA  A N9     1 
ATOM   360  C  C8     . DA  A 1 12 ? -9.487  -0.472  16.697  1.00 70.78  ? 12  DA  A C8     1 
ATOM   361  N  N7     . DA  A 1 12 ? -8.207  -0.581  16.964  1.00 68.96  ? 12  DA  A N7     1 
ATOM   362  C  C5     . DA  A 1 12 ? -7.768  -1.564  16.095  1.00 62.21  ? 12  DA  A C5     1 
ATOM   363  C  C6     . DA  A 1 12 ? -6.502  -2.141  15.881  1.00 65.82  ? 12  DA  A C6     1 
ATOM   364  N  N6     . DA  A 1 12 ? -5.408  -1.785  16.570  1.00 63.84  ? 12  DA  A N6     1 
ATOM   365  N  N1     . DA  A 1 12 ? -6.404  -3.101  14.935  1.00 65.77  ? 12  DA  A N1     1 
ATOM   366  C  C2     . DA  A 1 12 ? -7.507  -3.450  14.255  1.00 67.94  ? 12  DA  A C2     1 
ATOM   367  N  N3     . DA  A 1 12 ? -8.750  -2.980  14.371  1.00 63.89  ? 12  DA  A N3     1 
ATOM   368  C  C4     . DA  A 1 12 ? -8.812  -2.030  15.317  1.00 64.42  ? 12  DA  A C4     1 
ATOM   369  H  "H5'"  . DA  A 1 12 ? -12.701 2.024   14.473  1.00 102.43 ? 12  DA  A "H5'"  1 
ATOM   370  H  "H5''" . DA  A 1 12 ? -14.229 1.733   14.757  1.00 102.43 ? 12  DA  A "H5''" 1 
ATOM   371  H  "H4'"  . DA  A 1 12 ? -13.540 -0.273  14.070  1.00 117.24 ? 12  DA  A "H4'"  1 
ATOM   372  H  "H3'"  . DA  A 1 12 ? -13.593 -0.279  16.838  1.00 114.88 ? 12  DA  A "H3'"  1 
ATOM   373  H  "HO3'" . DA  A 1 12 ? -14.711 -2.375  15.789  1.00 106.61 ? 12  DA  A "HO3'" 1 
ATOM   374  H  "H2'"  . DA  A 1 12 ? -11.921 -1.670  17.154  1.00 110.00 ? 12  DA  A "H2'"  1 
ATOM   375  H  "H2''" . DA  A 1 12 ? -12.591 -2.717  16.158  1.00 110.00 ? 12  DA  A "H2''" 1 
ATOM   376  H  "H1'"  . DA  A 1 12 ? -11.300 -2.096  14.492  1.00 94.39  ? 12  DA  A "H1'"  1 
ATOM   377  H  H8     . DA  A 1 12 ? -10.049 0.124   17.138  1.00 85.07  ? 12  DA  A H8     1 
ATOM   378  H  H61    . DA  A 1 12 ? -4.655  -2.167  16.406  1.00 76.74  ? 12  DA  A H61    1 
ATOM   379  H  H62    . DA  A 1 12 ? -5.460  -1.176  17.173  1.00 76.74  ? 12  DA  A H62    1 
ATOM   380  H  H2     . DA  A 1 12 ? -7.389  -4.116  13.616  1.00 81.66  ? 12  DA  A H2     1 
ATOM   381  P  P      . DC  B 2 1  ? -17.467 -18.064 4.157   1.00 121.24 ? 12  DC  B P      1 
ATOM   382  O  OP1    . DC  B 2 1  ? -16.463 -18.830 4.926   1.00 116.22 ? 12  DC  B OP1    1 
ATOM   383  O  OP2    . DC  B 2 1  ? -18.719 -17.628 4.824   1.00 116.71 ? 12  DC  B OP2    1 
ATOM   384  O  "O5'"  . DC  B 2 1  ? -16.740 -16.801 3.491   1.00 86.71  ? 12  DC  B "O5'"  1 
ATOM   385  C  "C5'"  . DC  B 2 1  ? -15.828 -16.992 2.415   1.00 90.23  ? 12  DC  B "C5'"  1 
ATOM   386  C  "C4'"  . DC  B 2 1  ? -16.334 -16.331 1.140   1.00 81.16  ? 12  DC  B "C4'"  1 
ATOM   387  O  "O4'"  . DC  B 2 1  ? -16.533 -14.927 1.378   1.00 84.27  ? 12  DC  B "O4'"  1 
ATOM   388  C  "C3'"  . DC  B 2 1  ? -15.371 -16.414 -0.049  1.00 93.65  ? 12  DC  B "C3'"  1 
ATOM   389  O  "O3'"  . DC  B 2 1  ? -15.857 -17.329 -1.007  1.00 101.06 ? 12  DC  B "O3'"  1 
ATOM   390  C  "C2'"  . DC  B 2 1  ? -15.304 -14.988 -0.623  1.00 84.39  ? 12  DC  B "C2'"  1 
ATOM   391  C  "C1'"  . DC  B 2 1  ? -16.357 -14.226 0.170   1.00 76.34  ? 12  DC  B "C1'"  1 
ATOM   392  N  N1     . DC  B 2 1  ? -15.962 -12.818 0.495   1.00 67.76  ? 12  DC  B N1     1 
ATOM   393  C  C2     . DC  B 2 1  ? -16.403 -11.765 -0.317  1.00 66.19  ? 12  DC  B C2     1 
ATOM   394  O  O2     . DC  B 2 1  ? -17.105 -12.016 -1.305  1.00 64.24  ? 12  DC  B O2     1 
ATOM   395  N  N3     . DC  B 2 1  ? -16.044 -10.495 0.001   1.00 62.46  ? 12  DC  B N3     1 
ATOM   396  C  C4     . DC  B 2 1  ? -15.284 -10.266 1.073   1.00 63.75  ? 12  DC  B C4     1 
ATOM   397  N  N4     . DC  B 2 1  ? -14.955 -8.999  1.343   1.00 64.42  ? 12  DC  B N4     1 
ATOM   398  C  C5     . DC  B 2 1  ? -14.828 -11.324 1.914   1.00 59.95  ? 12  DC  B C5     1 
ATOM   399  C  C6     . DC  B 2 1  ? -15.188 -12.570 1.590   1.00 64.48  ? 12  DC  B C6     1 
ATOM   400  P  P      . DG  B 2 2  ? -14.827 -18.133 -1.937  1.00 97.66  ? 13  DG  B P      1 
ATOM   401  O  OP1    . DG  B 2 2  ? -15.595 -19.220 -2.593  1.00 95.52  ? 13  DG  B OP1    1 
ATOM   402  O  OP2    . DG  B 2 2  ? -13.632 -18.442 -1.120  1.00 95.55  ? 13  DG  B OP2    1 
ATOM   403  O  "O5'"  . DG  B 2 2  ? -14.388 -17.056 -3.031  1.00 80.21  ? 13  DG  B "O5'"  1 
ATOM   404  C  "C5'"  . DG  B 2 2  ? -14.931 -17.117 -4.337  1.00 93.39  ? 13  DG  B "C5'"  1 
ATOM   405  C  "C4'"  . DG  B 2 2  ? -15.231 -15.729 -4.873  1.00 88.20  ? 13  DG  B "C4'"  1 
ATOM   406  O  "O4'"  . DG  B 2 2  ? -15.126 -14.760 -3.814  1.00 88.97  ? 13  DG  B "O4'"  1 
ATOM   407  C  "C3'"  . DG  B 2 2  ? -14.274 -15.237 -5.947  1.00 89.83  ? 13  DG  B "C3'"  1 
ATOM   408  O  "O3'"  . DG  B 2 2  ? -14.771 -15.573 -7.233  1.00 93.83  ? 13  DG  B "O3'"  1 
ATOM   409  C  "C2'"  . DG  B 2 2  ? -14.197 -13.716 -5.721  1.00 87.33  ? 13  DG  B "C2'"  1 
ATOM   410  C  "C1'"  . DG  B 2 2  ? -14.905 -13.490 -4.386  1.00 79.50  ? 13  DG  B "C1'"  1 
ATOM   411  N  N9     . DG  B 2 2  ? -14.157 -12.678 -3.430  1.00 71.75  ? 13  DG  B N9     1 
ATOM   412  C  C8     . DG  B 2 2  ? -13.454 -13.128 -2.336  1.00 67.65  ? 13  DG  B C8     1 
ATOM   413  N  N7     . DG  B 2 2  ? -12.915 -12.171 -1.634  1.00 65.36  ? 13  DG  B N7     1 
ATOM   414  C  C5     . DG  B 2 2  ? -13.288 -11.011 -2.299  1.00 61.76  ? 13  DG  B C5     1 
ATOM   415  C  C6     . DG  B 2 2  ? -12.996 -9.665  -2.000  1.00 62.61  ? 13  DG  B C6     1 
ATOM   416  O  O6     . DG  B 2 2  ? -12.326 -9.218  -1.058  1.00 61.88  ? 13  DG  B O6     1 
ATOM   417  N  N1     . DG  B 2 2  ? -13.568 -8.794  -2.925  1.00 65.74  ? 13  DG  B N1     1 
ATOM   418  C  C2     . DG  B 2 2  ? -14.326 -9.180  -4.004  1.00 65.02  ? 13  DG  B C2     1 
ATOM   419  N  N2     . DG  B 2 2  ? -14.796 -8.188  -4.778  1.00 63.91  ? 13  DG  B N2     1 
ATOM   420  N  N3     . DG  B 2 2  ? -14.612 -10.443 -4.298  1.00 61.42  ? 13  DG  B N3     1 
ATOM   421  C  C4     . DG  B 2 2  ? -14.060 -11.303 -3.403  1.00 66.15  ? 13  DG  B C4     1 
ATOM   422  H  "H5'"  . DG  B 2 2  ? -15.752 -17.634 -4.316  1.00 112.20 ? 13  DG  B "H5'"  1 
ATOM   423  H  "H5''" . DG  B 2 2  ? -14.296 -17.554 -4.924  1.00 112.20 ? 13  DG  B "H5''" 1 
ATOM   424  H  "H4'"  . DG  B 2 2  ? -16.134 -15.716 -5.224  1.00 105.97 ? 13  DG  B "H4'"  1 
ATOM   425  H  "H3'"  . DG  B 2 2  ? -13.399 -15.635 -5.816  1.00 107.93 ? 13  DG  B "H3'"  1 
ATOM   426  H  "H2'"  . DG  B 2 2  ? -13.273 -13.428 -5.665  1.00 104.92 ? 13  DG  B "H2'"  1 
ATOM   427  H  "H2''" . DG  B 2 2  ? -14.658 -13.245 -6.432  1.00 104.92 ? 13  DG  B "H2''" 1 
ATOM   428  H  "H1'"  . DG  B 2 2  ? -15.762 -13.067 -4.554  1.00 95.53  ? 13  DG  B "H1'"  1 
ATOM   429  H  H8     . DG  B 2 2  ? -13.371 -14.029 -2.120  1.00 81.31  ? 13  DG  B H8     1 
ATOM   430  H  H1     . DG  B 2 2  ? -13.435 -7.952  -2.813  1.00 79.02  ? 13  DG  B H1     1 
ATOM   431  H  H21    . DG  B 2 2  ? -15.281 -8.371  -5.464  1.00 76.82  ? 13  DG  B H21    1 
ATOM   432  H  H22    . DG  B 2 2  ? -14.611 -7.370  -4.588  1.00 76.82  ? 13  DG  B H22    1 
ATOM   433  P  P      . DT  B 2 3  ? -13.762 -15.932 -8.427  1.00 100.55 ? 14  DT  B P      1 
ATOM   434  O  OP1    . DT  B 2 3  ? -14.544 -16.614 -9.481  1.00 103.61 ? 14  DT  B OP1    1 
ATOM   435  O  OP2    . DT  B 2 3  ? -12.569 -16.587 -7.847  1.00 95.42  ? 14  DT  B OP2    1 
ATOM   436  O  "O5'"  . DT  B 2 3  ? -13.310 -14.504 -8.972  1.00 89.00  ? 14  DT  B "O5'"  1 
ATOM   437  C  "C5'"  . DT  B 2 3  ? -14.280 -13.494 -9.166  1.00 92.90  ? 14  DT  B "C5'"  1 
ATOM   438  C  "C4'"  . DT  B 2 3  ? -13.645 -12.121 -9.099  1.00 93.82  ? 14  DT  B "C4'"  1 
ATOM   439  O  "O4'"  . DT  B 2 3  ? -13.293 -11.797 -7.731  1.00 87.36  ? 14  DT  B "O4'"  1 
ATOM   440  C  "C3'"  . DT  B 2 3  ? -12.342 -11.978 -9.895  1.00 90.14  ? 14  DT  B "C3'"  1 
ATOM   441  O  "O3'"  . DT  B 2 3  ? -12.549 -11.187 -11.053 1.00 95.44  ? 14  DT  B "O3'"  1 
ATOM   442  C  "C2'"  . DT  B 2 3  ? -11.367 -11.320 -8.908  1.00 85.30  ? 14  DT  B "C2'"  1 
ATOM   443  C  "C1'"  . DT  B 2 3  ? -12.283 -10.830 -7.802  1.00 80.88  ? 14  DT  B "C1'"  1 
ATOM   444  N  N1     . DT  B 2 3  ? -11.600 -10.668 -6.470  1.00 72.98  ? 14  DT  B N1     1 
ATOM   445  C  C2     . DT  B 2 3  ? -11.360 -9.394  -6.003  1.00 72.32  ? 14  DT  B C2     1 
ATOM   446  O  O2     . DT  B 2 3  ? -11.693 -8.386  -6.607  1.00 75.98  ? 14  DT  B O2     1 
ATOM   447  N  N3     . DT  B 2 3  ? -10.720 -9.334  -4.795  1.00 59.11  ? 14  DT  B N3     1 
ATOM   448  C  C4     . DT  B 2 3  ? -10.296 -10.397 -4.022  1.00 63.70  ? 14  DT  B C4     1 
ATOM   449  O  O4     . DT  B 2 3  ? -9.727  -10.240 -2.945  1.00 60.76  ? 14  DT  B O4     1 
ATOM   450  C  C5     . DT  B 2 3  ? -10.568 -11.707 -4.568  1.00 61.61  ? 14  DT  B C5     1 
ATOM   451  C  C7     . DT  B 2 3  ? -10.151 -12.934 -3.812  1.00 58.88  ? 14  DT  B C7     1 
ATOM   452  C  C6     . DT  B 2 3  ? -11.194 -11.781 -5.757  1.00 65.72  ? 14  DT  B C6     1 
ATOM   453  H  "H5'"  . DT  B 2 3  ? -14.959 -13.566 -8.477  1.00 111.60 ? 14  DT  B "H5'"  1 
ATOM   454  H  "H5''" . DT  B 2 3  ? -14.694 -13.612 -10.035 1.00 111.60 ? 14  DT  B "H5''" 1 
ATOM   455  H  "H4'"  . DT  B 2 3  ? -14.283 -11.466 -9.422  1.00 112.72 ? 14  DT  B "H4'"  1 
ATOM   456  H  "H3'"  . DT  B 2 3  ? -12.014 -12.855 -10.148 1.00 108.30 ? 14  DT  B "H3'"  1 
ATOM   457  H  "H2'"  . DT  B 2 3  ? -10.735 -11.971 -8.567  1.00 102.48 ? 14  DT  B "H2'"  1 
ATOM   458  H  "H2''" . DT  B 2 3  ? -10.906 -10.578 -9.326  1.00 102.48 ? 14  DT  B "H2''" 1 
ATOM   459  H  "H1'"  . DT  B 2 3  ? -12.672 -9.982  -8.065  1.00 97.18  ? 14  DT  B "H1'"  1 
ATOM   460  H  H3     . DT  B 2 3  ? -10.563 -8.549  -4.484  1.00 71.06  ? 14  DT  B H3     1 
ATOM   461  H  H71    . DT  B 2 3  ? -10.933 -13.471 -3.609  1.00 70.79  ? 14  DT  B H71    1 
ATOM   462  H  H72    . DT  B 2 3  ? -9.535  -13.453 -4.353  1.00 70.79  ? 14  DT  B H72    1 
ATOM   463  H  H73    . DT  B 2 3  ? -9.714  -12.673 -2.987  1.00 70.79  ? 14  DT  B H73    1 
ATOM   464  H  H6     . DT  B 2 3  ? -11.374 -12.622 -6.110  1.00 78.99  ? 14  DT  B H6     1 
ATOM   465  P  P      . DC  B 2 4  ? -11.332 -10.910 -12.061 1.00 104.30 ? 15  DC  B P      1 
ATOM   466  O  OP1    . DC  B 2 4  ? -11.914 -10.662 -13.399 1.00 103.63 ? 15  DC  B OP1    1 
ATOM   467  O  OP2    . DC  B 2 4  ? -10.336 -11.991 -11.872 1.00 90.74  ? 15  DC  B OP2    1 
ATOM   468  O  "O5'"  . DC  B 2 4  ? -10.694 -9.551  -11.517 1.00 86.09  ? 15  DC  B "O5'"  1 
ATOM   469  C  "C5'"  . DC  B 2 4  ? -11.468 -8.357  -11.499 1.00 83.96  ? 15  DC  B "C5'"  1 
ATOM   470  C  "C4'"  . DC  B 2 4  ? -10.646 -7.197  -10.972 1.00 81.13  ? 15  DC  B "C4'"  1 
ATOM   471  O  "O4'"  . DC  B 2 4  ? -10.368 -7.412  -9.576  1.00 79.19  ? 15  DC  B "O4'"  1 
ATOM   472  C  "C3'"  . DC  B 2 4  ? -9.283  -7.023  -11.643 1.00 89.55  ? 15  DC  B "C3'"  1 
ATOM   473  O  "O3'"  . DC  B 2 4  ? -9.290  -5.903  -12.517 1.00 101.01 ? 15  DC  B "O3'"  1 
ATOM   474  C  "C2'"  . DC  B 2 4  ? -8.294  -6.839  -10.483 1.00 84.43  ? 15  DC  B "C2'"  1 
ATOM   475  C  "C1'"  . DC  B 2 4  ? -9.173  -6.762  -9.244  1.00 66.78  ? 15  DC  B "C1'"  1 
ATOM   476  N  N1     . DC  B 2 4  ? -8.597  -7.426  -8.027  1.00 57.67  ? 15  DC  B N1     1 
ATOM   477  C  C2     . DC  B 2 4  ? -8.007  -6.650  -7.022  1.00 64.58  ? 15  DC  B C2     1 
ATOM   478  O  O2     . DC  B 2 4  ? -7.955  -5.419  -7.159  1.00 68.95  ? 15  DC  B O2     1 
ATOM   479  N  N3     . DC  B 2 4  ? -7.502  -7.268  -5.924  1.00 60.45  ? 15  DC  B N3     1 
ATOM   480  C  C4     . DC  B 2 4  ? -7.576  -8.595  -5.811  1.00 59.76  ? 15  DC  B C4     1 
ATOM   481  N  N4     . DC  B 2 4  ? -7.063  -9.159  -4.713  1.00 56.78  ? 15  DC  B N4     1 
ATOM   482  C  C5     . DC  B 2 4  ? -8.175  -9.402  -6.819  1.00 59.45  ? 15  DC  B C5     1 
ATOM   483  C  C6     . DC  B 2 4  ? -8.671  -8.781  -7.899  1.00 61.26  ? 15  DC  B C6     1 
ATOM   484  H  "H5'"  . DC  B 2 4  ? -12.241 -8.486  -10.928 1.00 100.88 ? 15  DC  B "H5'"  1 
ATOM   485  H  "H5''" . DC  B 2 4  ? -11.765 -8.156  -12.400 1.00 100.88 ? 15  DC  B "H5''" 1 
ATOM   486  H  "H4'"  . DC  B 2 4  ? -11.156 -6.378  -11.072 1.00 97.49  ? 15  DC  B "H4'"  1 
ATOM   487  H  "H3'"  . DC  B 2 4  ? -9.059  -7.826  -12.139 1.00 107.58 ? 15  DC  B "H3'"  1 
ATOM   488  H  "H2'"  . DC  B 2 4  ? -7.695  -7.600  -10.425 1.00 101.44 ? 15  DC  B "H2'"  1 
ATOM   489  H  "H2''" . DC  B 2 4  ? -7.791  -6.018  -10.594 1.00 101.44 ? 15  DC  B "H2''" 1 
ATOM   490  H  "H1'"  . DC  B 2 4  ? -9.360  -5.831  -9.043  1.00 80.27  ? 15  DC  B "H1'"  1 
ATOM   491  H  H41    . DC  B 2 4  ? -7.095  -10.013 -4.614  1.00 68.26  ? 15  DC  B H41    1 
ATOM   492  H  H42    . DC  B 2 4  ? -6.700  -8.669  -4.107  1.00 68.26  ? 15  DC  B H42    1 
ATOM   493  H  H5     . DC  B 2 4  ? -8.225  -10.326 -6.731  1.00 71.47  ? 15  DC  B H5     1 
ATOM   494  H  H6     . DC  B 2 4  ? -9.069  -9.284  -8.573  1.00 73.64  ? 15  DC  B H6     1 
ATOM   495  P  P      . DG  B 2 5  ? -8.083  -5.696  -13.557 1.00 100.49 ? 16  DG  B P      1 
ATOM   496  O  OP1    . DG  B 2 5  ? -8.603  -4.882  -14.678 1.00 108.46 ? 16  DG  B OP1    1 
ATOM   497  O  OP2    . DG  B 2 5  ? -7.476  -7.024  -13.812 1.00 81.63  ? 16  DG  B OP2    1 
ATOM   498  O  "O5'"  . DG  B 2 5  ? -7.018  -4.825  -12.744 1.00 89.27  ? 16  DG  B "O5'"  1 
ATOM   499  C  "C5'"  . DG  B 2 5  ? -7.343  -3.501  -12.340 1.00 84.48  ? 16  DG  B "C5'"  1 
ATOM   500  C  "C4'"  . DG  B 2 5  ? -6.197  -2.883  -11.564 1.00 90.77  ? 16  DG  B "C4'"  1 
ATOM   501  O  "O4'"  . DG  B 2 5  ? -6.012  -3.614  -10.316 1.00 93.54  ? 16  DG  B "O4'"  1 
ATOM   502  C  "C3'"  . DG  B 2 5  ? -4.844  -2.927  -12.270 1.00 87.16  ? 16  DG  B "C3'"  1 
ATOM   503  O  "O3'"  . DG  B 2 5  ? -4.082  -1.765  -11.969 1.00 94.04  ? 16  DG  B "O3'"  1 
ATOM   504  C  "C2'"  . DG  B 2 5  ? -4.216  -4.189  -11.706 1.00 81.14  ? 16  DG  B "C2'"  1 
ATOM   505  C  "C1'"  . DG  B 2 5  ? -4.704  -4.156  -10.269 1.00 81.40  ? 16  DG  B "C1'"  1 
ATOM   506  N  N9     . DG  B 2 5  ? -4.755  -5.463  -9.620  1.00 71.36  ? 16  DG  B N9     1 
ATOM   507  C  C8     . DG  B 2 5  ? -5.189  -6.646  -10.163 1.00 71.12  ? 16  DG  B C8     1 
ATOM   508  N  N7     . DG  B 2 5  ? -5.121  -7.655  -9.333  1.00 65.27  ? 16  DG  B N7     1 
ATOM   509  C  C5     . DG  B 2 5  ? -4.608  -7.100  -8.166  1.00 63.97  ? 16  DG  B C5     1 
ATOM   510  C  C6     . DG  B 2 5  ? -4.313  -7.703  -6.917  1.00 69.28  ? 16  DG  B C6     1 
ATOM   511  O  O6     . DG  B 2 5  ? -4.449  -8.889  -6.582  1.00 74.40  ? 16  DG  B O6     1 
ATOM   512  N  N1     . DG  B 2 5  ? -3.809  -6.780  -6.006  1.00 66.35  ? 16  DG  B N1     1 
ATOM   513  C  C2     . DG  B 2 5  ? -3.616  -5.445  -6.267  1.00 73.98  ? 16  DG  B C2     1 
ATOM   514  N  N2     . DG  B 2 5  ? -3.126  -4.709  -5.262  1.00 76.83  ? 16  DG  B N2     1 
ATOM   515  N  N3     . DG  B 2 5  ? -3.889  -4.868  -7.431  1.00 70.32  ? 16  DG  B N3     1 
ATOM   516  C  C4     . DG  B 2 5  ? -4.380  -5.753  -8.328  1.00 69.25  ? 16  DG  B C4     1 
ATOM   517  H  "H5'"  . DG  B 2 5  ? -8.134  -3.524  -11.779 1.00 101.50 ? 16  DG  B "H5'"  1 
ATOM   518  H  "H5''" . DG  B 2 5  ? -7.524  -2.963  -13.126 1.00 101.50 ? 16  DG  B "H5''" 1 
ATOM   519  H  "H4'"  . DG  B 2 5  ? -6.416  -1.960  -11.360 1.00 109.05 ? 16  DG  B "H4'"  1 
ATOM   520  H  "H3'"  . DG  B 2 5  ? -4.967  -3.012  -13.228 1.00 104.72 ? 16  DG  B "H3'"  1 
ATOM   521  H  "H2'"  . DG  B 2 5  ? -4.545  -4.976  -12.166 1.00 97.50  ? 16  DG  B "H2'"  1 
ATOM   522  H  "H2''" . DG  B 2 5  ? -3.247  -4.141  -11.744 1.00 97.50  ? 16  DG  B "H2''" 1 
ATOM   523  H  "H1'"  . DG  B 2 5  ? -4.134  -3.567  -9.753  1.00 97.81  ? 16  DG  B "H1'"  1 
ATOM   524  H  H8     . DG  B 2 5  ? -5.502  -6.723  -11.035 1.00 85.47  ? 16  DG  B H8     1 
ATOM   525  H  H1     . DG  B 2 5  ? -3.605  -7.065  -5.221  1.00 79.75  ? 16  DG  B H1     1 
ATOM   526  H  H21    . DG  B 2 5  ? -2.989  -3.867  -5.373  1.00 92.33  ? 16  DG  B H21    1 
ATOM   527  H  H22    . DG  B 2 5  ? -2.947  -5.078  -4.506  1.00 92.33  ? 16  DG  B H22    1 
ATOM   528  P  P      . DA  B 2 6  ? -2.795  -1.385  -12.850 1.00 102.03 ? 17  DA  B P      1 
ATOM   529  O  OP1    . DA  B 2 6  ? -2.951  0.025   -13.281 1.00 89.95  ? 17  DA  B OP1    1 
ATOM   530  O  OP2    . DA  B 2 6  ? -2.604  -2.459  -13.849 1.00 99.29  ? 17  DA  B OP2    1 
ATOM   531  O  "O5'"  . DA  B 2 6  ? -1.582  -1.472  -11.814 1.00 95.28  ? 17  DA  B "O5'"  1 
ATOM   532  C  "C5'"  . DA  B 2 6  ? -1.588  -0.662  -10.649 1.00 89.43  ? 17  DA  B "C5'"  1 
ATOM   533  C  "C4'"  . DA  B 2 6  ? -0.644  -1.215  -9.601  1.00 90.56  ? 17  DA  B "C4'"  1 
ATOM   534  O  "O4'"  . DA  B 2 6  ? -1.137  -2.499  -9.146  1.00 96.95  ? 17  DA  B "O4'"  1 
ATOM   535  C  "C3'"  . DA  B 2 6  ? 0.792   -1.452  -10.083 1.00 98.23  ? 17  DA  B "C3'"  1 
ATOM   536  O  "O3'"  . DA  B 2 6  ? 1.712   -0.729  -9.274  1.00 105.45 ? 17  DA  B "O3'"  1 
ATOM   537  C  "C2'"  . DA  B 2 6  ? 0.990   -2.968  -9.975  1.00 91.80  ? 17  DA  B "C2'"  1 
ATOM   538  C  "C1'"  . DA  B 2 6  ? -0.053  -3.374  -8.951  1.00 89.49  ? 17  DA  B "C1'"  1 
ATOM   539  N  N9     . DA  B 2 6  ? -0.534  -4.747  -9.089  1.00 84.37  ? 17  DA  B N9     1 
ATOM   540  C  C8     . DA  B 2 6  ? -1.137  -5.307  -10.182 1.00 85.46  ? 17  DA  B C8     1 
ATOM   541  N  N7     . DA  B 2 6  ? -1.477  -6.567  -10.013 1.00 79.24  ? 17  DA  B N7     1 
ATOM   542  C  C5     . DA  B 2 6  ? -1.075  -6.848  -8.717  1.00 75.09  ? 17  DA  B C5     1 
ATOM   543  C  C6     . DA  B 2 6  ? -1.150  -8.015  -7.931  1.00 72.31  ? 17  DA  B C6     1 
ATOM   544  N  N6     . DA  B 2 6  ? -1.679  -9.162  -8.366  1.00 77.33  ? 17  DA  B N6     1 
ATOM   545  N  N1     . DA  B 2 6  ? -0.656  -7.959  -6.677  1.00 69.98  ? 17  DA  B N1     1 
ATOM   546  C  C2     . DA  B 2 6  ? -0.121  -6.808  -6.247  1.00 74.70  ? 17  DA  B C2     1 
ATOM   547  N  N3     . DA  B 2 6  ? 0.006   -5.649  -6.890  1.00 73.28  ? 17  DA  B N3     1 
ATOM   548  C  C4     . DA  B 2 6  ? -0.494  -5.737  -8.132  1.00 78.45  ? 17  DA  B C4     1 
ATOM   549  H  "H5'"  . DA  B 2 6  ? -2.488  -0.633  -10.286 1.00 107.45 ? 17  DA  B "H5'"  1 
ATOM   550  H  "H5''" . DA  B 2 6  ? -1.312  0.237   -10.885 1.00 107.45 ? 17  DA  B "H5''" 1 
ATOM   551  H  "H4'"  . DA  B 2 6  ? -0.623  -0.604  -8.848  1.00 108.80 ? 17  DA  B "H4'"  1 
ATOM   552  H  "H3'"  . DA  B 2 6  ? 0.879   -1.175  -11.009 1.00 118.01 ? 17  DA  B "H3'"  1 
ATOM   553  H  "H2'"  . DA  B 2 6  ? 0.819   -3.398  -10.828 1.00 110.29 ? 17  DA  B "H2'"  1 
ATOM   554  H  "H2''" . DA  B 2 6  ? 1.883   -3.174  -9.656  1.00 110.29 ? 17  DA  B "H2''" 1 
ATOM   555  H  "H1'"  . DA  B 2 6  ? 0.306   -3.246  -8.059  1.00 107.52 ? 17  DA  B "H1'"  1 
ATOM   556  H  H8     . DA  B 2 6  ? -1.287  -4.841  -10.972 1.00 102.68 ? 17  DA  B H8     1 
ATOM   557  H  H61    . DA  B 2 6  ? -1.699  -9.850  -7.849  1.00 92.92  ? 17  DA  B H61    1 
ATOM   558  H  H62    . DA  B 2 6  ? -1.999  -9.213  -9.163  1.00 92.92  ? 17  DA  B H62    1 
ATOM   559  H  H2     . DA  B 2 6  ? 0.207   -6.822  -5.377  1.00 89.77  ? 17  DA  B H2     1 
ATOM   560  P  P      . DC  B 2 7  ? 3.224   -0.508  -9.767  1.00 112.17 ? 18  DC  B P      1 
ATOM   561  O  OP1    . DC  B 2 7  ? 3.659   0.816   -9.264  1.00 117.04 ? 18  DC  B OP1    1 
ATOM   562  O  OP2    . DC  B 2 7  ? 3.276   -0.806  -11.216 1.00 102.24 ? 18  DC  B OP2    1 
ATOM   563  O  "O5'"  . DC  B 2 7  ? 4.043   -1.645  -9.000  1.00 92.31  ? 18  DC  B "O5'"  1 
ATOM   564  C  "C5'"  . DC  B 2 7  ? 4.085   -1.634  -7.587  1.00 99.33  ? 18  DC  B "C5'"  1 
ATOM   565  C  "C4'"  . DC  B 2 7  ? 4.458   -2.998  -7.034  1.00 104.23 ? 18  DC  B "C4'"  1 
ATOM   566  O  "O4'"  . DC  B 2 7  ? 3.485   -3.978  -7.440  1.00 92.03  ? 18  DC  B "O4'"  1 
ATOM   567  C  "C3'"  . DC  B 2 7  ? 5.795   -3.563  -7.514  1.00 105.31 ? 18  DC  B "C3'"  1 
ATOM   568  O  "O3'"  . DC  B 2 7  ? 6.823   -3.291  -6.565  1.00 108.32 ? 18  DC  B "O3'"  1 
ATOM   569  C  "C2'"  . DC  B 2 7  ? 5.529   -5.073  -7.676  1.00 97.30  ? 18  DC  B "C2'"  1 
ATOM   570  C  "C1'"  . DC  B 2 7  ? 4.073   -5.234  -7.241  1.00 86.80  ? 18  DC  B "C1'"  1 
ATOM   571  N  N1     . DC  B 2 7  ? 3.303   -6.273  -8.003  1.00 79.62  ? 18  DC  B N1     1 
ATOM   572  C  C2     . DC  B 2 7  ? 3.038   -7.505  -7.399  1.00 79.15  ? 18  DC  B C2     1 
ATOM   573  O  O2     . DC  B 2 7  ? 3.444   -7.713  -6.248  1.00 80.15  ? 18  DC  B O2     1 
ATOM   574  N  N3     . DC  B 2 7  ? 2.343   -8.442  -8.085  1.00 72.24  ? 18  DC  B N3     1 
ATOM   575  C  C4     . DC  B 2 7  ? 1.920   -8.188  -9.317  1.00 74.01  ? 18  DC  B C4     1 
ATOM   576  N  N4     . DC  B 2 7  ? 1.243   -9.153  -9.950  1.00 75.20  ? 18  DC  B N4     1 
ATOM   577  C  C5     . DC  B 2 7  ? 2.177   -6.940  -9.959  1.00 75.07  ? 18  DC  B C5     1 
ATOM   578  C  C6     . DC  B 2 7  ? 2.866   -6.018  -9.271  1.00 77.83  ? 18  DC  B C6     1 
ATOM   579  H  "H5'"  . DC  B 2 7  ? 3.214   -1.380  -7.245  1.00 119.32 ? 18  DC  B "H5'"  1 
ATOM   580  H  "H5''" . DC  B 2 7  ? 4.742   -0.983  -7.294  1.00 119.32 ? 18  DC  B "H5''" 1 
ATOM   581  H  "H4'"  . DC  B 2 7  ? 4.468   -2.950  -6.065  1.00 125.21 ? 18  DC  B "H4'"  1 
ATOM   582  H  "H3'"  . DC  B 2 7  ? 6.027   -3.175  -8.372  1.00 126.50 ? 18  DC  B "H3'"  1 
ATOM   583  H  "H2'"  . DC  B 2 7  ? 5.640   -5.341  -8.601  1.00 116.89 ? 18  DC  B "H2'"  1 
ATOM   584  H  "H2''" . DC  B 2 7  ? 6.115   -5.586  -7.098  1.00 116.89 ? 18  DC  B "H2''" 1 
ATOM   585  H  "H1'"  . DC  B 2 7  ? 4.046   -5.449  -6.296  1.00 104.29 ? 18  DC  B "H1'"  1 
ATOM   586  H  H41    . DC  B 2 7  ? 0.955   -9.021  -10.749 1.00 90.37  ? 18  DC  B H41    1 
ATOM   587  H  H42    . DC  B 2 7  ? 1.095   -9.903  -9.557  1.00 90.37  ? 18  DC  B H42    1 
ATOM   588  H  H5     . DC  B 2 7  ? 1.876   -6.771  -10.822 1.00 90.21  ? 18  DC  B H5     1 
ATOM   589  H  H6     . DC  B 2 7  ? 3.049   -5.194  -9.662  1.00 93.53  ? 18  DC  B H6     1 
ATOM   590  P  P      . DT  B 2 8  ? 8.341   -3.717  -6.874  1.00 121.34 ? 19  DT  B P      1 
ATOM   591  O  OP1    . DT  B 2 8  ? 9.220   -2.850  -6.058  1.00 121.88 ? 19  DT  B OP1    1 
ATOM   592  O  OP2    . DT  B 2 8  ? 8.517   -3.764  -8.344  1.00 101.76 ? 19  DT  B OP2    1 
ATOM   593  O  "O5'"  . DT  B 2 8  ? 8.423   -5.220  -6.336  1.00 113.99 ? 19  DT  B "O5'"  1 
ATOM   594  C  "C5'"  . DT  B 2 8  ? 7.901   -5.546  -5.055  1.00 105.17 ? 19  DT  B "C5'"  1 
ATOM   595  C  "C4'"  . DT  B 2 8  ? 7.990   -7.037  -4.797  1.00 108.46 ? 19  DT  B "C4'"  1 
ATOM   596  O  "O4'"  . DT  B 2 8  ? 6.941   -7.717  -5.537  1.00 103.83 ? 19  DT  B "O4'"  1 
ATOM   597  C  "C3'"  . DT  B 2 8  ? 9.311   -7.689  -5.228  1.00 108.48 ? 19  DT  B "C3'"  1 
ATOM   598  O  "O3'"  . DT  B 2 8  ? 9.863   -8.449  -4.160  1.00 118.34 ? 19  DT  B "O3'"  1 
ATOM   599  C  "C2'"  . DT  B 2 8  ? 8.925   -8.563  -6.421  1.00 101.82 ? 19  DT  B "C2'"  1 
ATOM   600  C  "C1'"  . DT  B 2 8  ? 7.466   -8.876  -6.141  1.00 101.82 ? 19  DT  B "C1'"  1 
ATOM   601  N  N1     . DT  B 2 8  ? 6.648   -9.203  -7.362  1.00 90.67  ? 19  DT  B N1     1 
ATOM   602  C  C2     . DT  B 2 8  ? 5.976   -10.403 -7.418  1.00 88.64  ? 19  DT  B C2     1 
ATOM   603  O  O2     . DT  B 2 8  ? 6.012   -11.233 -6.525  1.00 93.30  ? 19  DT  B O2     1 
ATOM   604  N  N3     . DT  B 2 8  ? 5.255   -10.602 -8.564  1.00 75.60  ? 19  DT  B N3     1 
ATOM   605  C  C4     . DT  B 2 8  ? 5.138   -9.742  -9.638  1.00 83.35  ? 19  DT  B C4     1 
ATOM   606  O  O4     . DT  B 2 8  ? 4.461   -10.016 -10.626 1.00 87.82  ? 19  DT  B O4     1 
ATOM   607  C  C5     . DT  B 2 8  ? 5.862   -8.501  -9.516  1.00 78.32  ? 19  DT  B C5     1 
ATOM   608  C  C7     . DT  B 2 8  ? 5.808   -7.490  -10.621 1.00 76.39  ? 19  DT  B C7     1 
ATOM   609  C  C6     . DT  B 2 8  ? 6.574   -8.290  -8.397  1.00 82.59  ? 19  DT  B C6     1 
ATOM   610  H  "H5'"  . DT  B 2 8  ? 6.972   -5.270  -5.010  1.00 126.33 ? 19  DT  B "H5'"  1 
ATOM   611  H  "H5''" . DT  B 2 8  ? 8.406   -5.073  -4.375  1.00 126.33 ? 19  DT  B "H5''" 1 
ATOM   612  H  "H4'"  . DT  B 2 8  ? 7.858   -7.198  -3.850  1.00 130.28 ? 19  DT  B "H4'"  1 
ATOM   613  H  "H3'"  . DT  B 2 8  ? 9.941   -7.007  -5.509  1.00 130.30 ? 19  DT  B "H3'"  1 
ATOM   614  H  "H2'"  . DT  B 2 8  ? 9.018   -8.072  -7.252  1.00 122.31 ? 19  DT  B "H2'"  1 
ATOM   615  H  "H2''" . DT  B 2 8  ? 9.453   -9.376  -6.438  1.00 122.31 ? 19  DT  B "H2''" 1 
ATOM   616  H  "H1'"  . DT  B 2 8  ? 7.411   -9.614  -5.513  1.00 122.32 ? 19  DT  B "H1'"  1 
ATOM   617  H  H3     . DT  B 2 8  ? 4.828   -11.347 -8.622  1.00 90.85  ? 19  DT  B H3     1 
ATOM   618  H  H71    . DT  B 2 8  ? 5.252   -7.827  -11.342 1.00 91.79  ? 19  DT  B H71    1 
ATOM   619  H  H72    . DT  B 2 8  ? 5.433   -6.661  -10.284 1.00 91.79  ? 19  DT  B H72    1 
ATOM   620  H  H73    . DT  B 2 8  ? 6.704   -7.327  -10.955 1.00 91.79  ? 19  DT  B H73    1 
ATOM   621  H  H6     . DT  B 2 8  ? 7.043   -7.491  -8.316  1.00 99.24  ? 19  DT  B H6     1 
ATOM   622  P  P      . DC  B 2 9  ? 11.323  -9.098  -4.300  1.00 120.62 ? 20  DC  B P      1 
ATOM   623  O  OP1    . DC  B 2 9  ? 12.004  -8.935  -2.996  1.00 117.99 ? 20  DC  B OP1    1 
ATOM   624  O  OP2    . DC  B 2 9  ? 11.938  -8.560  -5.533  1.00 116.65 ? 20  DC  B OP2    1 
ATOM   625  O  "O5'"  . DC  B 2 9  ? 11.031  -10.653 -4.537  1.00 111.32 ? 20  DC  B "O5'"  1 
ATOM   626  C  "C5'"  . DC  B 2 9  ? 10.446  -11.433 -3.499  1.00 111.05 ? 20  DC  B "C5'"  1 
ATOM   627  C  "C4'"  . DC  B 2 9  ? 10.228  -12.866 -3.953  1.00 112.73 ? 20  DC  B "C4'"  1 
ATOM   628  O  "O4'"  . DC  B 2 9  ? 9.284   -12.882 -5.061  1.00 111.45 ? 20  DC  B "O4'"  1 
ATOM   629  C  "C3'"  . DC  B 2 9  ? 11.486  -13.580 -4.453  1.00 118.53 ? 20  DC  B "C3'"  1 
ATOM   630  O  "O3'"  . DC  B 2 9  ? 11.563  -14.905 -3.929  1.00 124.91 ? 20  DC  B "O3'"  1 
ATOM   631  C  "C2'"  . DC  B 2 9  ? 11.330  -13.566 -5.968  1.00 106.19 ? 20  DC  B "C2'"  1 
ATOM   632  C  "C1'"  . DC  B 2 9  ? 9.819   -13.616 -6.142  1.00 107.49 ? 20  DC  B "C1'"  1 
ATOM   633  N  N1     . DC  B 2 9  ? 9.320   -13.019 -7.429  1.00 101.88 ? 20  DC  B N1     1 
ATOM   634  C  C2     . DC  B 2 9  ? 8.390   -13.725 -8.209  1.00 90.90  ? 20  DC  B C2     1 
ATOM   635  O  O2     . DC  B 2 9  ? 7.994   -14.833 -7.826  1.00 89.09  ? 20  DC  B O2     1 
ATOM   636  N  N3     . DC  B 2 9  ? 7.948   -13.171 -9.364  1.00 83.25  ? 20  DC  B N3     1 
ATOM   637  C  C4     . DC  B 2 9  ? 8.396   -11.975 -9.747  1.00 89.74  ? 20  DC  B C4     1 
ATOM   638  N  N4     . DC  B 2 9  ? 7.930   -11.473 -10.896 1.00 82.15  ? 20  DC  B N4     1 
ATOM   639  C  C5     . DC  B 2 9  ? 9.340   -11.241 -8.970  1.00 94.48  ? 20  DC  B C5     1 
ATOM   640  C  C6     . DC  B 2 9  ? 9.769   -11.793 -7.830  1.00 101.98 ? 20  DC  B C6     1 
ATOM   641  H  "H5'"  . DC  B 2 9  ? 9.593   -11.044 -3.250  1.00 133.39 ? 20  DC  B "H5'"  1 
ATOM   642  H  "H5''" . DC  B 2 9  ? 11.036  -11.430 -2.729  1.00 133.39 ? 20  DC  B "H5''" 1 
ATOM   643  H  "H4'"  . DC  B 2 9  ? 9.853   -13.373 -3.215  1.00 135.40 ? 20  DC  B "H4'"  1 
ATOM   644  H  "H3'"  . DC  B 2 9  ? 12.276  -13.076 -4.198  1.00 142.37 ? 20  DC  B "H3'"  1 
ATOM   645  H  "HO3'" . DC  B 2 9  ? 11.578  -15.564 -4.452  1.00 150.02 ? 20  DC  B "HO3'" 1 
ATOM   646  H  "H2'"  . DC  B 2 9  ? 11.692  -12.748 -6.344  1.00 127.56 ? 20  DC  B "H2'"  1 
ATOM   647  H  "H2''" . DC  B 2 9  ? 11.749  -14.345 -6.365  1.00 127.56 ? 20  DC  B "H2''" 1 
ATOM   648  H  "H1'"  . DC  B 2 9  ? 9.522   -14.537 -6.080  1.00 129.12 ? 20  DC  B "H1'"  1 
ATOM   649  H  H41    . DC  B 2 9  ? 8.200   -10.705 -11.170 1.00 98.71  ? 20  DC  B H41    1 
ATOM   650  H  H42    . DC  B 2 9  ? 7.361   -11.921 -11.360 1.00 98.71  ? 20  DC  B H42    1 
ATOM   651  H  H5     . DC  B 2 9  ? 9.647   -10.407 -9.246  1.00 113.51 ? 20  DC  B H5     1 
ATOM   652  H  H6     . DC  B 2 9  ? 10.386  -11.338 -7.304  1.00 122.50 ? 20  DC  B H6     1 
ATOM   653  P  P      . DT  C 3 1  ? 2.412   -7.714  13.149  1.00 129.17 ? 0   DT  C P      1 
ATOM   654  O  OP1    . DT  C 3 1  ? 2.967   -9.011  13.602  1.00 95.49  ? 0   DT  C OP1    1 
ATOM   655  O  OP2    . DT  C 3 1  ? 2.616   -6.503  13.974  1.00 100.06 ? 0   DT  C OP2    1 
ATOM   656  O  "O5'"  . DT  C 3 1  ? 0.838   -7.907  12.945  1.00 111.02 ? 0   DT  C "O5'"  1 
ATOM   657  C  "C5'"  . DT  C 3 1  ? 0.269   -9.211  13.009  1.00 90.00  ? 0   DT  C "C5'"  1 
ATOM   658  C  "C4'"  . DT  C 3 1  ? -1.120  -9.214  12.401  1.00 89.53  ? 0   DT  C "C4'"  1 
ATOM   659  O  "O4'"  . DT  C 3 1  ? -2.018  -8.423  13.225  1.00 87.72  ? 0   DT  C "O4'"  1 
ATOM   660  C  "C3'"  . DT  C 3 1  ? -1.203  -8.626  10.995  1.00 92.79  ? 0   DT  C "C3'"  1 
ATOM   661  O  "O3'"  . DT  C 3 1  ? -2.051  -9.433  10.190  1.00 95.04  ? 0   DT  C "O3'"  1 
ATOM   662  C  "C2'"  . DT  C 3 1  ? -1.782  -7.222  11.222  1.00 85.85  ? 0   DT  C "C2'"  1 
ATOM   663  C  "C1'"  . DT  C 3 1  ? -2.663  -7.436  12.442  1.00 85.78  ? 0   DT  C "C1'"  1 
ATOM   664  N  N1     . DT  C 3 1  ? -2.843  -6.210  13.303  1.00 73.21  ? 0   DT  C N1     1 
ATOM   665  C  C2     . DT  C 3 1  ? -4.097  -5.649  13.433  1.00 74.76  ? 0   DT  C C2     1 
ATOM   666  O  O2     . DT  C 3 1  ? -5.087  -6.079  12.864  1.00 78.09  ? 0   DT  C O2     1 
ATOM   667  N  N3     . DT  C 3 1  ? -4.152  -4.554  14.257  1.00 62.31  ? 0   DT  C N3     1 
ATOM   668  C  C4     . DT  C 3 1  ? -3.101  -3.979  14.954  1.00 70.07  ? 0   DT  C C4     1 
ATOM   669  O  O4     . DT  C 3 1  ? -3.250  -2.993  15.671  1.00 67.52  ? 0   DT  C O4     1 
ATOM   670  C  C5     . DT  C 3 1  ? -1.819  -4.619  14.776  1.00 68.80  ? 0   DT  C C5     1 
ATOM   671  C  C7     . DT  C 3 1  ? -0.607  -4.083  15.482  1.00 56.70  ? 0   DT  C C7     1 
ATOM   672  C  C6     . DT  C 3 1  ? -1.753  -5.692  13.971  1.00 69.69  ? 0   DT  C C6     1 
ATOM   673  P  P      . DC  C 3 2  ? -2.092  -9.226  8.598   1.00 98.61  ? 1   DC  C P      1 
ATOM   674  O  OP1    . DC  C 3 2  ? -2.495  -10.508 7.973   1.00 92.19  ? 1   DC  C OP1    1 
ATOM   675  O  OP2    . DC  C 3 2  ? -0.827  -8.566  8.203   1.00 94.94  ? 1   DC  C OP2    1 
ATOM   676  O  "O5'"  . DC  C 3 2  ? -3.269  -8.168  8.404   1.00 87.91  ? 1   DC  C "O5'"  1 
ATOM   677  C  "C5'"  . DC  C 3 2  ? -4.409  -8.229  9.249   1.00 89.94  ? 1   DC  C "C5'"  1 
ATOM   678  C  "C4'"  . DC  C 3 2  ? -5.535  -7.375  8.706   1.00 87.67  ? 1   DC  C "C4'"  1 
ATOM   679  O  "O4'"  . DC  C 3 2  ? -5.670  -6.181  9.523   1.00 91.09  ? 1   DC  C "O4'"  1 
ATOM   680  C  "C3'"  . DC  C 3 2  ? -5.332  -6.862  7.294   1.00 73.98  ? 1   DC  C "C3'"  1 
ATOM   681  O  "O3'"  . DC  C 3 2  ? -6.588  -6.654  6.672   1.00 74.81  ? 1   DC  C "O3'"  1 
ATOM   682  C  "C2'"  . DC  C 3 2  ? -4.565  -5.569  7.534   1.00 83.84  ? 1   DC  C "C2'"  1 
ATOM   683  C  "C1'"  . DC  C 3 2  ? -5.236  -5.039  8.800   1.00 79.91  ? 1   DC  C "C1'"  1 
ATOM   684  N  N1     . DC  C 3 2  ? -4.363  -4.215  9.714   1.00 74.65  ? 1   DC  C N1     1 
ATOM   685  C  C2     . DC  C 3 2  ? -4.962  -3.236  10.514  1.00 73.56  ? 1   DC  C C2     1 
ATOM   686  O  O2     . DC  C 3 2  ? -6.187  -3.055  10.431  1.00 64.46  ? 1   DC  C O2     1 
ATOM   687  N  N3     . DC  C 3 2  ? -4.187  -2.505  11.354  1.00 69.28  ? 1   DC  C N3     1 
ATOM   688  C  C4     . DC  C 3 2  ? -2.877  -2.724  11.416  1.00 65.96  ? 1   DC  C C4     1 
ATOM   689  N  N4     . DC  C 3 2  ? -2.165  -1.980  12.267  1.00 64.51  ? 1   DC  C N4     1 
ATOM   690  C  C5     . DC  C 3 2  ? -2.243  -3.723  10.618  1.00 62.72  ? 1   DC  C C5     1 
ATOM   691  C  C6     . DC  C 3 2  ? -3.016  -4.442  9.792   1.00 72.34  ? 1   DC  C C6     1 
ATOM   692  H  "H5'"  . DC  C 3 2  ? -4.167  -7.912  10.134  1.00 108.05 ? 1   DC  C "H5'"  1 
ATOM   693  H  "H5''" . DC  C 3 2  ? -4.711  -9.149  9.313   1.00 108.05 ? 1   DC  C "H5''" 1 
ATOM   694  H  "H4'"  . DC  C 3 2  ? -6.361  -7.879  8.743   1.00 105.33 ? 1   DC  C "H4'"  1 
ATOM   695  H  "H3'"  . DC  C 3 2  ? -4.795  -7.486  6.780   1.00 88.91  ? 1   DC  C "H3'"  1 
ATOM   696  H  "H2'"  . DC  C 3 2  ? -3.625  -5.748  7.690   1.00 100.73 ? 1   DC  C "H2'"  1 
ATOM   697  H  "H2''" . DC  C 3 2  ? -4.686  -4.952  6.794   1.00 100.73 ? 1   DC  C "H2''" 1 
ATOM   698  H  "H1'"  . DC  C 3 2  ? -6.010  -4.513  8.547   1.00 96.02  ? 1   DC  C "H1'"  1 
ATOM   699  H  H41    . DC  C 3 2  ? -1.315  -2.096  12.333  1.00 77.54  ? 1   DC  C H41    1 
ATOM   700  H  H42    . DC  C 3 2  ? -2.556  -1.385  12.750  1.00 77.54  ? 1   DC  C H42    1 
ATOM   701  H  H5     . DC  C 3 2  ? -1.326  -3.869  10.670  1.00 75.39  ? 1   DC  C H5     1 
ATOM   702  H  H6     . DC  C 3 2  ? -2.630  -5.098  9.258   1.00 86.94  ? 1   DC  C H6     1 
ATOM   703  P  P      . DA  C 3 3  ? -6.686  -6.351  5.103   1.00 76.92  ? 2   DA  C P      1 
ATOM   704  O  OP1    . DA  C 3 3  ? -8.094  -6.530  4.689   1.00 69.02  ? 2   DA  C OP1    1 
ATOM   705  O  OP2    . DA  C 3 3  ? -5.607  -7.115  4.438   1.00 83.99  ? 2   DA  C OP2    1 
ATOM   706  O  "O5'"  . DA  C 3 3  ? -6.342  -4.805  5.011   1.00 81.16  ? 2   DA  C "O5'"  1 
ATOM   707  C  "C5'"  . DA  C 3 3  ? -7.068  -3.979  4.133   1.00 85.32  ? 2   DA  C "C5'"  1 
ATOM   708  C  "C4'"  . DA  C 3 3  ? -7.528  -2.728  4.842   1.00 82.94  ? 2   DA  C "C4'"  1 
ATOM   709  O  "O4'"  . DA  C 3 3  ? -7.053  -2.737  6.213   1.00 77.63  ? 2   DA  C "O4'"  1 
ATOM   710  C  "C3'"  . DA  C 3 3  ? -6.987  -1.437  4.270   1.00 80.73  ? 2   DA  C "C3'"  1 
ATOM   711  O  "O3'"  . DA  C 3 3  ? -7.711  -1.025  3.104   1.00 71.57  ? 2   DA  C "O3'"  1 
ATOM   712  C  "C2'"  . DA  C 3 3  ? -7.137  -0.496  5.453   1.00 84.81  ? 2   DA  C "C2'"  1 
ATOM   713  C  "C1'"  . DA  C 3 3  ? -6.793  -1.399  6.629   1.00 79.58  ? 2   DA  C "C1'"  1 
ATOM   714  N  N9     . DA  C 3 3  ? -5.396  -1.300  7.048   1.00 79.55  ? 2   DA  C N9     1 
ATOM   715  C  C8     . DA  C 3 3  ? -4.332  -1.992  6.538   1.00 83.39  ? 2   DA  C C8     1 
ATOM   716  N  N7     . DA  C 3 3  ? -3.186  -1.703  7.114   1.00 77.07  ? 2   DA  C N7     1 
ATOM   717  C  C5     . DA  C 3 3  ? -3.522  -0.755  8.066   1.00 69.91  ? 2   DA  C C5     1 
ATOM   718  C  C6     . DA  C 3 3  ? -2.754  -0.048  9.008   1.00 68.21  ? 2   DA  C C6     1 
ATOM   719  N  N6     . DA  C 3 3  ? -1.435  -0.210  9.147   1.00 71.39  ? 2   DA  C N6     1 
ATOM   720  N  N1     . DA  C 3 3  ? -3.397  0.825   9.811   1.00 65.80  ? 2   DA  C N1     1 
ATOM   721  C  C2     . DA  C 3 3  ? -4.721  0.976   9.673   1.00 66.95  ? 2   DA  C C2     1 
ATOM   722  N  N3     . DA  C 3 3  ? -5.551  0.368   8.823   1.00 68.95  ? 2   DA  C N3     1 
ATOM   723  C  C4     . DA  C 3 3  ? -4.880  -0.494  8.040   1.00 76.54  ? 2   DA  C C4     1 
ATOM   724  H  "H5'"  . DA  C 3 3  ? -7.843  -4.464  3.806   1.00 102.51 ? 2   DA  C "H5'"  1 
ATOM   725  H  "H5''" . DA  C 3 3  ? -6.505  -3.733  3.383   1.00 102.51 ? 2   DA  C "H5''" 1 
ATOM   726  H  "H4'"  . DA  C 3 3  ? -8.497  -2.698  4.840   1.00 99.66  ? 2   DA  C "H4'"  1 
ATOM   727  H  "H3'"  . DA  C 3 3  ? -6.047  -1.544  4.054   1.00 97.01  ? 2   DA  C "H3'"  1 
ATOM   728  H  "H2'"  . DA  C 3 3  ? -6.509  0.242   5.389   1.00 101.90 ? 2   DA  C "H2'"  1 
ATOM   729  H  "H2''" . DA  C 3 3  ? -8.048  -0.171  5.523   1.00 101.90 ? 2   DA  C "H2''" 1 
ATOM   730  H  "H1'"  . DA  C 3 3  ? -7.367  -1.181  7.379   1.00 95.62  ? 2   DA  C "H1'"  1 
ATOM   731  H  H8     . DA  C 3 3  ? -4.412  -2.611  5.851   1.00 100.20 ? 2   DA  C H8     1 
ATOM   732  H  H61    . DA  C 3 3  ? -1.007  0.241   9.741   1.00 85.80  ? 2   DA  C H61    1 
ATOM   733  H  H62    . DA  C 3 3  ? -1.013  -0.764  8.642   1.00 85.80  ? 2   DA  C H62    1 
ATOM   734  H  H2     . DA  C 3 3  ? -5.117  1.589   10.248  1.00 80.47  ? 2   DA  C H2     1 
ATOM   735  P  P      . DA  C 3 4  ? -9.289  -0.722  3.134   1.00 78.80  ? 3   DA  C P      1 
ATOM   736  O  OP1    . DA  C 3 4  ? -9.532  0.492   3.941   1.00 80.89  ? 3   DA  C OP1    1 
ATOM   737  O  OP2    . DA  C 3 4  ? -10.028 -1.972  3.428   1.00 74.97  ? 3   DA  C OP2    1 
ATOM   738  O  "O5'"  . DA  C 3 4  ? -9.608  -0.350  1.619   1.00 85.68  ? 3   DA  C "O5'"  1 
ATOM   739  C  "C5'"  . DA  C 3 4  ? -8.575  0.146   0.768   1.00 78.49  ? 3   DA  C "C5'"  1 
ATOM   740  C  "C4'"  . DA  C 3 4  ? -8.800  -0.296  -0.659  1.00 73.39  ? 3   DA  C "C4'"  1 
ATOM   741  O  "O4'"  . DA  C 3 4  ? -8.080  -1.522  -0.917  1.00 78.63  ? 3   DA  C "O4'"  1 
ATOM   742  C  "C3'"  . DA  C 3 4  ? -10.234 -0.624  -1.006  1.00 72.80  ? 3   DA  C "C3'"  1 
ATOM   743  O  "O3'"  . DA  C 3 4  ? -10.961 0.556   -1.289  1.00 76.94  ? 3   DA  C "O3'"  1 
ATOM   744  C  "C2'"  . DA  C 3 4  ? -10.069 -1.535  -2.214  1.00 67.87  ? 3   DA  C "C2'"  1 
ATOM   745  C  "C1'"  . DA  C 3 4  ? -8.757  -2.268  -1.918  1.00 65.06  ? 3   DA  C "C1'"  1 
ATOM   746  N  N9     . DA  C 3 4  ? -8.924  -3.638  -1.435  1.00 67.00  ? 3   DA  C N9     1 
ATOM   747  C  C8     . DA  C 3 4  ? -8.667  -4.106  -0.173  1.00 67.64  ? 3   DA  C C8     1 
ATOM   748  N  N7     . DA  C 3 4  ? -8.896  -5.390  -0.024  1.00 56.29  ? 3   DA  C N7     1 
ATOM   749  C  C5     . DA  C 3 4  ? -9.330  -5.796  -1.273  1.00 56.57  ? 3   DA  C C5     1 
ATOM   750  C  C6     . DA  C 3 4  ? -9.730  -7.047  -1.774  1.00 59.20  ? 3   DA  C C6     1 
ATOM   751  N  N6     . DA  C 3 4  ? -9.760  -8.158  -1.031  1.00 72.74  ? 3   DA  C N6     1 
ATOM   752  N  N1     . DA  C 3 4  ? -10.104 -7.115  -3.068  1.00 62.69  ? 3   DA  C N1     1 
ATOM   753  C  C2     . DA  C 3 4  ? -10.075 -5.997  -3.807  1.00 66.60  ? 3   DA  C C2     1 
ATOM   754  N  N3     . DA  C 3 4  ? -9.716  -4.762  -3.450  1.00 65.68  ? 3   DA  C N3     1 
ATOM   755  C  C4     . DA  C 3 4  ? -9.350  -4.730  -2.158  1.00 64.38  ? 3   DA  C C4     1 
ATOM   756  H  "H5'"  . DA  C 3 4  ? -7.718  -0.190  1.076   1.00 94.32  ? 3   DA  C "H5'"  1 
ATOM   757  H  "H5''" . DA  C 3 4  ? -8.569  1.115   0.805   1.00 94.32  ? 3   DA  C "H5''" 1 
ATOM   758  H  "H4'"  . DA  C 3 4  ? -8.478  0.393   -1.261  1.00 88.20  ? 3   DA  C "H4'"  1 
ATOM   759  H  "H3'"  . DA  C 3 4  ? -10.651 -1.108  -0.276  1.00 87.49  ? 3   DA  C "H3'"  1 
ATOM   760  H  "H2'"  . DA  C 3 4  ? -10.806 -2.161  -2.274  1.00 81.57  ? 3   DA  C "H2'"  1 
ATOM   761  H  "H2''" . DA  C 3 4  ? -9.993  -1.012  -3.027  1.00 81.57  ? 3   DA  C "H2''" 1 
ATOM   762  H  "H1'"  . DA  C 3 4  ? -8.214  -2.282  -2.722  1.00 78.20  ? 3   DA  C "H1'"  1 
ATOM   763  H  H8     . DA  C 3 4  ? -8.360  -3.561  0.517   1.00 81.30  ? 3   DA  C H8     1 
ATOM   764  H  H61    . DA  C 3 4  ? -10.015 -8.901  -1.381  1.00 87.42  ? 3   DA  C H61    1 
ATOM   765  H  H62    . DA  C 3 4  ? -9.525  -8.129  -0.206  1.00 87.42  ? 3   DA  C H62    1 
ATOM   766  H  H2     . DA  C 3 4  ? -10.341 -6.096  -4.693  1.00 80.05  ? 3   DA  C H2     1 
ATOM   767  P  P      . DC  C 3 5  ? -12.512 0.662   -0.887  1.00 82.34  ? 4   DC  C P      1 
ATOM   768  O  OP1    . DC  C 3 5  ? -12.878 2.095   -0.916  1.00 87.88  ? 4   DC  C OP1    1 
ATOM   769  O  OP2    . DC  C 3 5  ? -12.748 -0.151  0.326   1.00 80.44  ? 4   DC  C OP2    1 
ATOM   770  O  "O5'"  . DC  C 3 5  ? -13.253 -0.049  -2.103  1.00 79.76  ? 4   DC  C "O5'"  1 
ATOM   771  C  "C5'"  . DC  C 3 5  ? -12.955 0.355   -3.424  1.00 81.62  ? 4   DC  C "C5'"  1 
ATOM   772  C  "C4'"  . DC  C 3 5  ? -13.397 -0.695  -4.419  1.00 80.73  ? 4   DC  C "C4'"  1 
ATOM   773  O  "O4'"  . DC  C 3 5  ? -12.682 -1.924  -4.167  1.00 76.66  ? 4   DC  C "O4'"  1 
ATOM   774  C  "C3'"  . DC  C 3 5  ? -14.870 -1.049  -4.346  1.00 78.30  ? 4   DC  C "C3'"  1 
ATOM   775  O  "O3'"  . DC  C 3 5  ? -15.597 -0.255  -5.262  1.00 86.29  ? 4   DC  C "O3'"  1 
ATOM   776  C  "C2'"  . DC  C 3 5  ? -14.919 -2.535  -4.703  1.00 79.19  ? 4   DC  C "C2'"  1 
ATOM   777  C  "C1'"  . DC  C 3 5  ? -13.502 -3.044  -4.445  1.00 70.56  ? 4   DC  C "C1'"  1 
ATOM   778  N  N1     . DC  C 3 5  ? -13.382 -3.996  -3.295  1.00 60.80  ? 4   DC  C N1     1 
ATOM   779  C  C2     . DC  C 3 5  ? -13.673 -5.351  -3.477  1.00 61.14  ? 4   DC  C C2     1 
ATOM   780  O  O2     . DC  C 3 5  ? -14.058 -5.743  -4.585  1.00 66.54  ? 4   DC  C O2     1 
ATOM   781  N  N3     . DC  C 3 5  ? -13.536 -6.196  -2.430  1.00 58.62  ? 4   DC  C N3     1 
ATOM   782  C  C4     . DC  C 3 5  ? -13.120 -5.735  -1.248  1.00 63.85  ? 4   DC  C C4     1 
ATOM   783  N  N4     . DC  C 3 5  ? -13.001 -6.610  -0.241  1.00 68.32  ? 4   DC  C N4     1 
ATOM   784  C  C5     . DC  C 3 5  ? -12.811 -4.360  -1.044  1.00 58.81  ? 4   DC  C C5     1 
ATOM   785  C  C6     . DC  C 3 5  ? -12.955 -3.536  -2.086  1.00 68.45  ? 4   DC  C C6     1 
ATOM   786  H  "H5'"  . DC  C 3 5  ? -11.998 0.492   -3.508  1.00 98.07  ? 4   DC  C "H5'"  1 
ATOM   787  H  "H5''" . DC  C 3 5  ? -13.414 1.189   -3.615  1.00 98.07  ? 4   DC  C "H5''" 1 
ATOM   788  H  "H4'"  . DC  C 3 5  ? -13.190 -0.388  -5.316  1.00 97.00  ? 4   DC  C "H4'"  1 
ATOM   789  H  "H3'"  . DC  C 3 5  ? -15.202 -0.911  -3.445  1.00 94.09  ? 4   DC  C "H3'"  1 
ATOM   790  H  "H2'"  . DC  C 3 5  ? -15.553 -2.998  -4.133  1.00 95.15  ? 4   DC  C "H2'"  1 
ATOM   791  H  "H2''" . DC  C 3 5  ? -15.155 -2.650  -5.636  1.00 95.15  ? 4   DC  C "H2''" 1 
ATOM   792  H  "H1'"  . DC  C 3 5  ? -13.175 -3.480  -5.248  1.00 84.81  ? 4   DC  C "H1'"  1 
ATOM   793  H  H41    . DC  C 3 5  ? -12.735 -6.341  0.532   1.00 82.11  ? 4   DC  C H41    1 
ATOM   794  H  H42    . DC  C 3 5  ? -13.190 -7.438  -0.367  1.00 82.11  ? 4   DC  C H42    1 
ATOM   795  H  H5     . DC  C 3 5  ? -12.522 -4.047  -0.218  1.00 70.70  ? 4   DC  C H5     1 
ATOM   796  H  H6     . DC  C 3 5  ? -12.753 -2.634  -1.985  1.00 82.27  ? 4   DC  C H6     1 
ATOM   797  P  P      . DG  C 3 6  ? -17.193 -0.370  -5.352  1.00 87.55  ? 5   DG  C P      1 
ATOM   798  O  OP1    . DG  C 3 6  ? -17.614 0.486   -6.483  1.00 97.53  ? 5   DG  C OP1    1 
ATOM   799  O  OP2    . DG  C 3 6  ? -17.750 -0.194  -3.990  1.00 86.73  ? 5   DG  C OP2    1 
ATOM   800  O  "O5'"  . DG  C 3 6  ? -17.444 -1.881  -5.771  1.00 72.85  ? 5   DG  C "O5'"  1 
ATOM   801  C  "C5'"  . DG  C 3 6  ? -18.103 -2.175  -6.979  1.00 83.18  ? 5   DG  C "C5'"  1 
ATOM   802  C  "C4'"  . DG  C 3 6  ? -18.474 -3.638  -7.017  1.00 84.42  ? 5   DG  C "C4'"  1 
ATOM   803  O  "O4'"  . DG  C 3 6  ? -17.614 -4.352  -6.099  1.00 90.27  ? 5   DG  C "O4'"  1 
ATOM   804  C  "C3'"  . DG  C 3 6  ? -19.906 -3.941  -6.606  1.00 85.76  ? 5   DG  C "C3'"  1 
ATOM   805  O  "O3'"  . DG  C 3 6  ? -20.640 -4.364  -7.739  1.00 88.55  ? 5   DG  C "O3'"  1 
ATOM   806  C  "C2'"  . DG  C 3 6  ? -19.810 -5.035  -5.531  1.00 85.17  ? 5   DG  C "C2'"  1 
ATOM   807  C  "C1'"  . DG  C 3 6  ? -18.329 -5.350  -5.404  1.00 77.31  ? 5   DG  C "C1'"  1 
ATOM   808  N  N9     . DG  C 3 6  ? -17.845 -5.367  -4.027  1.00 65.23  ? 5   DG  C N9     1 
ATOM   809  C  C8     . DG  C 3 6  ? -17.575 -4.274  -3.240  1.00 68.81  ? 5   DG  C C8     1 
ATOM   810  N  N7     . DG  C 3 6  ? -17.132 -4.585  -2.053  1.00 67.12  ? 5   DG  C N7     1 
ATOM   811  C  C5     . DG  C 3 6  ? -17.110 -5.973  -2.051  1.00 56.46  ? 5   DG  C C5     1 
ATOM   812  C  C6     . DG  C 3 6  ? -16.724 -6.872  -1.032  1.00 61.30  ? 5   DG  C C6     1 
ATOM   813  O  O6     . DG  C 3 6  ? -16.314 -6.607  0.106   1.00 69.28  ? 5   DG  C O6     1 
ATOM   814  N  N1     . DG  C 3 6  ? -16.853 -8.200  -1.435  1.00 66.75  ? 5   DG  C N1     1 
ATOM   815  C  C2     . DG  C 3 6  ? -17.299 -8.609  -2.671  1.00 71.81  ? 5   DG  C C2     1 
ATOM   816  N  N2     . DG  C 3 6  ? -17.354 -9.938  -2.876  1.00 64.89  ? 5   DG  C N2     1 
ATOM   817  N  N3     . DG  C 3 6  ? -17.666 -7.771  -3.643  1.00 67.91  ? 5   DG  C N3     1 
ATOM   818  C  C4     . DG  C 3 6  ? -17.545 -6.473  -3.259  1.00 62.49  ? 5   DG  C C4     1 
ATOM   819  H  "H5'"  . DG  C 3 6  ? -17.516 -1.971  -7.723  1.00 99.94  ? 5   DG  C "H5'"  1 
ATOM   820  H  "H5''" . DG  C 3 6  ? -18.908 -1.637  -7.046  1.00 99.94  ? 5   DG  C "H5''" 1 
ATOM   821  H  "H4'"  . DG  C 3 6  ? -18.327 -3.977  -7.914  1.00 101.43 ? 5   DG  C "H4'"  1 
ATOM   822  H  "H3'"  . DG  C 3 6  ? -20.314 -3.145  -6.228  1.00 103.04 ? 5   DG  C "H3'"  1 
ATOM   823  H  "HO3'" . DG  C 3 6  ? -20.997 -5.125  -7.748  1.00 106.38 ? 5   DG  C "HO3'" 1 
ATOM   824  H  "H2'"  . DG  C 3 6  ? -20.157 -4.707  -4.686  1.00 102.34 ? 5   DG  C "H2'"  1 
ATOM   825  H  "H2''" . DG  C 3 6  ? -20.298 -5.825  -5.811  1.00 102.34 ? 5   DG  C "H2''" 1 
ATOM   826  H  "H1'"  . DG  C 3 6  ? -18.151 -6.212  -5.813  1.00 92.90  ? 5   DG  C "H1'"  1 
ATOM   827  H  H8     . DG  C 3 6  ? -17.686 -3.397  -3.530  1.00 82.70  ? 5   DG  C H8     1 
ATOM   828  H  H1     . DG  C 3 6  ? -16.639 -8.810  -0.868  1.00 80.23  ? 5   DG  C H1     1 
ATOM   829  H  H21    . DG  C 3 6  ? -17.626 -10.246 -3.632  1.00 78.00  ? 5   DG  C H21    1 
ATOM   830  H  H22    . DG  C 3 6  ? -17.116 -10.479 -2.252  1.00 78.00  ? 5   DG  C H22    1 
ATOM   831  O  "O5'"  . DT  D 4 1  ? 9.990   -10.844 -20.333 1.00 107.14 ? 2   DT  D "O5'"  1 
ATOM   832  C  "C5'"  . DT  D 4 1  ? 8.676   -10.591 -20.810 1.00 110.82 ? 2   DT  D "C5'"  1 
ATOM   833  C  "C4'"  . DT  D 4 1  ? 8.052   -11.851 -21.382 1.00 112.09 ? 2   DT  D "C4'"  1 
ATOM   834  O  "O4'"  . DT  D 4 1  ? 8.835   -13.006 -20.972 1.00 100.57 ? 2   DT  D "O4'"  1 
ATOM   835  C  "C3'"  . DT  D 4 1  ? 6.626   -12.120 -20.921 1.00 122.17 ? 2   DT  D "C3'"  1 
ATOM   836  O  "O3'"  . DT  D 4 1  ? 5.832   -12.671 -22.021 1.00 123.31 ? 2   DT  D "O3'"  1 
ATOM   837  C  "C2'"  . DT  D 4 1  ? 6.823   -13.049 -19.722 1.00 112.81 ? 2   DT  D "C2'"  1 
ATOM   838  C  "C1'"  . DT  D 4 1  ? 8.133   -13.772 -20.011 1.00 95.91  ? 2   DT  D "C1'"  1 
ATOM   839  N  N1     . DT  D 4 1  ? 8.994   -13.928 -18.798 1.00 86.72  ? 2   DT  D N1     1 
ATOM   840  C  C2     . DT  D 4 1  ? 9.087   -15.154 -18.184 1.00 88.52  ? 2   DT  D C2     1 
ATOM   841  O  O2     . DT  D 4 1  ? 8.508   -16.150 -18.586 1.00 92.38  ? 2   DT  D O2     1 
ATOM   842  N  N3     . DT  D 4 1  ? 9.892   -15.179 -17.077 1.00 81.72  ? 2   DT  D N3     1 
ATOM   843  C  C4     . DT  D 4 1  ? 10.594  -14.120 -16.529 1.00 84.62  ? 2   DT  D C4     1 
ATOM   844  O  O4     . DT  D 4 1  ? 11.294  -14.240 -15.530 1.00 86.66  ? 2   DT  D O4     1 
ATOM   845  C  C5     . DT  D 4 1  ? 10.444  -12.861 -17.218 1.00 82.97  ? 2   DT  D C5     1 
ATOM   846  C  C7     . DT  D 4 1  ? 11.154  -11.637 -16.722 1.00 78.65  ? 2   DT  D C7     1 
ATOM   847  C  C6     . DT  D 4 1  ? 9.659   -12.827 -18.301 1.00 85.99  ? 2   DT  D C6     1 
ATOM   848  H  "H5'"  . DT  D 4 1  ? 8.715   -9.912  -21.502 1.00 133.12 ? 2   DT  D "H5'"  1 
ATOM   849  H  "H5''" . DT  D 4 1  ? 8.128   -10.268 -20.078 1.00 133.12 ? 2   DT  D "H5''" 1 
ATOM   850  H  "H4'"  . DT  D 4 1  ? 8.062   -11.793 -22.350 1.00 134.64 ? 2   DT  D "H4'"  1 
ATOM   851  H  "H3'"  . DT  D 4 1  ? 6.225   -11.290 -20.621 1.00 146.74 ? 2   DT  D "H3'"  1 
ATOM   852  H  "H2'"  . DT  D 4 1  ? 6.893   -12.534 -18.903 1.00 135.51 ? 2   DT  D "H2'"  1 
ATOM   853  H  "H2''" . DT  D 4 1  ? 6.092   -13.684 -19.663 1.00 135.51 ? 2   DT  D "H2''" 1 
ATOM   854  H  "H1'"  . DT  D 4 1  ? 7.940   -14.648 -20.380 1.00 115.22 ? 2   DT  D "H1'"  1 
ATOM   855  H  H3     . DT  D 4 1  ? 9.970   -15.936 -16.677 1.00 98.19  ? 2   DT  D H3     1 
ATOM   856  H  H71    . DT  D 4 1  ? 11.669  -11.861 -15.931 1.00 94.50  ? 2   DT  D H71    1 
ATOM   857  H  H72    . DT  D 4 1  ? 11.749  -11.306 -17.412 1.00 94.50  ? 2   DT  D H72    1 
ATOM   858  H  H73    . DT  D 4 1  ? 10.503  -10.953 -16.501 1.00 94.50  ? 2   DT  D H73    1 
ATOM   859  H  H6     . DT  D 4 1  ? 9.563   -12.017 -18.748 1.00 103.32 ? 2   DT  D H6     1 
ATOM   860  H  "HO5'" . DT  D 4 1  ? 10.365  -11.576 -20.505 1.00 128.69 ? 2   DT  D "HO5'" 1 
ATOM   861  P  P      . DC  D 4 2  ? 5.043   -14.078 -21.955 1.00 130.61 ? 3   DC  D P      1 
ATOM   862  O  OP1    . DC  D 4 2  ? 5.854   -15.107 -21.269 1.00 122.23 ? 3   DC  D OP1    1 
ATOM   863  O  OP2    . DC  D 4 2  ? 4.648   -14.337 -23.356 1.00 138.86 ? 3   DC  D OP2    1 
ATOM   864  O  "O5'"  . DC  D 4 2  ? 3.682   -13.758 -21.162 1.00 120.91 ? 3   DC  D "O5'"  1 
ATOM   865  C  "C5'"  . DC  D 4 2  ? 3.534   -14.048 -19.762 1.00 119.27 ? 3   DC  D "C5'"  1 
ATOM   866  C  "C4'"  . DC  D 4 2  ? 3.822   -15.514 -19.452 1.00 114.52 ? 3   DC  D "C4'"  1 
ATOM   867  O  "O4'"  . DC  D 4 2  ? 5.127   -15.634 -18.810 1.00 112.83 ? 3   DC  D "O4'"  1 
ATOM   868  C  "C3'"  . DC  D 4 2  ? 2.838   -16.172 -18.491 1.00 118.26 ? 3   DC  D "C3'"  1 
ATOM   869  O  "O3'"  . DC  D 4 2  ? 2.634   -17.540 -18.825 1.00 127.14 ? 3   DC  D "O3'"  1 
ATOM   870  C  "C2'"  . DC  D 4 2  ? 3.518   -16.002 -17.141 1.00 113.21 ? 3   DC  D "C2'"  1 
ATOM   871  C  "C1'"  . DC  D 4 2  ? 4.984   -16.142 -17.491 1.00 102.91 ? 3   DC  D "C1'"  1 
ATOM   872  N  N1     . DC  D 4 2  ? 5.891   -15.381 -16.581 1.00 85.42  ? 3   DC  D N1     1 
ATOM   873  C  C2     . DC  D 4 2  ? 6.478   -16.017 -15.476 1.00 88.31  ? 3   DC  D C2     1 
ATOM   874  O  O2     . DC  D 4 2  ? 6.234   -17.215 -15.264 1.00 87.06  ? 3   DC  D O2     1 
ATOM   875  N  N3     . DC  D 4 2  ? 7.303   -15.297 -14.670 1.00 83.59  ? 3   DC  D N3     1 
ATOM   876  C  C4     . DC  D 4 2  ? 7.537   -14.009 -14.936 1.00 84.38  ? 3   DC  D C4     1 
ATOM   877  N  N4     . DC  D 4 2  ? 8.355   -13.338 -14.122 1.00 79.22  ? 3   DC  D N4     1 
ATOM   878  C  C5     . DC  D 4 2  ? 6.946   -13.353 -16.053 1.00 79.95  ? 3   DC  D C5     1 
ATOM   879  C  C6     . DC  D 4 2  ? 6.138   -14.069 -16.834 1.00 83.59  ? 3   DC  D C6     1 
ATOM   880  H  "H5'"  . DC  D 4 2  ? 2.627   -13.841 -19.491 1.00 143.25 ? 3   DC  D "H5'"  1 
ATOM   881  H  "H5''" . DC  D 4 2  ? 4.149   -13.492 -19.257 1.00 143.25 ? 3   DC  D "H5''" 1 
ATOM   882  H  "H4'"  . DC  D 4 2  ? 3.833   -16.015 -20.283 1.00 137.55 ? 3   DC  D "H4'"  1 
ATOM   883  H  "H3'"  . DC  D 4 2  ? 1.993   -15.695 -18.502 1.00 142.04 ? 3   DC  D "H3'"  1 
ATOM   884  H  "H2'"  . DC  D 4 2  ? 3.334   -15.124 -16.772 1.00 135.98 ? 3   DC  D "H2'"  1 
ATOM   885  H  "H2''" . DC  D 4 2  ? 3.243   -16.701 -16.527 1.00 135.98 ? 3   DC  D "H2''" 1 
ATOM   886  H  "H1'"  . DC  D 4 2  ? 5.229   -17.080 -17.479 1.00 123.62 ? 3   DC  D "H1'"  1 
ATOM   887  H  H41    . DC  D 4 2  ? 8.524   -12.508 -14.271 1.00 95.19  ? 3   DC  D H41    1 
ATOM   888  H  H42    . DC  D 4 2  ? 8.714   -13.736 -13.450 1.00 95.19  ? 3   DC  D H42    1 
ATOM   889  H  H5     . DC  D 4 2  ? 7.118   -12.456 -16.230 1.00 96.07  ? 3   DC  D H5     1 
ATOM   890  H  H6     . DC  D 4 2  ? 5.743   -13.666 -17.573 1.00 100.43 ? 3   DC  D H6     1 
ATOM   891  P  P      . DG  D 4 3  ? 1.397   -18.347 -18.190 1.00 133.64 ? 4   DG  D P      1 
ATOM   892  O  OP1    . DG  D 4 3  ? 1.779   -19.775 -18.121 1.00 128.82 ? 4   DG  D OP1    1 
ATOM   893  O  OP2    . DG  D 4 3  ? 0.175   -17.937 -18.919 1.00 124.73 ? 4   DG  D OP2    1 
ATOM   894  O  "O5'"  . DG  D 4 3  ? 1.290   -17.771 -16.702 1.00 112.55 ? 4   DG  D "O5'"  1 
ATOM   895  C  "C5'"  . DG  D 4 3  ? 0.562   -18.473 -15.713 1.00 113.04 ? 4   DG  D "C5'"  1 
ATOM   896  C  "C4'"  . DG  D 4 3  ? 1.494   -19.077 -14.675 1.00 111.56 ? 4   DG  D "C4'"  1 
ATOM   897  O  "O4'"  . DG  D 4 3  ? 2.695   -18.260 -14.559 1.00 111.32 ? 4   DG  D "O4'"  1 
ATOM   898  C  "C3'"  . DG  D 4 3  ? 0.901   -19.172 -13.272 1.00 110.36 ? 4   DG  D "C3'"  1 
ATOM   899  O  "O3'"  . DG  D 4 3  ? 1.150   -20.454 -12.715 1.00 114.57 ? 4   DG  D "O3'"  1 
ATOM   900  C  "C2'"  . DG  D 4 3  ? 1.593   -18.053 -12.498 1.00 108.85 ? 4   DG  D "C2'"  1 
ATOM   901  C  "C1'"  . DG  D 4 3  ? 2.927   -17.912 -13.205 1.00 97.63  ? 4   DG  D "C1'"  1 
ATOM   902  N  N9     . DG  D 4 3  ? 3.491   -16.559 -13.168 1.00 90.56  ? 4   DG  D N9     1 
ATOM   903  C  C8     . DG  D 4 3  ? 3.238   -15.537 -14.051 1.00 87.30  ? 4   DG  D C8     1 
ATOM   904  N  N7     . DG  D 4 3  ? 3.894   -14.440 -13.787 1.00 77.50  ? 4   DG  D N7     1 
ATOM   905  C  C5     . DG  D 4 3  ? 4.633   -14.750 -12.656 1.00 75.69  ? 4   DG  D C5     1 
ATOM   906  C  C6     . DG  D 4 3  ? 5.530   -13.950 -11.913 1.00 74.78  ? 4   DG  D C6     1 
ATOM   907  O  O6     . DG  D 4 3  ? 5.858   -12.773 -12.120 1.00 75.97  ? 4   DG  D O6     1 
ATOM   908  N  N1     . DG  D 4 3  ? 6.070   -14.645 -10.835 1.00 73.15  ? 4   DG  D N1     1 
ATOM   909  C  C2     . DG  D 4 3  ? 5.777   -15.950 -10.514 1.00 81.23  ? 4   DG  D C2     1 
ATOM   910  N  N2     . DG  D 4 3  ? 6.399   -16.447 -9.433  1.00 86.29  ? 4   DG  D N2     1 
ATOM   911  N  N3     . DG  D 4 3  ? 4.935   -16.716 -11.203 1.00 82.00  ? 4   DG  D N3     1 
ATOM   912  C  C4     . DG  D 4 3  ? 4.402   -16.051 -12.259 1.00 83.34  ? 4   DG  D C4     1 
ATOM   913  H  "H5'"  . DG  D 4 3  ? 0.054   -19.184 -16.137 1.00 135.78 ? 4   DG  D "H5'"  1 
ATOM   914  H  "H5''" . DG  D 4 3  ? -0.050  -17.862 -15.275 1.00 135.78 ? 4   DG  D "H5''" 1 
ATOM   915  H  "H4'"  . DG  D 4 3  ? 1.749   -19.966 -14.967 1.00 134.01 ? 4   DG  D "H4'"  1 
ATOM   916  H  "H3'"  . DG  D 4 3  ? -0.055  -19.008 -13.307 1.00 132.56 ? 4   DG  D "H3'"  1 
ATOM   917  H  "H2'"  . DG  D 4 3  ? 1.085   -17.229 -12.561 1.00 130.74 ? 4   DG  D "H2'"  1 
ATOM   918  H  "H2''" . DG  D 4 3  ? 1.722   -18.307 -11.571 1.00 130.74 ? 4   DG  D "H2''" 1 
ATOM   919  H  "H1'"  . DG  D 4 3  ? 3.563   -18.536 -12.819 1.00 117.29 ? 4   DG  D "H1'"  1 
ATOM   920  H  H8     . DG  D 4 3  ? 2.657   -15.621 -14.773 1.00 104.89 ? 4   DG  D H8     1 
ATOM   921  H  H1     . DG  D 4 3  ? 6.628   -14.226 -10.331 1.00 87.91  ? 4   DG  D H1     1 
ATOM   922  H  H21    . DG  D 4 3  ? 6.253   -17.257 -9.187  1.00 103.67 ? 4   DG  D H21    1 
ATOM   923  H  H22    . DG  D 4 3  ? 6.943   -15.954 -8.986  1.00 103.67 ? 4   DG  D H22    1 
ATOM   924  P  P      . DA  D 4 4  ? 0.128   -21.078 -11.644 1.00 123.47 ? 5   DA  D P      1 
ATOM   925  O  OP1    . DA  D 4 4  ? 0.405   -22.529 -11.549 1.00 112.68 ? 5   DA  D OP1    1 
ATOM   926  O  OP2    . DA  D 4 4  ? -1.233  -20.607 -11.988 1.00 114.12 ? 5   DA  D OP2    1 
ATOM   927  O  "O5'"  . DA  D 4 4  ? 0.554   -20.381 -10.271 1.00 109.02 ? 5   DA  D "O5'"  1 
ATOM   928  C  "C5'"  . DA  D 4 4  ? 1.897   -20.482 -9.811  1.00 111.84 ? 5   DA  D "C5'"  1 
ATOM   929  C  "C4'"  . DA  D 4 4  ? 2.090   -19.694 -8.529  1.00 110.72 ? 5   DA  D "C4'"  1 
ATOM   930  O  "O4'"  . DA  D 4 4  ? 2.599   -18.366 -8.850  1.00 107.17 ? 5   DA  D "O4'"  1 
ATOM   931  C  "C3'"  . DA  D 4 4  ? 0.812   -19.473 -7.716  1.00 105.73 ? 5   DA  D "C3'"  1 
ATOM   932  O  "O3'"  . DA  D 4 4  ? 1.064   -19.637 -6.322  1.00 107.11 ? 5   DA  D "O3'"  1 
ATOM   933  C  "C2'"  . DA  D 4 4  ? 0.418   -18.045 -8.073  1.00 102.00 ? 5   DA  D "C2'"  1 
ATOM   934  C  "C1'"  . DA  D 4 4  ? 1.774   -17.383 -8.260  1.00 95.82  ? 5   DA  D "C1'"  1 
ATOM   935  N  N9     . DA  D 4 4  ? 1.760   -16.199 -9.118  1.00 84.35  ? 5   DA  D N9     1 
ATOM   936  C  C8     . DA  D 4 4  ? 0.996   -15.988 -10.232 1.00 79.03  ? 5   DA  D C8     1 
ATOM   937  N  N7     . DA  D 4 4  ? 1.205   -14.826 -10.806 1.00 76.55  ? 5   DA  D N7     1 
ATOM   938  C  C5     . DA  D 4 4  ? 2.170   -14.232 -10.011 1.00 70.65  ? 5   DA  D C5     1 
ATOM   939  C  C6     . DA  D 4 4  ? 2.821   -12.985 -10.080 1.00 74.88  ? 5   DA  D C6     1 
ATOM   940  N  N6     . DA  D 4 4  ? 2.577   -12.075 -11.035 1.00 76.49  ? 5   DA  D N6     1 
ATOM   941  N  N1     . DA  D 4 4  ? 3.734   -12.705 -9.125  1.00 71.83  ? 5   DA  D N1     1 
ATOM   942  C  C2     . DA  D 4 4  ? 3.973   -13.615 -8.173  1.00 74.42  ? 5   DA  D C2     1 
ATOM   943  N  N3     . DA  D 4 4  ? 3.425   -14.815 -8.007  1.00 73.76  ? 5   DA  D N3     1 
ATOM   944  C  C4     . DA  D 4 4  ? 2.524   -15.064 -8.968  1.00 74.86  ? 5   DA  D C4     1 
ATOM   945  H  "H5'"  . DA  D 4 4  ? 2.494   -20.135 -10.491 1.00 134.34 ? 5   DA  D "H5'"  1 
ATOM   946  H  "H5''" . DA  D 4 4  ? 2.108   -21.415 -9.646  1.00 134.34 ? 5   DA  D "H5''" 1 
ATOM   947  H  "H4'"  . DA  D 4 4  ? 2.739   -20.152 -7.974  1.00 132.99 ? 5   DA  D "H4'"  1 
ATOM   948  H  "H3'"  . DA  D 4 4  ? 0.123   -20.089 -8.006  1.00 127.00 ? 5   DA  D "H3'"  1 
ATOM   949  H  "H2'"  . DA  D 4 4  ? -0.093  -18.022 -8.897  1.00 122.53 ? 5   DA  D "H2'"  1 
ATOM   950  H  "H2''" . DA  D 4 4  ? -0.071  -17.629 -7.346  1.00 122.53 ? 5   DA  D "H2''" 1 
ATOM   951  H  "H1'"  . DA  D 4 4  ? 2.134   -17.143 -7.391  1.00 115.12 ? 5   DA  D "H1'"  1 
ATOM   952  H  H8     . DA  D 4 4  ? 0.391   -16.615 -10.557 1.00 94.96  ? 5   DA  D H8     1 
ATOM   953  H  H61    . DA  D 4 4  ? 3.000   -11.327 -11.033 1.00 91.92  ? 5   DA  D H61    1 
ATOM   954  H  H62    . DA  D 4 4  ? 1.998   -12.240 -11.648 1.00 91.92  ? 5   DA  D H62    1 
ATOM   955  H  H2     . DA  D 4 4  ? 4.609   -13.375 -7.539  1.00 89.44  ? 5   DA  D H2     1 
ATOM   956  P  P      . DG  D 4 5  ? -0.118  -20.086 -5.329  1.00 124.28 ? 6   DG  D P      1 
ATOM   957  O  OP1    . DG  D 4 5  ? 0.083   -21.513 -4.991  1.00 115.57 ? 6   DG  D OP1    1 
ATOM   958  O  OP2    . DG  D 4 5  ? -1.397  -19.652 -5.937  1.00 113.23 ? 6   DG  D OP2    1 
ATOM   959  O  "O5'"  . DG  D 4 5  ? 0.124   -19.190 -4.026  1.00 111.48 ? 6   DG  D "O5'"  1 
ATOM   960  C  "C5'"  . DG  D 4 5  ? 0.098   -17.777 -4.141  1.00 105.02 ? 6   DG  D "C5'"  1 
ATOM   961  C  "C4'"  . DG  D 4 5  ? 1.194   -17.132 -3.310  1.00 100.14 ? 6   DG  D "C4'"  1 
ATOM   962  O  "O4'"  . DG  D 4 5  ? 2.018   -16.315 -4.171  1.00 96.67  ? 6   DG  D "O4'"  1 
ATOM   963  C  "C3'"  . DG  D 4 5  ? 0.701   -16.214 -2.195  1.00 98.86  ? 6   DG  D "C3'"  1 
ATOM   964  O  "O3'"  . DG  D 4 5  ? 1.474   -16.381 -1.018  1.00 106.07 ? 6   DG  D "O3'"  1 
ATOM   965  C  "C2'"  . DG  D 4 5  ? 0.832   -14.801 -2.761  1.00 91.99  ? 6   DG  D "C2'"  1 
ATOM   966  C  "C1'"  . DG  D 4 5  ? 1.737   -14.941 -3.981  1.00 86.11  ? 6   DG  D "C1'"  1 
ATOM   967  N  N9     . DG  D 4 5  ? 1.137   -14.400 -5.199  1.00 77.01  ? 6   DG  D N9     1 
ATOM   968  C  C8     . DG  D 4 5  ? 0.238   -15.012 -6.043  1.00 80.25  ? 6   DG  D C8     1 
ATOM   969  N  N7     . DG  D 4 5  ? -0.125  -14.261 -7.050  1.00 76.84  ? 6   DG  D N7     1 
ATOM   970  C  C5     . DG  D 4 5  ? 0.573   -13.077 -6.856  1.00 67.85  ? 6   DG  D C5     1 
ATOM   971  C  C6     . DG  D 4 5  ? 0.587   -11.891 -7.622  1.00 71.28  ? 6   DG  D C6     1 
ATOM   972  O  O6     . DG  D 4 5  ? -0.040  -11.641 -8.664  1.00 74.75  ? 6   DG  D O6     1 
ATOM   973  N  N1     . DG  D 4 5  ? 1.435   -10.932 -7.067  1.00 70.94  ? 6   DG  D N1     1 
ATOM   974  C  C2     . DG  D 4 5  ? 2.170   -11.109 -5.915  1.00 72.45  ? 6   DG  D C2     1 
ATOM   975  N  N2     . DG  D 4 5  ? 2.934   -10.080 -5.528  1.00 76.28  ? 6   DG  D N2     1 
ATOM   976  N  N3     . DG  D 4 5  ? 2.163   -12.213 -5.193  1.00 71.65  ? 6   DG  D N3     1 
ATOM   977  C  C4     . DG  D 4 5  ? 1.347   -13.150 -5.719  1.00 72.04  ? 6   DG  D C4     1 
ATOM   978  H  "H5'"  . DG  D 4 5  ? -0.763  -17.450 -3.838  1.00 126.15 ? 6   DG  D "H5'"  1 
ATOM   979  H  "H5''" . DG  D 4 5  ? 0.220   -17.533 -5.072  1.00 126.15 ? 6   DG  D "H5''" 1 
ATOM   980  H  "H4'"  . DG  D 4 5  ? 1.744   -17.831 -2.921  1.00 120.29 ? 6   DG  D "H4'"  1 
ATOM   981  H  "H3'"  . DG  D 4 5  ? -0.230  -16.404 -2.005  1.00 118.76 ? 6   DG  D "H3'"  1 
ATOM   982  H  "H2'"  . DG  D 4 5  ? -0.037  -14.462 -3.024  1.00 110.52 ? 6   DG  D "H2'"  1 
ATOM   983  H  "H2''" . DG  D 4 5  ? 1.240   -14.213 -2.105  1.00 110.52 ? 6   DG  D "H2''" 1 
ATOM   984  H  "H1'"  . DG  D 4 5  ? 2.569   -14.473 -3.809  1.00 103.47 ? 6   DG  D "H1'"  1 
ATOM   985  H  H8     . DG  D 4 5  ? -0.077  -15.877 -5.912  1.00 96.43  ? 6   DG  D H8     1 
ATOM   986  H  H1     . DG  D 4 5  ? 1.502   -10.178 -7.473  1.00 85.25  ? 6   DG  D H1     1 
ATOM   987  H  H21    . DG  D 4 5  ? 3.412   -10.143 -4.817  1.00 91.66  ? 6   DG  D H21    1 
ATOM   988  H  H22    . DG  D 4 5  ? 2.945   -9.355  -5.992  1.00 91.66  ? 6   DG  D H22    1 
ATOM   989  P  P      . DT  D 4 6  ? 0.898   -15.866 0.391   1.00 110.48 ? 7   DT  D P      1 
ATOM   990  O  OP1    . DT  D 4 6  ? 1.852   -16.287 1.442   1.00 95.28  ? 7   DT  D OP1    1 
ATOM   991  O  OP2    . DT  D 4 6  ? -0.525  -16.272 0.465   1.00 106.03 ? 7   DT  D OP2    1 
ATOM   992  O  "O5'"  . DT  D 4 6  ? 0.951   -14.269 0.273   1.00 104.95 ? 7   DT  D "O5'"  1 
ATOM   993  C  "C5'"  . DT  D 4 6  ? 2.191   -13.596 0.433   1.00 89.09  ? 7   DT  D "C5'"  1 
ATOM   994  C  "C4'"  . DT  D 4 6  ? 2.050   -12.098 0.197   1.00 87.31  ? 7   DT  D "C4'"  1 
ATOM   995  O  "O4'"  . DT  D 4 6  ? 1.635   -11.857 -1.169  1.00 89.91  ? 7   DT  D "O4'"  1 
ATOM   996  C  "C3'"  . DT  D 4 6  ? 1.015   -11.376 1.080   1.00 79.03  ? 7   DT  D "C3'"  1 
ATOM   997  O  "O3'"  . DT  D 4 6  ? 1.672   -10.473 1.968   1.00 78.86  ? 7   DT  D "O3'"  1 
ATOM   998  C  "C2'"  . DT  D 4 6  ? 0.093   -10.653 0.081   1.00 77.29  ? 7   DT  D "C2'"  1 
ATOM   999  C  "C1'"  . DT  D 4 6  ? 0.907   -10.654 -1.201  1.00 80.08  ? 7   DT  D "C1'"  1 
ATOM   1000 N  N1     . DT  D 4 6  ? 0.104   -10.612 -2.468  1.00 68.14  ? 7   DT  D N1     1 
ATOM   1001 C  C2     . DT  D 4 6  ? 0.177   -9.498  -3.276  1.00 66.86  ? 7   DT  D C2     1 
ATOM   1002 O  O2     . DT  D 4 6  ? 0.850   -8.520  -3.007  1.00 75.20  ? 7   DT  D O2     1 
ATOM   1003 N  N3     . DT  D 4 6  ? -0.576  -9.565  -4.418  1.00 67.11  ? 7   DT  D N3     1 
ATOM   1004 C  C4     . DT  D 4 6  ? -1.376  -10.614 -4.828  1.00 75.46  ? 7   DT  D C4     1 
ATOM   1005 O  O4     . DT  D 4 6  ? -2.019  -10.580 -5.876  1.00 76.68  ? 7   DT  D O4     1 
ATOM   1006 C  C5     . DT  D 4 6  ? -1.405  -11.752 -3.941  1.00 66.33  ? 7   DT  D C5     1 
ATOM   1007 C  C7     . DT  D 4 6  ? -2.240  -12.947 -4.284  1.00 61.73  ? 7   DT  D C7     1 
ATOM   1008 C  C6     . DT  D 4 6  ? -0.669  -11.700 -2.818  1.00 68.14  ? 7   DT  D C6     1 
ATOM   1009 H  "H5'"  . DT  D 4 6  ? 2.832   -13.958 -0.199  1.00 107.03 ? 7   DT  D "H5'"  1 
ATOM   1010 H  "H5''" . DT  D 4 6  ? 2.518   -13.745 1.334   1.00 107.03 ? 7   DT  D "H5''" 1 
ATOM   1011 H  "H4'"  . DT  D 4 6  ? 2.916   -11.682 0.334   1.00 104.90 ? 7   DT  D "H4'"  1 
ATOM   1012 H  "H3'"  . DT  D 4 6  ? 0.506   -12.027 1.588   1.00 94.96  ? 7   DT  D "H3'"  1 
ATOM   1013 H  "H2'"  . DT  D 4 6  ? -0.734  -11.145 -0.039  1.00 92.88  ? 7   DT  D "H2'"  1 
ATOM   1014 H  "H2''" . DT  D 4 6  ? -0.083  -9.746  0.373   1.00 92.88  ? 7   DT  D "H2''" 1 
ATOM   1015 H  "H1'"  . DT  D 4 6  ? 1.525   -9.907  -1.189  1.00 96.22  ? 7   DT  D "H1'"  1 
ATOM   1016 H  H3     . DT  D 4 6  ? -0.550  -8.878  -4.934  1.00 80.67  ? 7   DT  D H3     1 
ATOM   1017 H  H71    . DT  D 4 6  ? -2.698  -12.790 -5.125  1.00 74.20  ? 7   DT  D H71    1 
ATOM   1018 H  H72    . DT  D 4 6  ? -1.669  -13.727 -4.366  1.00 74.20  ? 7   DT  D H72    1 
ATOM   1019 H  H73    . DT  D 4 6  ? -2.894  -13.097 -3.583  1.00 74.20  ? 7   DT  D H73    1 
ATOM   1020 H  H6     . DT  D 4 6  ? -0.684  -12.433 -2.246  1.00 81.89  ? 7   DT  D H6     1 
ATOM   1021 P  P      . DC  D 4 7  ? 0.839   -9.636  3.057   1.00 89.69  ? 8   DC  D P      1 
ATOM   1022 O  OP1    . DC  D 4 7  ? 1.782   -9.266  4.136   1.00 85.24  ? 8   DC  D OP1    1 
ATOM   1023 O  OP2    . DC  D 4 7  ? -0.390  -10.390 3.387   1.00 83.53  ? 8   DC  D OP2    1 
ATOM   1024 O  "O5'"  . DC  D 4 7  ? 0.417   -8.310  2.270   1.00 83.53  ? 8   DC  D "O5'"  1 
ATOM   1025 C  "C5'"  . DC  D 4 7  ? 1.420   -7.499  1.672   1.00 82.37  ? 8   DC  D "C5'"  1 
ATOM   1026 C  "C4'"  . DC  D 4 7  ? 0.816   -6.270  1.015   1.00 80.05  ? 8   DC  D "C4'"  1 
ATOM   1027 O  "O4'"  . DC  D 4 7  ? 0.201   -6.646  -0.245  1.00 83.95  ? 8   DC  D "O4'"  1 
ATOM   1028 C  "C3'"  . DC  D 4 7  ? -0.274  -5.568  1.832   1.00 81.64  ? 8   DC  D "C3'"  1 
ATOM   1029 O  "O3'"  . DC  D 4 7  ? -0.005  -4.176  1.907   1.00 79.95  ? 8   DC  D "O3'"  1 
ATOM   1030 C  "C2'"  . DC  D 4 7  ? -1.567  -5.875  1.068   1.00 82.57  ? 8   DC  D "C2'"  1 
ATOM   1031 C  "C1'"  . DC  D 4 7  ? -1.072  -6.041  -0.355  1.00 78.73  ? 8   DC  D "C1'"  1 
ATOM   1032 N  N1     . DC  D 4 7  ? -1.926  -6.910  -1.236  1.00 69.90  ? 8   DC  D N1     1 
ATOM   1033 C  C2     . DC  D 4 7  ? -2.330  -6.437  -2.492  1.00 72.04  ? 8   DC  D C2     1 
ATOM   1034 O  O2     . DC  D 4 7  ? -2.011  -5.294  -2.841  1.00 74.67  ? 8   DC  D O2     1 
ATOM   1035 N  N3     . DC  D 4 7  ? -3.075  -7.241  -3.288  1.00 69.75  ? 8   DC  D N3     1 
ATOM   1036 C  C4     . DC  D 4 7  ? -3.402  -8.467  -2.879  1.00 67.48  ? 8   DC  D C4     1 
ATOM   1037 N  N4     . DC  D 4 7  ? -4.137  -9.221  -3.701  1.00 72.50  ? 8   DC  D N4     1 
ATOM   1038 C  C5     . DC  D 4 7  ? -2.992  -8.973  -1.612  1.00 60.31  ? 8   DC  D C5     1 
ATOM   1039 C  C6     . DC  D 4 7  ? -2.256  -8.172  -0.834  1.00 69.65  ? 8   DC  D C6     1 
ATOM   1040 H  "H5'"  . DC  D 4 7  ? 1.890   -8.018  1.001   1.00 98.97  ? 8   DC  D "H5'"  1 
ATOM   1041 H  "H5''" . DC  D 4 7  ? 2.048   -7.218  2.355   1.00 98.97  ? 8   DC  D "H5''" 1 
ATOM   1042 H  "H4'"  . DC  D 4 7  ? 1.526   -5.634  0.837   1.00 96.19  ? 8   DC  D "H4'"  1 
ATOM   1043 H  "H3'"  . DC  D 4 7  ? -0.316  -5.948  2.723   1.00 98.10  ? 8   DC  D "H3'"  1 
ATOM   1044 H  "H2'"  . DC  D 4 7  ? -1.971  -6.696  1.391   1.00 99.21  ? 8   DC  D "H2'"  1 
ATOM   1045 H  "H2''" . DC  D 4 7  ? -2.189  -5.133  1.133   1.00 99.21  ? 8   DC  D "H2''" 1 
ATOM   1046 H  "H1'"  . DC  D 4 7  ? -0.976  -5.167  -0.765  1.00 94.60  ? 8   DC  D "H1'"  1 
ATOM   1047 H  H41    . DC  D 4 7  ? -4.365  -10.017 -3.465  1.00 87.13  ? 8   DC  D H41    1 
ATOM   1048 H  H42    . DC  D 4 7  ? -4.382  -8.912  -4.464  1.00 87.13  ? 8   DC  D H42    1 
ATOM   1049 H  H5     . DC  D 4 7  ? -3.224  -9.831  -1.338  1.00 72.50  ? 8   DC  D H5     1 
ATOM   1050 H  H6     . DC  D 4 7  ? -1.972  -8.476  -0.002  1.00 83.70  ? 8   DC  D H6     1 
ATOM   1051 P  P      . DG  D 4 8  ? -0.698  -3.271  3.036   1.00 84.02  ? 9   DG  D P      1 
ATOM   1052 O  OP1    . DG  D 4 8  ? 0.277   -2.227  3.420   1.00 84.17  ? 9   DG  D OP1    1 
ATOM   1053 O  OP2    . DG  D 4 8  ? -1.271  -4.173  4.059   1.00 90.27  ? 9   DG  D OP2    1 
ATOM   1054 O  "O5'"  . DG  D 4 8  ? -1.911  -2.570  2.269   1.00 85.95  ? 9   DG  D "O5'"  1 
ATOM   1055 C  "C5'"  . DG  D 4 8  ? -1.649  -1.536  1.339   1.00 81.07  ? 9   DG  D "C5'"  1 
ATOM   1056 C  "C4'"  . DG  D 4 8  ? -2.805  -1.368  0.370   1.00 80.25  ? 9   DG  D "C4'"  1 
ATOM   1057 O  "O4'"  . DG  D 4 8  ? -3.136  -2.654  -0.216  1.00 77.91  ? 9   DG  D "O4'"  1 
ATOM   1058 C  "C3'"  . DG  D 4 8  ? -4.107  -0.845  0.996   1.00 81.85  ? 9   DG  D "C3'"  1 
ATOM   1059 O  "O3'"  . DG  D 4 8  ? -4.456  0.420   0.445   1.00 84.54  ? 9   DG  D "O3'"  1 
ATOM   1060 C  "C2'"  . DG  D 4 8  ? -5.149  -1.918  0.666   1.00 82.81  ? 9   DG  D "C2'"  1 
ATOM   1061 C  "C1'"  . DG  D 4 8  ? -4.512  -2.671  -0.485  1.00 71.50  ? 9   DG  D "C1'"  1 
ATOM   1062 N  N9     . DG  D 4 8  ? -4.968  -4.050  -0.618  1.00 70.46  ? 9   DG  D N9     1 
ATOM   1063 C  C8     . DG  D 4 8  ? -4.919  -5.040  0.334   1.00 71.31  ? 9   DG  D C8     1 
ATOM   1064 N  N7     . DG  D 4 8  ? -5.411  -6.178  -0.076  1.00 66.17  ? 9   DG  D N7     1 
ATOM   1065 C  C5     . DG  D 4 8  ? -5.813  -5.922  -1.381  1.00 62.03  ? 9   DG  D C5     1 
ATOM   1066 C  C6     . DG  D 4 8  ? -6.413  -6.775  -2.330  1.00 62.31  ? 9   DG  D C6     1 
ATOM   1067 O  O6     . DG  D 4 8  ? -6.724  -7.965  -2.201  1.00 71.42  ? 9   DG  D O6     1 
ATOM   1068 N  N1     . DG  D 4 8  ? -6.656  -6.118  -3.531  1.00 62.94  ? 9   DG  D N1     1 
ATOM   1069 C  C2     . DG  D 4 8  ? -6.354  -4.801  -3.782  1.00 69.43  ? 9   DG  D C2     1 
ATOM   1070 N  N2     . DG  D 4 8  ? -6.665  -4.340  -5.000  1.00 69.29  ? 9   DG  D N2     1 
ATOM   1071 N  N3     . DG  D 4 8  ? -5.788  -3.991  -2.900  1.00 64.83  ? 9   DG  D N3     1 
ATOM   1072 C  C4     . DG  D 4 8  ? -5.549  -4.618  -1.726  1.00 64.49  ? 9   DG  D C4     1 
ATOM   1073 H  "H5'"  . DG  D 4 8  ? -0.845  -1.750  0.842   1.00 97.41  ? 9   DG  D "H5'"  1 
ATOM   1074 H  "H5''" . DG  D 4 8  ? -1.514  -0.703  1.820   1.00 97.41  ? 9   DG  D "H5''" 1 
ATOM   1075 H  "H4'"  . DG  D 4 8  ? -2.533  -0.764  -0.338  1.00 96.43  ? 9   DG  D "H4'"  1 
ATOM   1076 H  "H3'"  . DG  D 4 8  ? -4.003  -0.769  1.957   1.00 98.35  ? 9   DG  D "H3'"  1 
ATOM   1077 H  "H2'"  . DG  D 4 8  ? -5.288  -2.505  1.426   1.00 99.51  ? 9   DG  D "H2'"  1 
ATOM   1078 H  "H2''" . DG  D 4 8  ? -5.985  -1.510  0.388   1.00 99.51  ? 9   DG  D "H2''" 1 
ATOM   1079 H  "H1'"  . DG  D 4 8  ? -4.683  -2.195  -1.313  1.00 85.93  ? 9   DG  D "H1'"  1 
ATOM   1080 H  H8     . DG  D 4 8  ? -4.570  -4.913  1.186   1.00 85.70  ? 9   DG  D H8     1 
ATOM   1081 H  H1     . DG  D 4 8  ? -7.024  -6.570  -4.164  1.00 75.65  ? 9   DG  D H1     1 
ATOM   1082 H  H21    . DG  D 4 8  ? -6.498  -3.522  -5.205  1.00 83.28  ? 9   DG  D H21    1 
ATOM   1083 H  H22    . DG  D 4 8  ? -7.032  -4.861  -5.576  1.00 83.28  ? 9   DG  D H22    1 
ATOM   1084 P  P      . DG  D 4 9  ? -3.840  1.765   1.066   1.00 83.36  ? 10  DG  D P      1 
ATOM   1085 O  OP1    . DG  D 4 9  ? -3.223  2.521   -0.045  1.00 103.43 ? 10  DG  D OP1    1 
ATOM   1086 O  OP2    . DG  D 4 9  ? -3.042  1.385   2.248   1.00 87.58  ? 10  DG  D OP2    1 
ATOM   1087 O  "O5'"  . DG  D 4 9  ? -5.113  2.582   1.578   1.00 84.92  ? 10  DG  D "O5'"  1 
ATOM   1088 C  "C5'"  . DG  D 4 9  ? -6.093  1.949   2.376   1.00 84.33  ? 10  DG  D "C5'"  1 
ATOM   1089 C  "C4'"  . DG  D 4 9  ? -6.203  2.600   3.749   1.00 83.45  ? 10  DG  D "C4'"  1 
ATOM   1090 O  "O4'"  . DG  D 4 9  ? -5.363  1.900   4.685   1.00 82.69  ? 10  DG  D "O4'"  1 
ATOM   1091 C  "C3'"  . DG  D 4 9  ? -5.723  4.041   3.854   1.00 83.99  ? 10  DG  D "C3'"  1 
ATOM   1092 O  "O3'"  . DG  D 4 9  ? -6.718  4.966   3.426   1.00 77.65  ? 10  DG  D "O3'"  1 
ATOM   1093 C  "C2'"  . DG  D 4 9  ? -5.410  4.179   5.347   1.00 82.52  ? 10  DG  D "C2'"  1 
ATOM   1094 C  "C1'"  . DG  D 4 9  ? -5.121  2.741   5.795   1.00 72.83  ? 10  DG  D "C1'"  1 
ATOM   1095 N  N9     . DG  D 4 9  ? -3.754  2.527   6.245   1.00 68.53  ? 10  DG  D N9     1 
ATOM   1096 C  C8     . DG  D 4 9  ? -2.825  1.676   5.696   1.00 75.71  ? 10  DG  D C8     1 
ATOM   1097 N  N7     . DG  D 4 9  ? -1.681  1.683   6.320   1.00 67.69  ? 10  DG  D N7     1 
ATOM   1098 C  C5     . DG  D 4 9  ? -1.865  2.595   7.348   1.00 61.39  ? 10  DG  D C5     1 
ATOM   1099 C  C6     . DG  D 4 9  ? -0.973  3.015   8.347   1.00 65.26  ? 10  DG  D C6     1 
ATOM   1100 O  O6     . DG  D 4 9  ? 0.195   2.650   8.524   1.00 73.66  ? 10  DG  D O6     1 
ATOM   1101 N  N1     . DG  D 4 9  ? -1.553  3.954   9.198   1.00 66.21  ? 10  DG  D N1     1 
ATOM   1102 C  C2     . DG  D 4 9  ? -2.843  4.426   9.088   1.00 69.18  ? 10  DG  D C2     1 
ATOM   1103 N  N2     . DG  D 4 9  ? -3.230  5.330   10.004  1.00 70.57  ? 10  DG  D N2     1 
ATOM   1104 N  N3     . DG  D 4 9  ? -3.695  4.035   8.148   1.00 66.15  ? 10  DG  D N3     1 
ATOM   1105 C  C4     . DG  D 4 9  ? -3.138  3.121   7.317   1.00 64.08  ? 10  DG  D C4     1 
ATOM   1106 H  "H5'"  . DG  D 4 9  ? -5.856  1.014   2.486   1.00 101.32 ? 10  DG  D "H5'"  1 
ATOM   1107 H  "H5''" . DG  D 4 9  ? -6.952  2.007   1.929   1.00 101.32 ? 10  DG  D "H5''" 1 
ATOM   1108 H  "H4'"  . DG  D 4 9  ? -7.124  2.551   4.052   1.00 100.27 ? 10  DG  D "H4'"  1 
ATOM   1109 H  "H3'"  . DG  D 4 9  ? -4.913  4.159   3.334   1.00 100.92 ? 10  DG  D "H3'"  1 
ATOM   1110 H  "H2'"  . DG  D 4 9  ? -4.631  4.741   5.481   1.00 99.15  ? 10  DG  D "H2'"  1 
ATOM   1111 H  "H2''" . DG  D 4 9  ? -6.176  4.536   5.823   1.00 99.15  ? 10  DG  D "H2''" 1 
ATOM   1112 H  "H1'"  . DG  D 4 9  ? -5.731  2.504   6.510   1.00 87.53  ? 10  DG  D "H1'"  1 
ATOM   1113 H  H8     . DG  D 4 9  ? -2.996  1.147   4.950   1.00 90.97  ? 10  DG  D H8     1 
ATOM   1114 H  H1     . DG  D 4 9  ? -1.070  4.262   9.840   1.00 79.58  ? 10  DG  D H1     1 
ATOM   1115 H  H21    . DG  D 4 9  ? -4.027  5.653   9.980   1.00 84.81  ? 10  DG  D H21    1 
ATOM   1116 H  H22    . DG  D 4 9  ? -2.680  5.586   10.614  1.00 84.81  ? 10  DG  D H22    1 
ATOM   1117 P  P      . DT  D 4 10 ? -6.325  6.509   3.193   1.00 84.34  ? 11  DT  D P      1 
ATOM   1118 O  OP1    . DT  D 4 10 ? -7.570  7.241   2.870   1.00 75.97  ? 11  DT  D OP1    1 
ATOM   1119 O  OP2    . DT  D 4 10 ? -5.181  6.559   2.255   1.00 77.56  ? 11  DT  D OP2    1 
ATOM   1120 O  "O5'"  . DT  D 4 10 ? -5.790  6.995   4.621   1.00 72.49  ? 11  DT  D "O5'"  1 
ATOM   1121 C  "C5'"  . DT  D 4 10 ? -6.637  7.757   5.478   1.00 74.72  ? 11  DT  D "C5'"  1 
ATOM   1122 C  "C4'"  . DT  D 4 10 ? -5.849  8.339   6.638   1.00 74.57  ? 11  DT  D "C4'"  1 
ATOM   1123 O  "O4'"  . DT  D 4 10 ? -4.780  7.420   6.989   1.00 71.54  ? 11  DT  D "O4'"  1 
ATOM   1124 C  "C3'"  . DT  D 4 10 ? -5.180  9.689   6.354   1.00 83.28  ? 11  DT  D "C3'"  1 
ATOM   1125 O  "O3'"  . DT  D 4 10 ? -5.477  10.627  7.383   1.00 91.34  ? 11  DT  D "O3'"  1 
ATOM   1126 C  "C2'"  . DT  D 4 10 ? -3.692  9.362   6.286   1.00 84.82  ? 11  DT  D "C2'"  1 
ATOM   1127 C  "C1'"  . DT  D 4 10 ? -3.570  8.121   7.148   1.00 70.68  ? 11  DT  D "C1'"  1 
ATOM   1128 N  N1     . DT  D 4 10 ? -2.447  7.226   6.755   1.00 60.76  ? 11  DT  D N1     1 
ATOM   1129 C  C2     . DT  D 4 10 ? -1.304  7.194   7.525   1.00 72.37  ? 11  DT  D C2     1 
ATOM   1130 O  O2     . DT  D 4 10 ? -1.155  7.865   8.533   1.00 79.60  ? 11  DT  D O2     1 
ATOM   1131 N  N3     . DT  D 4 10 ? -0.334  6.339   7.073   1.00 71.21  ? 11  DT  D N3     1 
ATOM   1132 C  C4     . DT  D 4 10 ? -0.391  5.534   5.952   1.00 65.43  ? 11  DT  D C4     1 
ATOM   1133 O  O4     . DT  D 4 10 ? 0.535   4.797   5.626   1.00 71.85  ? 11  DT  D O4     1 
ATOM   1134 C  C5     . DT  D 4 10 ? -1.611  5.619   5.189   1.00 60.47  ? 11  DT  D C5     1 
ATOM   1135 C  C7     . DT  D 4 10 ? -1.784  4.789   3.956   1.00 66.03  ? 11  DT  D C7     1 
ATOM   1136 C  C6     . DT  D 4 10 ? -2.569  6.452   5.621   1.00 67.78  ? 11  DT  D C6     1 
ATOM   1137 H  "H5'"  . DT  D 4 10 ? -7.338  7.184   5.824   1.00 89.79  ? 11  DT  D "H5'"  1 
ATOM   1138 H  "H5''" . DT  D 4 10 ? -7.037  8.480   4.969   1.00 89.79  ? 11  DT  D "H5''" 1 
ATOM   1139 H  "H4'"  . DT  D 4 10 ? -6.441  8.437   7.400   1.00 89.62  ? 11  DT  D "H4'"  1 
ATOM   1140 H  "H3'"  . DT  D 4 10 ? -5.481  10.031  5.498   1.00 100.07 ? 11  DT  D "H3'"  1 
ATOM   1141 H  "H2'"  . DT  D 4 10 ? -3.424  9.172   5.373   1.00 101.92 ? 11  DT  D "H2'"  1 
ATOM   1142 H  "H2''" . DT  D 4 10 ? -3.164  10.088  6.655   1.00 101.92 ? 11  DT  D "H2''" 1 
ATOM   1143 H  "H1'"  . DT  D 4 10 ? -3.468  8.381   8.077   1.00 84.94  ? 11  DT  D "H1'"  1 
ATOM   1144 H  H3     . DT  D 4 10 ? 0.389   6.299   7.537   1.00 85.58  ? 11  DT  D H3     1 
ATOM   1145 H  H71    . DT  D 4 10 ? -2.551  4.205   4.065   1.00 79.36  ? 11  DT  D H71    1 
ATOM   1146 H  H72    . DT  D 4 10 ? -1.924  5.370   3.192   1.00 79.36  ? 11  DT  D H72    1 
ATOM   1147 H  H73    . DT  D 4 10 ? -0.988  4.253   3.813   1.00 79.36  ? 11  DT  D H73    1 
ATOM   1148 H  H6     . DT  D 4 10 ? -3.358  6.507   5.132   1.00 81.46  ? 11  DT  D H6     1 
ATOM   1149 P  P      . DG  D 4 11 ? -4.954  12.144  7.274   1.00 100.20 ? 12  DG  D P      1 
ATOM   1150 O  OP1    . DG  D 4 11 ? -5.898  12.990  8.042   1.00 89.18  ? 12  DG  D OP1    1 
ATOM   1151 O  OP2    . DG  D 4 11 ? -4.699  12.436  5.845   1.00 94.66  ? 12  DG  D OP2    1 
ATOM   1152 O  "O5'"  . DG  D 4 11 ? -3.542  12.117  8.031   1.00 86.41  ? 12  DG  D "O5'"  1 
ATOM   1153 C  "C5'"  . DG  D 4 11 ? -3.485  11.693  9.385   1.00 86.59  ? 12  DG  D "C5'"  1 
ATOM   1154 C  "C4'"  . DG  D 4 11 ? -2.088  11.845  9.963   1.00 87.78  ? 12  DG  D "C4'"  1 
ATOM   1155 O  "O4'"  . DG  D 4 11 ? -1.224  10.802  9.430   1.00 90.19  ? 12  DG  D "O4'"  1 
ATOM   1156 C  "C3'"  . DG  D 4 11 ? -1.386  13.168  9.650   1.00 97.67  ? 12  DG  D "C3'"  1 
ATOM   1157 O  "O3'"  . DG  D 4 11 ? -0.666  13.628  10.804  1.00 103.64 ? 12  DG  D "O3'"  1 
ATOM   1158 C  "C2'"  . DG  D 4 11 ? -0.467  12.798  8.491   1.00 95.11  ? 12  DG  D "C2'"  1 
ATOM   1159 C  "C1'"  . DG  D 4 11 ? -0.065  11.384  8.865   1.00 88.16  ? 12  DG  D "C1'"  1 
ATOM   1160 N  N9     . DG  D 4 11 ? 0.370   10.546  7.755   1.00 78.45  ? 12  DG  D N9     1 
ATOM   1161 C  C8     . DG  D 4 11 ? -0.340  10.232  6.621   1.00 80.57  ? 12  DG  D C8     1 
ATOM   1162 N  N7     . DG  D 4 11 ? 0.300   9.434   5.811   1.00 80.23  ? 12  DG  D N7     1 
ATOM   1163 C  C5     . DG  D 4 11 ? 1.508   9.196   6.454   1.00 71.53  ? 12  DG  D C5     1 
ATOM   1164 C  C6     . DG  D 4 11 ? 2.608   8.406   6.056   1.00 71.58  ? 12  DG  D C6     1 
ATOM   1165 O  O6     . DG  D 4 11 ? 2.734   7.737   5.022   1.00 73.81  ? 12  DG  D O6     1 
ATOM   1166 N  N1     . DG  D 4 11 ? 3.634   8.435   6.998   1.00 73.12  ? 12  DG  D N1     1 
ATOM   1167 C  C2     . DG  D 4 11 ? 3.600   9.148   8.175   1.00 78.64  ? 12  DG  D C2     1 
ATOM   1168 N  N2     . DG  D 4 11 ? 4.684   9.054   8.962   1.00 78.25  ? 12  DG  D N2     1 
ATOM   1169 N  N3     . DG  D 4 11 ? 2.569   9.892   8.562   1.00 75.57  ? 12  DG  D N3     1 
ATOM   1170 C  C4     . DG  D 4 11 ? 1.564   9.870   7.654   1.00 72.23  ? 12  DG  D C4     1 
ATOM   1171 H  "H5'"  . DG  D 4 11 ? -3.749  10.761  9.434   1.00 104.03 ? 12  DG  D "H5'"  1 
ATOM   1172 H  "H5''" . DG  D 4 11 ? -4.104  12.226  9.908   1.00 104.03 ? 12  DG  D "H5''" 1 
ATOM   1173 H  "H4'"  . DG  D 4 11 ? -2.140  11.742  10.927  1.00 105.46 ? 12  DG  D "H4'"  1 
ATOM   1174 H  "H3'"  . DG  D 4 11 ? -2.034  13.834  9.369   1.00 117.33 ? 12  DG  D "H3'"  1 
ATOM   1175 H  "H2'"  . DG  D 4 11 ? -0.949  12.811  7.649   1.00 114.25 ? 12  DG  D "H2'"  1 
ATOM   1176 H  "H2''" . DG  D 4 11 ? 0.306   13.382  8.461   1.00 114.25 ? 12  DG  D "H2''" 1 
ATOM   1177 H  "H1'"  . DG  D 4 11 ? 0.635   11.416  9.536   1.00 105.92 ? 12  DG  D "H1'"  1 
ATOM   1178 H  H8     . DG  D 4 11 ? -1.192  10.562  6.446   1.00 96.81  ? 12  DG  D H8     1 
ATOM   1179 H  H1     . DG  D 4 11 ? 4.342   7.979   6.829   1.00 87.87  ? 12  DG  D H1     1 
ATOM   1180 H  H21    . DG  D 4 11 ? 4.708   9.474   9.713   1.00 94.03  ? 12  DG  D H21    1 
ATOM   1181 H  H22    . DG  D 4 11 ? 5.354   8.573   8.716   1.00 94.03  ? 12  DG  D H22    1 
ATOM   1182 P  P      . DT  D 4 12 ? -0.097  15.128  10.890  1.00 103.62 ? 13  DT  D P      1 
ATOM   1183 O  OP1    . DT  D 4 12 ? -0.680  15.769  12.090  1.00 105.85 ? 13  DT  D OP1    1 
ATOM   1184 O  OP2    . DT  D 4 12 ? -0.272  15.757  9.561   1.00 98.29  ? 13  DT  D OP2    1 
ATOM   1185 O  "O5'"  . DT  D 4 12 ? 1.467   14.916  11.135  1.00 90.97  ? 13  DT  D "O5'"  1 
ATOM   1186 C  "C5'"  . DT  D 4 12 ? 2.200   14.103  10.239  1.00 95.49  ? 13  DT  D "C5'"  1 
ATOM   1187 C  "C4'"  . DT  D 4 12 ? 3.614   13.869  10.731  1.00 97.13  ? 13  DT  D "C4'"  1 
ATOM   1188 O  "O4'"  . DT  D 4 12 ? 4.204   12.791  9.964   1.00 100.10 ? 13  DT  D "O4'"  1 
ATOM   1189 C  "C3'"  . DT  D 4 12 ? 4.565   15.030  10.531  1.00 103.07 ? 13  DT  D "C3'"  1 
ATOM   1190 O  "O3'"  . DT  D 4 12 ? 5.699   14.918  11.398  1.00 115.24 ? 13  DT  D "O3'"  1 
ATOM   1191 C  "C2'"  . DT  D 4 12 ? 4.934   14.860  9.069   1.00 99.52  ? 13  DT  D "C2'"  1 
ATOM   1192 C  "C1'"  . DT  D 4 12 ? 5.035   13.334  8.944   1.00 93.22  ? 13  DT  D "C1'"  1 
ATOM   1193 N  N1     . DT  D 4 12 ? 4.593   12.768  7.614   1.00 82.90  ? 13  DT  D N1     1 
ATOM   1194 C  C2     . DT  D 4 12 ? 5.381   11.819  7.000   1.00 80.61  ? 13  DT  D C2     1 
ATOM   1195 O  O2     . DT  D 4 12 ? 6.432   11.418  7.469   1.00 83.27  ? 13  DT  D O2     1 
ATOM   1196 N  N3     . DT  D 4 12 ? 4.896   11.353  5.805   1.00 73.48  ? 13  DT  D N3     1 
ATOM   1197 C  C4     . DT  D 4 12 ? 3.726   11.730  5.176   1.00 76.00  ? 13  DT  D C4     1 
ATOM   1198 O  O4     . DT  D 4 12 ? 3.376   11.251  4.102   1.00 78.72  ? 13  DT  D O4     1 
ATOM   1199 C  C5     . DT  D 4 12 ? 2.943   12.724  5.871   1.00 74.02  ? 13  DT  D C5     1 
ATOM   1200 C  C7     . DT  D 4 12 ? 1.649   13.206  5.284   1.00 74.90  ? 13  DT  D C7     1 
ATOM   1201 C  C6     . DT  D 4 12 ? 3.403   13.188  7.047   1.00 82.10  ? 13  DT  D C6     1 
ATOM   1202 H  "H5'"  . DT  D 4 12 ? 2.235   14.537  9.372   1.00 114.71 ? 13  DT  D "H5'"  1 
ATOM   1203 H  "H5''" . DT  D 4 12 ? 1.752   13.248  10.148  1.00 114.71 ? 13  DT  D "H5''" 1 
ATOM   1204 H  "H4'"  . DT  D 4 12 ? 3.594   13.626  11.670  1.00 116.68 ? 13  DT  D "H4'"  1 
ATOM   1205 H  "H3'"  . DT  D 4 12 ? 4.106   15.874  10.672  1.00 123.81 ? 13  DT  D "H3'"  1 
ATOM   1206 H  "H2'"  . DT  D 4 12 ? 4.235   15.209  8.492   1.00 119.56 ? 13  DT  D "H2'"  1 
ATOM   1207 H  "H2''" . DT  D 4 12 ? 5.786   15.281  8.876   1.00 119.56 ? 13  DT  D "H2''" 1 
ATOM   1208 H  "H1'"  . DT  D 4 12 ? 5.953   13.066  9.110   1.00 111.99 ? 13  DT  D "H1'"  1 
ATOM   1209 H  H3     . DT  D 4 12 ? 5.373   10.761  5.403   1.00 88.30  ? 13  DT  D H3     1 
ATOM   1210 H  H71    . DT  D 4 12 ? 0.924   13.016  5.899   1.00 90.01  ? 13  DT  D H71    1 
ATOM   1211 H  H72    . DT  D 4 12 ? 1.700   14.162  5.130   1.00 90.01  ? 13  DT  D H72    1 
ATOM   1212 H  H73    . DT  D 4 12 ? 1.487   12.751  4.442   1.00 90.01  ? 13  DT  D H73    1 
ATOM   1213 H  H6     . DT  D 4 12 ? 2.902   13.830  7.496   1.00 98.65  ? 13  DT  D H6     1 
ATOM   1214 P  P      . DC  D 4 13 ? 6.537   16.221  11.828  1.00 120.41 ? 14  DC  D P      1 
ATOM   1215 O  OP1    . DC  D 4 13 ? 7.791   15.755  12.463  1.00 109.18 ? 14  DC  D OP1    1 
ATOM   1216 O  OP2    . DC  D 4 13 ? 5.620   17.117  12.571  1.00 109.16 ? 14  DC  D OP2    1 
ATOM   1217 O  "O5'"  . DC  D 4 13 ? 6.897   16.926  10.438  1.00 122.67 ? 14  DC  D "O5'"  1 
ATOM   1218 C  "C5'"  . DC  D 4 13 ? 8.258   17.190  10.096  1.00 122.03 ? 14  DC  D "C5'"  1 
ATOM   1219 C  "C4'"  . DC  D 4 13 ? 8.968   15.925  9.642   1.00 116.62 ? 14  DC  D "C4'"  1 
ATOM   1220 O  "O4'"  . DC  D 4 13 ? 8.080   15.164  8.785   1.00 112.73 ? 14  DC  D "O4'"  1 
ATOM   1221 C  "C3'"  . DC  D 4 13 ? 10.245  16.169  8.832   1.00 120.08 ? 14  DC  D "C3'"  1 
ATOM   1222 O  "O3'"  . DC  D 4 13 ? 11.385  15.593  9.472   1.00 127.85 ? 14  DC  D "O3'"  1 
ATOM   1223 C  "C2'"  . DC  D 4 13 ? 9.971   15.532  7.471   1.00 114.14 ? 14  DC  D "C2'"  1 
ATOM   1224 C  "C1'"  . DC  D 4 13 ? 8.811   14.602  7.723   1.00 104.82 ? 14  DC  D "C1'"  1 
ATOM   1225 N  N1     . DC  D 4 13 ? 7.903   14.442  6.543   1.00 93.35  ? 14  DC  D N1     1 
ATOM   1226 C  C2     . DC  D 4 13 ? 8.191   13.476  5.569   1.00 84.53  ? 14  DC  D C2     1 
ATOM   1227 O  O2     . DC  D 4 13 ? 9.198   12.766  5.699   1.00 81.34  ? 14  DC  D O2     1 
ATOM   1228 N  N3     . DC  D 4 13 ? 7.353   13.344  4.509   1.00 77.30  ? 14  DC  D N3     1 
ATOM   1229 C  C4     . DC  D 4 13 ? 6.277   14.127  4.406   1.00 82.21  ? 14  DC  D C4     1 
ATOM   1230 N  N4     . DC  D 4 13 ? 5.483   13.962  3.343   1.00 79.32  ? 14  DC  D N4     1 
ATOM   1231 C  C5     . DC  D 4 13 ? 5.970   15.117  5.384   1.00 77.30  ? 14  DC  D C5     1 
ATOM   1232 C  C6     . DC  D 4 13 ? 6.803   15.242  6.422   1.00 84.36  ? 14  DC  D C6     1 
ATOM   1233 H  "H5'"  . DC  D 4 13 ? 8.717   17.550  10.872  1.00 146.56 ? 14  DC  D "H5'"  1 
ATOM   1234 H  "H5''" . DC  D 4 13 ? 8.286   17.843  9.380   1.00 146.56 ? 14  DC  D "H5''" 1 
ATOM   1235 H  "H4'"  . DC  D 4 13 ? 9.186   15.391  10.421  1.00 140.07 ? 14  DC  D "H4'"  1 
ATOM   1236 H  "H3'"  . DC  D 4 13 ? 10.382  17.123  8.723   1.00 144.22 ? 14  DC  D "H3'"  1 
ATOM   1237 H  "H2'"  . DC  D 4 13 ? 9.726   16.211  6.822   1.00 137.10 ? 14  DC  D "H2'"  1 
ATOM   1238 H  "H2''" . DC  D 4 13 ? 10.746  15.034  7.168   1.00 137.10 ? 14  DC  D "H2''" 1 
ATOM   1239 H  "H1'"  . DC  D 4 13 ? 9.147   13.731  7.991   1.00 125.91 ? 14  DC  D "H1'"  1 
ATOM   1240 H  H41    . DC  D 4 13 ? 4.782   14.451  3.250   1.00 95.31  ? 14  DC  D H41    1 
ATOM   1241 H  H42    . DC  D 4 13 ? 5.673   13.366  2.753   1.00 95.31  ? 14  DC  D H42    1 
ATOM   1242 H  H5     . DC  D 4 13 ? 5.219   15.660  5.302   1.00 92.89  ? 14  DC  D H5     1 
ATOM   1243 H  H6     . DC  D 4 13 ? 6.627   15.878  7.076   1.00 101.36 ? 14  DC  D H6     1 
ATOM   1244 P  P      . DG  D 4 14 ? 12.820  16.312  9.349   1.00 128.08 ? 15  DG  D P      1 
ATOM   1245 O  OP1    . DG  D 4 14 ? 13.251  16.665  10.718  1.00 127.71 ? 15  DG  D OP1    1 
ATOM   1246 O  OP2    . DG  D 4 14 ? 12.709  17.368  8.317   1.00 118.38 ? 15  DG  D OP2    1 
ATOM   1247 O  "O5'"  . DG  D 4 14 ? 13.798  15.160  8.815   1.00 119.40 ? 15  DG  D "O5'"  1 
ATOM   1248 C  "C5'"  . DG  D 4 14 ? 15.082  15.501  8.282   1.00 126.52 ? 15  DG  D "C5'"  1 
ATOM   1249 C  "C4'"  . DG  D 4 14 ? 15.222  15.009  6.851   1.00 127.63 ? 15  DG  D "C4'"  1 
ATOM   1250 O  "O4'"  . DG  D 4 14 ? 13.921  14.578  6.377   1.00 121.62 ? 15  DG  D "O4'"  1 
ATOM   1251 C  "C3'"  . DG  D 4 14 ? 15.686  16.061  5.850   1.00 120.51 ? 15  DG  D "C3'"  1 
ATOM   1252 O  "O3'"  . DG  D 4 14 ? 17.150  16.131  5.744   1.00 126.38 ? 15  DG  D "O3'"  1 
ATOM   1253 C  "C2'"  . DG  D 4 14 ? 15.010  15.642  4.551   1.00 113.56 ? 15  DG  D "C2'"  1 
ATOM   1254 C  "C1'"  . DG  D 4 14 ? 13.794  14.829  4.989   1.00 110.07 ? 15  DG  D "C1'"  1 
ATOM   1255 N  N9     . DG  D 4 14 ? 12.531  15.517  4.745   1.00 100.66 ? 15  DG  D N9     1 
ATOM   1256 C  C8     . DG  D 4 14 ? 12.029  16.589  5.439   1.00 104.84 ? 15  DG  D C8     1 
ATOM   1257 N  N7     . DG  D 4 14 ? 10.881  17.010  4.988   1.00 101.70 ? 15  DG  D N7     1 
ATOM   1258 C  C5     . DG  D 4 14 ? 10.600  16.163  3.926   1.00 85.76  ? 15  DG  D C5     1 
ATOM   1259 C  C6     . DG  D 4 14 ? 9.488   16.136  3.052   1.00 84.34  ? 15  DG  D C6     1 
ATOM   1260 O  O6     . DG  D 4 14 ? 8.493   16.877  3.052   1.00 85.78  ? 15  DG  D O6     1 
ATOM   1261 N  N1     . DG  D 4 14 ? 9.603   15.121  2.105   1.00 76.20  ? 15  DG  D N1     1 
ATOM   1262 C  C2     . DG  D 4 14 ? 10.659  14.246  2.016   1.00 76.98  ? 15  DG  D C2     1 
ATOM   1263 N  N2     . DG  D 4 14 ? 10.591  13.334  1.035   1.00 74.27  ? 15  DG  D N2     1 
ATOM   1264 N  N3     . DG  D 4 14 ? 11.709  14.260  2.829   1.00 78.58  ? 15  DG  D N3     1 
ATOM   1265 C  C4     . DG  D 4 14 ? 11.611  15.242  3.756   1.00 86.63  ? 15  DG  D C4     1 
ATOM   1266 H  "H5'"  . DG  D 4 14 ? 15.773  15.094  8.828   1.00 151.95 ? 15  DG  D "H5'"  1 
ATOM   1267 H  "H5''" . DG  D 4 14 ? 15.189  16.465  8.299   1.00 151.95 ? 15  DG  D "H5''" 1 
ATOM   1268 H  "H4'"  . DG  D 4 14 ? 15.834  14.256  6.830   1.00 153.28 ? 15  DG  D "H4'"  1 
ATOM   1269 H  "H3'"  . DG  D 4 14 ? 15.346  16.928  6.121   1.00 144.74 ? 15  DG  D "H3'"  1 
ATOM   1270 H  "H2'"  . DG  D 4 14 ? 14.729  16.423  4.050   1.00 136.40 ? 15  DG  D "H2'"  1 
ATOM   1271 H  "H2''" . DG  D 4 14 ? 15.609  15.093  4.021   1.00 136.40 ? 15  DG  D "H2''" 1 
ATOM   1272 H  "H1'"  . DG  D 4 14 ? 13.791  13.983  4.513   1.00 132.21 ? 15  DG  D "H1'"  1 
ATOM   1273 H  H8     . DG  D 4 14 ? 12.464  16.975  6.165   1.00 125.94 ? 15  DG  D H8     1 
ATOM   1274 H  H1     . DG  D 4 14 ? 8.966   15.036  1.535   1.00 91.57  ? 15  DG  D H1     1 
ATOM   1275 H  H21    . DG  D 4 14 ? 11.226  12.763  0.935   1.00 89.25  ? 15  DG  D H21    1 
ATOM   1276 H  H22    . DG  D 4 14 ? 9.913   13.320  0.506   1.00 89.25  ? 15  DG  D H22    1 
ATOM   1277 P  P      . DT  D 4 15 ? 18.062  14.923  5.175   1.00 140.63 ? 16  DT  D P      1 
ATOM   1278 O  OP1    . DT  D 4 15 ? 17.790  13.686  5.939   1.00 145.16 ? 16  DT  D OP1    1 
ATOM   1279 O  OP2    . DT  D 4 15 ? 19.443  15.450  5.126   1.00 135.53 ? 16  DT  D OP2    1 
ATOM   1280 O  "O5'"  . DT  D 4 15 ? 17.609  14.714  3.653   1.00 125.70 ? 16  DT  D "O5'"  1 
ATOM   1281 C  "C5'"  . DT  D 4 15 ? 17.647  13.401  3.082   1.00 126.16 ? 16  DT  D "C5'"  1 
ATOM   1282 C  "C4'"  . DT  D 4 15 ? 17.025  13.368  1.690   1.00 123.18 ? 16  DT  D "C4'"  1 
ATOM   1283 O  "O4'"  . DT  D 4 15 ? 15.700  13.969  1.717   1.00 120.86 ? 16  DT  D "O4'"  1 
ATOM   1284 C  "C3'"  . DT  D 4 15 ? 17.808  14.135  0.614   1.00 121.12 ? 16  DT  D "C3'"  1 
ATOM   1285 O  "O3'"  . DT  D 4 15 ? 18.263  13.248  -0.404  1.00 132.96 ? 16  DT  D "O3'"  1 
ATOM   1286 C  "C2'"  . DT  D 4 15 ? 16.808  15.164  0.078   1.00 111.44 ? 16  DT  D "C2'"  1 
ATOM   1287 C  "C1'"  . DT  D 4 15 ? 15.469  14.567  0.465   1.00 112.72 ? 16  DT  D "C1'"  1 
ATOM   1288 N  N1     . DT  D 4 15 ? 14.338  15.565  0.576   1.00 99.47  ? 16  DT  D N1     1 
ATOM   1289 C  C2     . DT  D 4 15 ? 13.292  15.503  -0.322  1.00 95.63  ? 16  DT  D C2     1 
ATOM   1290 O  O2     . DT  D 4 15 ? 13.230  14.684  -1.224  1.00 99.13  ? 16  DT  D O2     1 
ATOM   1291 N  N3     . DT  D 4 15 ? 12.314  16.442  -0.130  1.00 82.06  ? 16  DT  D N3     1 
ATOM   1292 C  C4     . DT  D 4 15 ? 12.272  17.415  0.851   1.00 83.01  ? 16  DT  D C4     1 
ATOM   1293 O  O4     . DT  D 4 15 ? 11.347  18.216  0.944   1.00 83.91  ? 16  DT  D O4     1 
ATOM   1294 C  C5     . DT  D 4 15 ? 13.392  17.426  1.756   1.00 86.35  ? 16  DT  D C5     1 
ATOM   1295 C  C7     . DT  D 4 15 ? 13.450  18.444  2.857   1.00 90.70  ? 16  DT  D C7     1 
ATOM   1296 C  C6     . DT  D 4 15 ? 14.363  16.512  1.576   1.00 94.05  ? 16  DT  D C6     1 
ATOM   1297 H  "H5'"  . DT  D 4 15 ? 17.161  12.792  3.658   1.00 151.52 ? 16  DT  D "H5'"  1 
ATOM   1298 H  "H5''" . DT  D 4 15 ? 18.569  13.110  3.021   1.00 151.52 ? 16  DT  D "H5''" 1 
ATOM   1299 H  "H4'"  . DT  D 4 15 ? 16.940  12.443  1.411   1.00 147.95 ? 16  DT  D "H4'"  1 
ATOM   1300 H  "H3'"  . DT  D 4 15 ? 18.564  14.589  1.018   1.00 145.47 ? 16  DT  D "H3'"  1 
ATOM   1301 H  "HO3'" . DT  D 4 15 ? 19.086  13.173  -0.558  1.00 159.68 ? 16  DT  D "HO3'" 1 
ATOM   1302 H  "H2'"  . DT  D 4 15 ? 16.937  16.023  0.509   1.00 133.86 ? 16  DT  D "H2'"  1 
ATOM   1303 H  "H2''" . DT  D 4 15 ? 16.883  15.245  -0.885  1.00 133.86 ? 16  DT  D "H2''" 1 
ATOM   1304 H  "H1'"  . DT  D 4 15 ? 15.229  13.881  -0.178  1.00 135.40 ? 16  DT  D "H1'"  1 
ATOM   1305 H  H3     . DT  D 4 15 ? 11.652  16.423  -0.678  1.00 98.60  ? 16  DT  D H3     1 
ATOM   1306 H  H71    . DT  D 4 15 ? 13.485  17.991  3.714   1.00 108.96 ? 16  DT  D H71    1 
ATOM   1307 H  H72    . DT  D 4 15 ? 14.243  18.993  2.748   1.00 108.96 ? 16  DT  D H72    1 
ATOM   1308 H  H73    . DT  D 4 15 ? 12.661  19.007  2.820   1.00 108.96 ? 16  DT  D H73    1 
ATOM   1309 H  H6     . DT  D 4 15 ? 15.083  16.514  2.163   1.00 112.99 ? 16  DT  D H6     1 
HETATM 1310 AS AS     . CAC E 5 .  ? -6.533  -9.838  1.431   1.00 141.28 ? 101 CAC D AS     1 
# 
loop_
_pdbx_poly_seq_scheme.asym_id 
_pdbx_poly_seq_scheme.entity_id 
_pdbx_poly_seq_scheme.seq_id 
_pdbx_poly_seq_scheme.mon_id 
_pdbx_poly_seq_scheme.ndb_seq_num 
_pdbx_poly_seq_scheme.pdb_seq_num 
_pdbx_poly_seq_scheme.auth_seq_num 
_pdbx_poly_seq_scheme.pdb_mon_id 
_pdbx_poly_seq_scheme.auth_mon_id 
_pdbx_poly_seq_scheme.pdb_strand_id 
_pdbx_poly_seq_scheme.pdb_ins_code 
_pdbx_poly_seq_scheme.hetero 
A 1 1  DG 1  1  1  DG DG A . n 
A 1 2  DA 2  2  2  DA DA A . n 
A 1 3  DA 3  3  3  DA DA A . n 
A 1 4  DC 4  4  4  DC DC A . n 
A 1 5  DG 5  5  5  DG DG A . n 
A 1 6  DA 6  6  6  DA DA A . n 
A 1 7  DC 7  7  7  DC DC A . n 
A 1 8  DA 8  8  8  DA DA A . n 
A 1 9  DC 9  9  9  DC DC A . n 
A 1 10 DT 10 10 10 DT DT A . n 
A 1 11 DG 11 11 11 DG DG A . n 
A 1 12 DA 12 12 12 DA DA A . n 
B 2 1  DC 1  12 12 DC DC B . n 
B 2 2  DG 2  13 13 DG DG B . n 
B 2 3  DT 3  14 14 DT DT B . n 
B 2 4  DC 4  15 15 DC DC B . n 
B 2 5  DG 5  16 16 DG DG B . n 
B 2 6  DA 6  17 17 DA DA B . n 
B 2 7  DC 7  18 18 DC DC B . n 
B 2 8  DT 8  19 19 DT DT B . n 
B 2 9  DC 9  20 20 DC DC B . n 
C 3 1  DT 1  0  0  DT DT C . n 
C 3 2  DC 2  1  1  DC DC C . n 
C 3 3  DA 3  2  2  DA DA C . n 
C 3 4  DA 4  3  3  DA DA C . n 
C 3 5  DC 5  4  4  DC DC C . n 
C 3 6  DG 6  5  5  DG DG C . n 
D 4 1  DT 1  2  2  DT DT D . n 
D 4 2  DC 2  3  3  DC DC D . n 
D 4 3  DG 3  4  4  DG DG D . n 
D 4 4  DA 4  5  5  DA DA D . n 
D 4 5  DG 5  6  6  DG DG D . n 
D 4 6  DT 6  7  7  DT DT D . n 
D 4 7  DC 7  8  8  DC DC D . n 
D 4 8  DG 8  9  9  DG DG D . n 
D 4 9  DG 9  10 10 DG DG D . n 
D 4 10 DT 10 11 11 DT DT D . n 
D 4 11 DG 11 12 12 DG DG D . n 
D 4 12 DT 12 13 13 DT DT D . n 
D 4 13 DC 13 14 14 DC DC D . n 
D 4 14 DG 14 15 15 DG DG D . n 
D 4 15 DT 15 16 16 DT DT D . n 
# 
_pdbx_nonpoly_scheme.asym_id         E 
_pdbx_nonpoly_scheme.entity_id       5 
_pdbx_nonpoly_scheme.mon_id          CAC 
_pdbx_nonpoly_scheme.ndb_seq_num     1 
_pdbx_nonpoly_scheme.pdb_seq_num     101 
_pdbx_nonpoly_scheme.auth_seq_num    1 
_pdbx_nonpoly_scheme.pdb_mon_id      CAC 
_pdbx_nonpoly_scheme.auth_mon_id     AS 
_pdbx_nonpoly_scheme.pdb_strand_id   D 
_pdbx_nonpoly_scheme.pdb_ins_code    . 
# 
_pdbx_struct_assembly.id                   1 
_pdbx_struct_assembly.details              author_defined_assembly 
_pdbx_struct_assembly.method_details       ? 
_pdbx_struct_assembly.oligomeric_details   tetrameric 
_pdbx_struct_assembly.oligomeric_count     4 
# 
_pdbx_struct_assembly_gen.assembly_id       1 
_pdbx_struct_assembly_gen.oper_expression   1 
_pdbx_struct_assembly_gen.asym_id_list      A,B,C,D,E 
# 
_pdbx_struct_oper_list.id                   1 
_pdbx_struct_oper_list.type                 'identity operation' 
_pdbx_struct_oper_list.name                 1_555 
_pdbx_struct_oper_list.symmetry_operation   x,y,z 
_pdbx_struct_oper_list.matrix[1][1]         1.0000000000 
_pdbx_struct_oper_list.matrix[1][2]         0.0000000000 
_pdbx_struct_oper_list.matrix[1][3]         0.0000000000 
_pdbx_struct_oper_list.vector[1]            0.0000000000 
_pdbx_struct_oper_list.matrix[2][1]         0.0000000000 
_pdbx_struct_oper_list.matrix[2][2]         1.0000000000 
_pdbx_struct_oper_list.matrix[2][3]         0.0000000000 
_pdbx_struct_oper_list.vector[2]            0.0000000000 
_pdbx_struct_oper_list.matrix[3][1]         0.0000000000 
_pdbx_struct_oper_list.matrix[3][2]         0.0000000000 
_pdbx_struct_oper_list.matrix[3][3]         1.0000000000 
_pdbx_struct_oper_list.vector[3]            0.0000000000 
# 
loop_
_pdbx_audit_revision_history.ordinal 
_pdbx_audit_revision_history.data_content_type 
_pdbx_audit_revision_history.major_revision 
_pdbx_audit_revision_history.minor_revision 
_pdbx_audit_revision_history.revision_date 
1 'Structure model' 1 0 2021-07-14 
2 'Structure model' 1 1 2022-07-06 
3 'Structure model' 1 2 2023-10-18 
# 
_pdbx_audit_revision_details.ordinal             1 
_pdbx_audit_revision_details.revision_ordinal    1 
_pdbx_audit_revision_details.data_content_type   'Structure model' 
_pdbx_audit_revision_details.provider            repository 
_pdbx_audit_revision_details.type                'Initial release' 
_pdbx_audit_revision_details.description         ? 
_pdbx_audit_revision_details.details             ? 
# 
loop_
_pdbx_audit_revision_group.ordinal 
_pdbx_audit_revision_group.revision_ordinal 
_pdbx_audit_revision_group.data_content_type 
_pdbx_audit_revision_group.group 
1 2 'Structure model' 'Database references'    
2 3 'Structure model' 'Data collection'        
3 3 'Structure model' 'Refinement description' 
# 
loop_
_pdbx_audit_revision_category.ordinal 
_pdbx_audit_revision_category.revision_ordinal 
_pdbx_audit_revision_category.data_content_type 
_pdbx_audit_revision_category.category 
1 2 'Structure model' citation                      
2 2 'Structure model' citation_author               
3 2 'Structure model' database_2                    
4 3 'Structure model' chem_comp_atom                
5 3 'Structure model' chem_comp_bond                
6 3 'Structure model' pdbx_initial_refinement_model 
# 
loop_
_pdbx_audit_revision_item.ordinal 
_pdbx_audit_revision_item.revision_ordinal 
_pdbx_audit_revision_item.data_content_type 
_pdbx_audit_revision_item.item 
1  2 'Structure model' '_citation.country'                   
2  2 'Structure model' '_citation.journal_abbrev'            
3  2 'Structure model' '_citation.journal_id_CSD'            
4  2 'Structure model' '_citation.journal_id_ISSN'           
5  2 'Structure model' '_citation.journal_volume'            
6  2 'Structure model' '_citation.page_first'                
7  2 'Structure model' '_citation.page_last'                 
8  2 'Structure model' '_citation.pdbx_database_id_DOI'      
9  2 'Structure model' '_citation.pdbx_database_id_PubMed'   
10 2 'Structure model' '_citation.title'                     
11 2 'Structure model' '_citation.year'                      
12 2 'Structure model' '_database_2.pdbx_DOI'                
13 2 'Structure model' '_database_2.pdbx_database_accession' 
# 
loop_
_software.citation_id 
_software.classification 
_software.compiler_name 
_software.compiler_version 
_software.contact_author 
_software.contact_author_email 
_software.date 
_software.description 
_software.dependencies 
_software.hardware 
_software.language 
_software.location 
_software.mods 
_software.name 
_software.os 
_software.os_version 
_software.type 
_software.version 
_software.pdbx_ordinal 
? 'data reduction'  ? ? ? ? ? ? ? ? ? ? ? HKL-2000    ? ? ? .           1 
? 'data scaling'    ? ? ? ? ? ? ? ? ? ? ? HKL-2000    ? ? ? .           2 
? refinement        ? ? ? ? ? ? ? ? ? ? ? PHENIX      ? ? ? 1.11.1_2575 3 
? 'data extraction' ? ? ? ? ? ? ? ? ? ? ? PDB_EXTRACT ? ? ? 3.25        4 
? phasing           ? ? ? ? ? ? ? ? ? ? ? PHASER      ? ? ? .           5 
# 
_pdbx_entry_details.entry_id                 7JJ5 
_pdbx_entry_details.has_ligand_of_interest   N 
_pdbx_entry_details.compound_details         ? 
_pdbx_entry_details.source_details           ? 
_pdbx_entry_details.nonpolymer_details       ? 
_pdbx_entry_details.sequence_details         ? 
# 
_pdbx_validate_close_contact.id               1 
_pdbx_validate_close_contact.PDB_model_num    1 
_pdbx_validate_close_contact.auth_atom_id_1   O6 
_pdbx_validate_close_contact.auth_asym_id_1   A 
_pdbx_validate_close_contact.auth_comp_id_1   DG 
_pdbx_validate_close_contact.auth_seq_id_1    5 
_pdbx_validate_close_contact.PDB_ins_code_1   ? 
_pdbx_validate_close_contact.label_alt_id_1   ? 
_pdbx_validate_close_contact.auth_atom_id_2   H42 
_pdbx_validate_close_contact.auth_asym_id_2   D 
_pdbx_validate_close_contact.auth_comp_id_2   DC 
_pdbx_validate_close_contact.auth_seq_id_2    14 
_pdbx_validate_close_contact.PDB_ins_code_2   ? 
_pdbx_validate_close_contact.label_alt_id_2   ? 
_pdbx_validate_close_contact.dist             1.56 
# 
_pdbx_validate_symm_contact.id                1 
_pdbx_validate_symm_contact.PDB_model_num     1 
_pdbx_validate_symm_contact.auth_atom_id_1    OP1 
_pdbx_validate_symm_contact.auth_asym_id_1    C 
_pdbx_validate_symm_contact.auth_comp_id_1    DT 
_pdbx_validate_symm_contact.auth_seq_id_1     0 
_pdbx_validate_symm_contact.PDB_ins_code_1    ? 
_pdbx_validate_symm_contact.label_alt_id_1    ? 
_pdbx_validate_symm_contact.site_symmetry_1   1_555 
_pdbx_validate_symm_contact.auth_atom_id_2    "O3'" 
_pdbx_validate_symm_contact.auth_asym_id_2    C 
_pdbx_validate_symm_contact.auth_comp_id_2    DG 
_pdbx_validate_symm_contact.auth_seq_id_2     5 
_pdbx_validate_symm_contact.PDB_ins_code_2    ? 
_pdbx_validate_symm_contact.label_alt_id_2    ? 
_pdbx_validate_symm_contact.site_symmetry_2   8_544 
_pdbx_validate_symm_contact.dist              2.03 
# 
_pdbx_validate_rmsd_angle.id                         1 
_pdbx_validate_rmsd_angle.PDB_model_num              1 
_pdbx_validate_rmsd_angle.auth_atom_id_1             "O4'" 
_pdbx_validate_rmsd_angle.auth_asym_id_1             B 
_pdbx_validate_rmsd_angle.auth_comp_id_1             DT 
_pdbx_validate_rmsd_angle.auth_seq_id_1              14 
_pdbx_validate_rmsd_angle.PDB_ins_code_1             ? 
_pdbx_validate_rmsd_angle.label_alt_id_1             ? 
_pdbx_validate_rmsd_angle.auth_atom_id_2             "C1'" 
_pdbx_validate_rmsd_angle.auth_asym_id_2             B 
_pdbx_validate_rmsd_angle.auth_comp_id_2             DT 
_pdbx_validate_rmsd_angle.auth_seq_id_2              14 
_pdbx_validate_rmsd_angle.PDB_ins_code_2             ? 
_pdbx_validate_rmsd_angle.label_alt_id_2             ? 
_pdbx_validate_rmsd_angle.auth_atom_id_3             N1 
_pdbx_validate_rmsd_angle.auth_asym_id_3             B 
_pdbx_validate_rmsd_angle.auth_comp_id_3             DT 
_pdbx_validate_rmsd_angle.auth_seq_id_3              14 
_pdbx_validate_rmsd_angle.PDB_ins_code_3             ? 
_pdbx_validate_rmsd_angle.label_alt_id_3             ? 
_pdbx_validate_rmsd_angle.angle_value                110.91 
_pdbx_validate_rmsd_angle.angle_target_value         108.30 
_pdbx_validate_rmsd_angle.angle_deviation            2.61 
_pdbx_validate_rmsd_angle.angle_standard_deviation   0.30 
_pdbx_validate_rmsd_angle.linker_flag                N 
# 
loop_
_pdbx_unobs_or_zero_occ_atoms.id 
_pdbx_unobs_or_zero_occ_atoms.PDB_model_num 
_pdbx_unobs_or_zero_occ_atoms.polymer_flag 
_pdbx_unobs_or_zero_occ_atoms.occupancy_flag 
_pdbx_unobs_or_zero_occ_atoms.auth_asym_id 
_pdbx_unobs_or_zero_occ_atoms.auth_comp_id 
_pdbx_unobs_or_zero_occ_atoms.auth_seq_id 
_pdbx_unobs_or_zero_occ_atoms.PDB_ins_code 
_pdbx_unobs_or_zero_occ_atoms.auth_atom_id 
_pdbx_unobs_or_zero_occ_atoms.label_alt_id 
_pdbx_unobs_or_zero_occ_atoms.label_asym_id 
_pdbx_unobs_or_zero_occ_atoms.label_comp_id 
_pdbx_unobs_or_zero_occ_atoms.label_seq_id 
_pdbx_unobs_or_zero_occ_atoms.label_atom_id 
1 1 N 1 D CAC 101 ? O1 ? E CAC 1 O1 
2 1 N 1 D CAC 101 ? O2 ? E CAC 1 O2 
3 1 N 1 D CAC 101 ? C1 ? E CAC 1 C1 
4 1 N 1 D CAC 101 ? C2 ? E CAC 1 C2 
# 
loop_
_chem_comp_atom.comp_id 
_chem_comp_atom.atom_id 
_chem_comp_atom.type_symbol 
_chem_comp_atom.pdbx_aromatic_flag 
_chem_comp_atom.pdbx_stereo_config 
_chem_comp_atom.pdbx_ordinal 
CAC AS     AS N N 1   
CAC O1     O  N N 2   
CAC O2     O  N N 3   
CAC C1     C  N N 4   
CAC C2     C  N N 5   
CAC H11    H  N N 6   
CAC H12    H  N N 7   
CAC H13    H  N N 8   
CAC H21    H  N N 9   
CAC H22    H  N N 10  
CAC H23    H  N N 11  
DA  OP3    O  N N 12  
DA  P      P  N N 13  
DA  OP1    O  N N 14  
DA  OP2    O  N N 15  
DA  "O5'"  O  N N 16  
DA  "C5'"  C  N N 17  
DA  "C4'"  C  N R 18  
DA  "O4'"  O  N N 19  
DA  "C3'"  C  N S 20  
DA  "O3'"  O  N N 21  
DA  "C2'"  C  N N 22  
DA  "C1'"  C  N R 23  
DA  N9     N  Y N 24  
DA  C8     C  Y N 25  
DA  N7     N  Y N 26  
DA  C5     C  Y N 27  
DA  C6     C  Y N 28  
DA  N6     N  N N 29  
DA  N1     N  Y N 30  
DA  C2     C  Y N 31  
DA  N3     N  Y N 32  
DA  C4     C  Y N 33  
DA  HOP3   H  N N 34  
DA  HOP2   H  N N 35  
DA  "H5'"  H  N N 36  
DA  "H5''" H  N N 37  
DA  "H4'"  H  N N 38  
DA  "H3'"  H  N N 39  
DA  "HO3'" H  N N 40  
DA  "H2'"  H  N N 41  
DA  "H2''" H  N N 42  
DA  "H1'"  H  N N 43  
DA  H8     H  N N 44  
DA  H61    H  N N 45  
DA  H62    H  N N 46  
DA  H2     H  N N 47  
DC  OP3    O  N N 48  
DC  P      P  N N 49  
DC  OP1    O  N N 50  
DC  OP2    O  N N 51  
DC  "O5'"  O  N N 52  
DC  "C5'"  C  N N 53  
DC  "C4'"  C  N R 54  
DC  "O4'"  O  N N 55  
DC  "C3'"  C  N S 56  
DC  "O3'"  O  N N 57  
DC  "C2'"  C  N N 58  
DC  "C1'"  C  N R 59  
DC  N1     N  N N 60  
DC  C2     C  N N 61  
DC  O2     O  N N 62  
DC  N3     N  N N 63  
DC  C4     C  N N 64  
DC  N4     N  N N 65  
DC  C5     C  N N 66  
DC  C6     C  N N 67  
DC  HOP3   H  N N 68  
DC  HOP2   H  N N 69  
DC  "H5'"  H  N N 70  
DC  "H5''" H  N N 71  
DC  "H4'"  H  N N 72  
DC  "H3'"  H  N N 73  
DC  "HO3'" H  N N 74  
DC  "H2'"  H  N N 75  
DC  "H2''" H  N N 76  
DC  "H1'"  H  N N 77  
DC  H41    H  N N 78  
DC  H42    H  N N 79  
DC  H5     H  N N 80  
DC  H6     H  N N 81  
DG  OP3    O  N N 82  
DG  P      P  N N 83  
DG  OP1    O  N N 84  
DG  OP2    O  N N 85  
DG  "O5'"  O  N N 86  
DG  "C5'"  C  N N 87  
DG  "C4'"  C  N R 88  
DG  "O4'"  O  N N 89  
DG  "C3'"  C  N S 90  
DG  "O3'"  O  N N 91  
DG  "C2'"  C  N N 92  
DG  "C1'"  C  N R 93  
DG  N9     N  Y N 94  
DG  C8     C  Y N 95  
DG  N7     N  Y N 96  
DG  C5     C  Y N 97  
DG  C6     C  N N 98  
DG  O6     O  N N 99  
DG  N1     N  N N 100 
DG  C2     C  N N 101 
DG  N2     N  N N 102 
DG  N3     N  N N 103 
DG  C4     C  Y N 104 
DG  HOP3   H  N N 105 
DG  HOP2   H  N N 106 
DG  "H5'"  H  N N 107 
DG  "H5''" H  N N 108 
DG  "H4'"  H  N N 109 
DG  "H3'"  H  N N 110 
DG  "HO3'" H  N N 111 
DG  "H2'"  H  N N 112 
DG  "H2''" H  N N 113 
DG  "H1'"  H  N N 114 
DG  H8     H  N N 115 
DG  H1     H  N N 116 
DG  H21    H  N N 117 
DG  H22    H  N N 118 
DT  OP3    O  N N 119 
DT  P      P  N N 120 
DT  OP1    O  N N 121 
DT  OP2    O  N N 122 
DT  "O5'"  O  N N 123 
DT  "C5'"  C  N N 124 
DT  "C4'"  C  N R 125 
DT  "O4'"  O  N N 126 
DT  "C3'"  C  N S 127 
DT  "O3'"  O  N N 128 
DT  "C2'"  C  N N 129 
DT  "C1'"  C  N R 130 
DT  N1     N  N N 131 
DT  C2     C  N N 132 
DT  O2     O  N N 133 
DT  N3     N  N N 134 
DT  C4     C  N N 135 
DT  O4     O  N N 136 
DT  C5     C  N N 137 
DT  C7     C  N N 138 
DT  C6     C  N N 139 
DT  HOP3   H  N N 140 
DT  HOP2   H  N N 141 
DT  "H5'"  H  N N 142 
DT  "H5''" H  N N 143 
DT  "H4'"  H  N N 144 
DT  "H3'"  H  N N 145 
DT  "HO3'" H  N N 146 
DT  "H2'"  H  N N 147 
DT  "H2''" H  N N 148 
DT  "H1'"  H  N N 149 
DT  H3     H  N N 150 
DT  H71    H  N N 151 
DT  H72    H  N N 152 
DT  H73    H  N N 153 
DT  H6     H  N N 154 
# 
loop_
_chem_comp_bond.comp_id 
_chem_comp_bond.atom_id_1 
_chem_comp_bond.atom_id_2 
_chem_comp_bond.value_order 
_chem_comp_bond.pdbx_aromatic_flag 
_chem_comp_bond.pdbx_stereo_config 
_chem_comp_bond.pdbx_ordinal 
CAC AS    O1     doub N N 1   
CAC AS    O2     sing N N 2   
CAC AS    C1     sing N N 3   
CAC AS    C2     sing N N 4   
CAC C1    H11    sing N N 5   
CAC C1    H12    sing N N 6   
CAC C1    H13    sing N N 7   
CAC C2    H21    sing N N 8   
CAC C2    H22    sing N N 9   
CAC C2    H23    sing N N 10  
DA  OP3   P      sing N N 11  
DA  OP3   HOP3   sing N N 12  
DA  P     OP1    doub N N 13  
DA  P     OP2    sing N N 14  
DA  P     "O5'"  sing N N 15  
DA  OP2   HOP2   sing N N 16  
DA  "O5'" "C5'"  sing N N 17  
DA  "C5'" "C4'"  sing N N 18  
DA  "C5'" "H5'"  sing N N 19  
DA  "C5'" "H5''" sing N N 20  
DA  "C4'" "O4'"  sing N N 21  
DA  "C4'" "C3'"  sing N N 22  
DA  "C4'" "H4'"  sing N N 23  
DA  "O4'" "C1'"  sing N N 24  
DA  "C3'" "O3'"  sing N N 25  
DA  "C3'" "C2'"  sing N N 26  
DA  "C3'" "H3'"  sing N N 27  
DA  "O3'" "HO3'" sing N N 28  
DA  "C2'" "C1'"  sing N N 29  
DA  "C2'" "H2'"  sing N N 30  
DA  "C2'" "H2''" sing N N 31  
DA  "C1'" N9     sing N N 32  
DA  "C1'" "H1'"  sing N N 33  
DA  N9    C8     sing Y N 34  
DA  N9    C4     sing Y N 35  
DA  C8    N7     doub Y N 36  
DA  C8    H8     sing N N 37  
DA  N7    C5     sing Y N 38  
DA  C5    C6     sing Y N 39  
DA  C5    C4     doub Y N 40  
DA  C6    N6     sing N N 41  
DA  C6    N1     doub Y N 42  
DA  N6    H61    sing N N 43  
DA  N6    H62    sing N N 44  
DA  N1    C2     sing Y N 45  
DA  C2    N3     doub Y N 46  
DA  C2    H2     sing N N 47  
DA  N3    C4     sing Y N 48  
DC  OP3   P      sing N N 49  
DC  OP3   HOP3   sing N N 50  
DC  P     OP1    doub N N 51  
DC  P     OP2    sing N N 52  
DC  P     "O5'"  sing N N 53  
DC  OP2   HOP2   sing N N 54  
DC  "O5'" "C5'"  sing N N 55  
DC  "C5'" "C4'"  sing N N 56  
DC  "C5'" "H5'"  sing N N 57  
DC  "C5'" "H5''" sing N N 58  
DC  "C4'" "O4'"  sing N N 59  
DC  "C4'" "C3'"  sing N N 60  
DC  "C4'" "H4'"  sing N N 61  
DC  "O4'" "C1'"  sing N N 62  
DC  "C3'" "O3'"  sing N N 63  
DC  "C3'" "C2'"  sing N N 64  
DC  "C3'" "H3'"  sing N N 65  
DC  "O3'" "HO3'" sing N N 66  
DC  "C2'" "C1'"  sing N N 67  
DC  "C2'" "H2'"  sing N N 68  
DC  "C2'" "H2''" sing N N 69  
DC  "C1'" N1     sing N N 70  
DC  "C1'" "H1'"  sing N N 71  
DC  N1    C2     sing N N 72  
DC  N1    C6     sing N N 73  
DC  C2    O2     doub N N 74  
DC  C2    N3     sing N N 75  
DC  N3    C4     doub N N 76  
DC  C4    N4     sing N N 77  
DC  C4    C5     sing N N 78  
DC  N4    H41    sing N N 79  
DC  N4    H42    sing N N 80  
DC  C5    C6     doub N N 81  
DC  C5    H5     sing N N 82  
DC  C6    H6     sing N N 83  
DG  OP3   P      sing N N 84  
DG  OP3   HOP3   sing N N 85  
DG  P     OP1    doub N N 86  
DG  P     OP2    sing N N 87  
DG  P     "O5'"  sing N N 88  
DG  OP2   HOP2   sing N N 89  
DG  "O5'" "C5'"  sing N N 90  
DG  "C5'" "C4'"  sing N N 91  
DG  "C5'" "H5'"  sing N N 92  
DG  "C5'" "H5''" sing N N 93  
DG  "C4'" "O4'"  sing N N 94  
DG  "C4'" "C3'"  sing N N 95  
DG  "C4'" "H4'"  sing N N 96  
DG  "O4'" "C1'"  sing N N 97  
DG  "C3'" "O3'"  sing N N 98  
DG  "C3'" "C2'"  sing N N 99  
DG  "C3'" "H3'"  sing N N 100 
DG  "O3'" "HO3'" sing N N 101 
DG  "C2'" "C1'"  sing N N 102 
DG  "C2'" "H2'"  sing N N 103 
DG  "C2'" "H2''" sing N N 104 
DG  "C1'" N9     sing N N 105 
DG  "C1'" "H1'"  sing N N 106 
DG  N9    C8     sing Y N 107 
DG  N9    C4     sing Y N 108 
DG  C8    N7     doub Y N 109 
DG  C8    H8     sing N N 110 
DG  N7    C5     sing Y N 111 
DG  C5    C6     sing N N 112 
DG  C5    C4     doub Y N 113 
DG  C6    O6     doub N N 114 
DG  C6    N1     sing N N 115 
DG  N1    C2     sing N N 116 
DG  N1    H1     sing N N 117 
DG  C2    N2     sing N N 118 
DG  C2    N3     doub N N 119 
DG  N2    H21    sing N N 120 
DG  N2    H22    sing N N 121 
DG  N3    C4     sing N N 122 
DT  OP3   P      sing N N 123 
DT  OP3   HOP3   sing N N 124 
DT  P     OP1    doub N N 125 
DT  P     OP2    sing N N 126 
DT  P     "O5'"  sing N N 127 
DT  OP2   HOP2   sing N N 128 
DT  "O5'" "C5'"  sing N N 129 
DT  "C5'" "C4'"  sing N N 130 
DT  "C5'" "H5'"  sing N N 131 
DT  "C5'" "H5''" sing N N 132 
DT  "C4'" "O4'"  sing N N 133 
DT  "C4'" "C3'"  sing N N 134 
DT  "C4'" "H4'"  sing N N 135 
DT  "O4'" "C1'"  sing N N 136 
DT  "C3'" "O3'"  sing N N 137 
DT  "C3'" "C2'"  sing N N 138 
DT  "C3'" "H3'"  sing N N 139 
DT  "O3'" "HO3'" sing N N 140 
DT  "C2'" "C1'"  sing N N 141 
DT  "C2'" "H2'"  sing N N 142 
DT  "C2'" "H2''" sing N N 143 
DT  "C1'" N1     sing N N 144 
DT  "C1'" "H1'"  sing N N 145 
DT  N1    C2     sing N N 146 
DT  N1    C6     sing N N 147 
DT  C2    O2     doub N N 148 
DT  C2    N3     sing N N 149 
DT  N3    C4     sing N N 150 
DT  N3    H3     sing N N 151 
DT  C4    O4     doub N N 152 
DT  C4    C5     sing N N 153 
DT  C5    C7     sing N N 154 
DT  C5    C6     doub N N 155 
DT  C7    H71    sing N N 156 
DT  C7    H72    sing N N 157 
DT  C7    H73    sing N N 158 
DT  C6    H6     sing N N 159 
# 
loop_
_ndb_struct_conf_na.entry_id 
_ndb_struct_conf_na.feature 
7JJ5 'double helix'        
7JJ5 'a-form double helix' 
7JJ5 'b-form double helix' 
# 
loop_
_ndb_struct_na_base_pair.model_number 
_ndb_struct_na_base_pair.i_label_asym_id 
_ndb_struct_na_base_pair.i_label_comp_id 
_ndb_struct_na_base_pair.i_label_seq_id 
_ndb_struct_na_base_pair.i_symmetry 
_ndb_struct_na_base_pair.j_label_asym_id 
_ndb_struct_na_base_pair.j_label_comp_id 
_ndb_struct_na_base_pair.j_label_seq_id 
_ndb_struct_na_base_pair.j_symmetry 
_ndb_struct_na_base_pair.shear 
_ndb_struct_na_base_pair.stretch 
_ndb_struct_na_base_pair.stagger 
_ndb_struct_na_base_pair.buckle 
_ndb_struct_na_base_pair.propeller 
_ndb_struct_na_base_pair.opening 
_ndb_struct_na_base_pair.pair_number 
_ndb_struct_na_base_pair.pair_name 
_ndb_struct_na_base_pair.i_auth_asym_id 
_ndb_struct_na_base_pair.i_auth_seq_id 
_ndb_struct_na_base_pair.i_PDB_ins_code 
_ndb_struct_na_base_pair.j_auth_asym_id 
_ndb_struct_na_base_pair.j_auth_seq_id 
_ndb_struct_na_base_pair.j_PDB_ins_code 
_ndb_struct_na_base_pair.hbond_type_28 
_ndb_struct_na_base_pair.hbond_type_12 
1 A DA 3  1_555 D DT 15 1_555 1.500  -0.030 0.421 2.646  -15.292 -3.372  1  A_DA3:DT16_D A 3  ? D 16 ? 20 1 
1 A DC 4  1_555 D DG 14 1_555 -0.967 0.275  0.275 -1.986 -14.658 5.402   2  A_DC4:DG15_D A 4  ? D 15 ? 19 1 
1 A DG 5  1_555 D DC 13 1_555 -0.150 -0.443 0.041 1.634  -11.973 -8.174  3  A_DG5:DC14_D A 5  ? D 14 ? 19 1 
1 A DA 6  1_555 D DT 12 1_555 -0.120 -0.275 0.210 3.461  -8.521  5.359   4  A_DA6:DT13_D A 6  ? D 13 ? 20 1 
1 A DC 7  1_555 D DG 11 1_555 0.014  -0.293 0.207 9.224  -9.337  -3.750  5  A_DC7:DG12_D A 7  ? D 12 ? 19 1 
1 A DA 8  1_555 D DT 10 1_555 -0.305 -0.286 0.370 1.952  -9.444  -6.851  6  A_DA8:DT11_D A 8  ? D 11 ? 20 1 
1 A DC 9  1_555 D DG 9  1_555 0.701  -0.396 0.546 -3.139 -14.007 -12.667 7  A_DC9:DG10_D A 9  ? D 10 ? 19 1 
1 A DT 10 1_555 C DA 3  1_555 -0.693 -0.130 0.571 2.009  -16.282 7.086   8  A_DT10:DA2_C A 10 ? C 2  ? 20 1 
1 A DG 11 1_555 C DC 2  1_555 -0.030 -0.370 0.114 1.358  -8.466  -0.230  9  A_DG11:DC1_C A 11 ? C 1  ? 19 1 
1 A DA 12 1_555 C DT 1  1_555 0.543  -0.227 0.101 3.606  -6.926  -7.473  10 A_DA12:DT0_C A 12 ? C 0  ? 20 1 
1 B DC 1  1_555 C DG 6  1_555 -0.214 -0.137 0.254 3.091  -15.164 2.182   11 B_DC12:DG5_C B 12 ? C 5  ? 19 1 
1 B DG 2  1_555 C DC 5  1_555 0.007  -0.428 0.729 5.997  -18.631 -2.377  12 B_DG13:DC4_C B 13 ? C 4  ? 19 1 
1 B DT 3  1_555 C DA 4  1_555 -0.799 -0.152 0.336 3.240  -17.042 -8.605  13 B_DT14:DA3_C B 14 ? C 3  ? 20 1 
1 B DC 4  1_555 D DG 8  1_555 -0.427 -0.257 0.531 -1.819 -12.635 -2.932  14 B_DC15:DG9_D B 15 ? D 9  ? 19 1 
1 B DG 5  1_555 D DC 7  1_555 0.378  -0.137 0.394 5.027  -11.130 -0.202  15 B_DG16:DC8_D B 16 ? D 8  ? 19 1 
1 B DA 6  1_555 D DT 6  1_555 0.874  -0.245 0.436 1.343  -12.508 -3.198  16 B_DA17:DT7_D B 17 ? D 7  ? 20 1 
1 B DC 7  1_555 D DG 5  1_555 -0.348 -0.119 0.377 2.597  -11.087 4.537   17 B_DC18:DG6_D B 18 ? D 6  ? 19 1 
1 B DT 8  1_555 D DA 4  1_555 -0.585 -0.292 0.121 -2.811 -8.840  0.363   18 B_DT19:DA5_D B 19 ? D 5  ? 20 1 
1 B DC 9  1_555 D DG 3  1_555 0.205  -0.260 0.149 -0.152 -8.690  -2.839  19 B_DC20:DG4_D B 20 ? D 4  ? 19 1 
# 
loop_
_ndb_struct_na_base_pair_step.model_number 
_ndb_struct_na_base_pair_step.i_label_asym_id_1 
_ndb_struct_na_base_pair_step.i_label_comp_id_1 
_ndb_struct_na_base_pair_step.i_label_seq_id_1 
_ndb_struct_na_base_pair_step.i_symmetry_1 
_ndb_struct_na_base_pair_step.j_label_asym_id_1 
_ndb_struct_na_base_pair_step.j_label_comp_id_1 
_ndb_struct_na_base_pair_step.j_label_seq_id_1 
_ndb_struct_na_base_pair_step.j_symmetry_1 
_ndb_struct_na_base_pair_step.i_label_asym_id_2 
_ndb_struct_na_base_pair_step.i_label_comp_id_2 
_ndb_struct_na_base_pair_step.i_label_seq_id_2 
_ndb_struct_na_base_pair_step.i_symmetry_2 
_ndb_struct_na_base_pair_step.j_label_asym_id_2 
_ndb_struct_na_base_pair_step.j_label_comp_id_2 
_ndb_struct_na_base_pair_step.j_label_seq_id_2 
_ndb_struct_na_base_pair_step.j_symmetry_2 
_ndb_struct_na_base_pair_step.shift 
_ndb_struct_na_base_pair_step.slide 
_ndb_struct_na_base_pair_step.rise 
_ndb_struct_na_base_pair_step.tilt 
_ndb_struct_na_base_pair_step.roll 
_ndb_struct_na_base_pair_step.twist 
_ndb_struct_na_base_pair_step.x_displacement 
_ndb_struct_na_base_pair_step.y_displacement 
_ndb_struct_na_base_pair_step.helical_rise 
_ndb_struct_na_base_pair_step.inclination 
_ndb_struct_na_base_pair_step.tip 
_ndb_struct_na_base_pair_step.helical_twist 
_ndb_struct_na_base_pair_step.step_number 
_ndb_struct_na_base_pair_step.step_name 
_ndb_struct_na_base_pair_step.i_auth_asym_id_1 
_ndb_struct_na_base_pair_step.i_auth_seq_id_1 
_ndb_struct_na_base_pair_step.i_PDB_ins_code_1 
_ndb_struct_na_base_pair_step.j_auth_asym_id_1 
_ndb_struct_na_base_pair_step.j_auth_seq_id_1 
_ndb_struct_na_base_pair_step.j_PDB_ins_code_1 
_ndb_struct_na_base_pair_step.i_auth_asym_id_2 
_ndb_struct_na_base_pair_step.i_auth_seq_id_2 
_ndb_struct_na_base_pair_step.i_PDB_ins_code_2 
_ndb_struct_na_base_pair_step.j_auth_asym_id_2 
_ndb_struct_na_base_pair_step.j_auth_seq_id_2 
_ndb_struct_na_base_pair_step.j_PDB_ins_code_2 
1 A DA 3  1_555 D DT 15 1_555 A DC 4  1_555 D DG 14 1_555 0.307  -0.740 3.273 1.785  0.425  23.369 -1.966 -0.149 3.273 1.047  
-4.399 23.440 1  AA_DA3DC4:DG15DT16_DD A 3  ? D 16 ? A 4  ? D 15 ? 
1 A DC 4  1_555 D DG 14 1_555 A DG 5  1_555 D DC 13 1_555 -0.137 0.988  3.460 -0.862 2.981  44.415 1.012  0.096  3.518 3.937  
1.138  44.518 2  AA_DC4DG5:DC14DG15_DD A 4  ? D 15 ? A 5  ? D 14 ? 
1 A DG 5  1_555 D DC 13 1_555 A DA 6  1_555 D DT 12 1_555 0.083  0.098  3.249 -0.162 0.401  32.996 0.104  -0.174 3.250 0.706  
0.285  32.999 3  AA_DG5DA6:DT13DC14_DD A 5  ? D 14 ? A 6  ? D 13 ? 
1 A DA 6  1_555 D DT 12 1_555 A DC 7  1_555 D DG 11 1_555 0.031  -0.670 3.247 -1.063 0.341  33.147 -1.231 -0.232 3.238 0.598  
1.863  33.165 4  AA_DA6DC7:DG12DT13_DD A 6  ? D 13 ? A 7  ? D 12 ? 
1 A DC 7  1_555 D DG 11 1_555 A DA 8  1_555 D DT 10 1_555 -0.041 -0.848 3.354 -0.814 -4.027 36.717 -0.774 -0.050 3.425 -6.368 
1.288  36.938 5  AA_DC7DA8:DT11DG12_DD A 7  ? D 12 ? A 8  ? D 11 ? 
1 A DA 8  1_555 D DT 10 1_555 A DC 9  1_555 D DG 9  1_555 0.057  -1.143 3.439 -3.039 -1.466 42.562 -1.414 -0.400 3.463 -2.016 
4.178  42.689 6  AA_DA8DC9:DG10DT11_DD A 8  ? D 11 ? A 9  ? D 10 ? 
1 A DC 9  1_555 D DG 9  1_555 A DT 10 1_555 C DA 3  1_555 -0.668 -1.815 3.007 -2.734 6.128  17.521 -8.309 0.827  2.320 19.226 
8.576  18.753 7  AA_DC9DT10:DA2DG10_CD A 9  ? D 10 ? A 10 ? C 2  ? 
1 A DT 10 1_555 C DA 3  1_555 A DG 11 1_555 C DC 2  1_555 -0.674 0.631  3.344 -0.727 4.413  36.469 0.377  0.966  3.407 7.019  
1.156  36.733 8  AA_DT10DG11:DC1DA2_CC A 10 ? C 2  ? A 11 ? C 1  ? 
1 A DG 11 1_555 C DC 2  1_555 A DA 12 1_555 C DT 1  1_555 -0.577 0.328  3.308 -2.089 2.999  39.885 0.130  0.599  3.347 4.386  
3.055  40.045 9  AA_DG11DA12:DT0DC1_CC A 11 ? C 1  ? A 12 ? C 0  ? 
1 B DC 1  1_555 C DG 6  1_555 B DG 2  1_555 C DC 5  1_555 0.055  -0.217 3.315 -4.803 0.940  37.522 -0.457 -0.710 3.277 1.453  
7.428  37.828 10 BB_DC12DG13:DC4DG5_CC B 12 ? C 5  ? B 13 ? C 4  ? 
1 B DG 2  1_555 C DC 5  1_555 B DT 3  1_555 C DA 4  1_555 0.097  -1.140 3.377 2.114  2.607  31.251 -2.602 0.224  3.272 4.823  
-3.909 31.427 11 BB_DG13DT14:DA3DC4_CC B 13 ? C 4  ? B 14 ? C 3  ? 
1 B DT 3  1_555 C DA 4  1_555 B DC 4  1_555 D DG 8  1_555 -0.540 -1.412 3.272 -4.685 2.609  31.163 -3.072 0.129  3.191 4.812  
8.641  31.609 12 BB_DT14DC15:DG9DA3_DC B 14 ? C 3  ? B 15 ? D 9  ? 
1 B DC 4  1_555 D DG 8  1_555 B DG 5  1_555 D DC 7  1_555 -0.255 0.399  3.222 0.624  5.897  37.470 -0.136 0.472  3.241 9.110  
-0.964 37.920 13 BB_DC15DG16:DC8DG9_DD B 15 ? D 9  ? B 16 ? D 8  ? 
1 B DG 5  1_555 D DC 7  1_555 B DA 6  1_555 D DT 6  1_555 -0.220 -0.291 3.344 -1.063 5.424  37.627 -1.149 0.200  3.277 8.353  
1.638  38.016 14 BB_DG16DA17:DT7DC8_DD B 16 ? D 8  ? B 17 ? D 7  ? 
1 B DA 6  1_555 D DT 6  1_555 B DC 7  1_555 D DG 5  1_555 0.593  -1.005 3.196 -0.275 3.017  26.658 -2.913 -1.346 3.060 6.516  
0.594  26.826 15 BB_DA17DC18:DG6DT7_DD B 17 ? D 7  ? B 18 ? D 6  ? 
1 B DC 7  1_555 D DG 5  1_555 B DT 8  1_555 D DA 4  1_555 0.071  -0.402 3.406 3.712  3.191  34.350 -1.182 0.471  3.346 5.369  
-6.245 34.687 16 BB_DC18DT19:DA5DG6_DD B 18 ? D 6  ? B 19 ? D 5  ? 
1 B DT 8  1_555 D DA 4  1_555 B DC 9  1_555 D DG 3  1_555 -0.327 0.023  3.395 -0.332 3.231  40.487 -0.340 0.432  3.390 4.659  
0.479  40.612 17 BB_DT19DC20:DG4DA5_DD B 19 ? D 5  ? B 20 ? D 4  ? 
# 
loop_
_pdbx_audit_support.funding_organization 
_pdbx_audit_support.country 
_pdbx_audit_support.grant_number 
_pdbx_audit_support.ordinal 
'National Science Foundation (NSF, United States)'                                         'United States' 1360635     1 
'National Institutes of Health/National Institute of General Medical Sciences (NIH/NIGMS)' 'United States' R01GM104960 2 
'National Science Foundation (NSF, United States)'                                         'United States' NSF2004250  3 
# 
_pdbx_entity_nonpoly.entity_id   5 
_pdbx_entity_nonpoly.name        'CACODYLATE ION' 
_pdbx_entity_nonpoly.comp_id     CAC 
# 
_pdbx_initial_refinement_model.id               1 
_pdbx_initial_refinement_model.entity_id_list   ? 
_pdbx_initial_refinement_model.type             'experimental model' 
_pdbx_initial_refinement_model.source_name      PDB 
_pdbx_initial_refinement_model.accession_code   6XNA 
_pdbx_initial_refinement_model.details          ? 
# 
_pdbx_struct_assembly_auth_evidence.id                     1 
_pdbx_struct_assembly_auth_evidence.assembly_id            1 
_pdbx_struct_assembly_auth_evidence.experimental_support   none 
_pdbx_struct_assembly_auth_evidence.details                ? 
# 
